data_4XTC
#
_entry.id   4XTC
#
_cell.length_a   71.608
_cell.length_b   132.963
_cell.length_c   272.973
_cell.angle_alpha   90.00
_cell.angle_beta   90.00
_cell.angle_gamma   90.00
#
_symmetry.space_group_name_H-M   'P 21 21 21'
#
loop_
_entity.id
_entity.type
_entity.pdbx_description
1 polymer AlgM1
2 polymer AlgM2
3 polymer AlgS
4 polymer AlgQ2
5 branched 'beta-D-mannopyranuronic acid-(1-4)-beta-D-mannopyranuronic acid-(1-4)-beta-D-mannopyranuronic acid-(1-4)-beta-D-mannopyranuronic acid-(1-4)-beta-D-mannopyranuronic acid'
#
loop_
_entity_poly.entity_id
_entity_poly.type
_entity_poly.pdbx_seq_one_letter_code
_entity_poly.pdbx_strand_id
1 'polypeptide(L)'
;MERLWKDIKRDWLLYAMLLPTIIWFLIFLYKPMIGLQMAFKQYSAWKGIAGSPWIGFDHFVTLFQSEQFIRAIKNTLTLS
GLSLLFGFPMPILLALMINEVYSKGYRKAVQTIVYLPHFISIVIVAGLVVTFLSPSTGVVNNMLSWIGLDRVYFLTQPEW
FRPIYISSNIWKEAGFDSIVYLAAIMSINPALYESAQVDGATRWQMITRITLPCIVPTIAVLLVIRLGHILEVGFEYIIL
LYQPTTYETADVISTYIYRLGLQGARYDIATAAGIFNAVVALVIVLFANHMSRRITKTGVF
;
M
2 'polypeptide(L)'
;MLATPFYSRSDRIFGIVNAVLLGIFALCALYPIIYIFSMSISSGAAVTQGRVFLLPVDIDFSAYGRVLHDKLFWTSYANT
IFYTVFGVVTSLIFIVPGAYALSKPRIRGRRVFGFIIAFTMWFNAGMIPFFLNMRDLGLLDNRFGILIGFACNAFNIILM
RNYFESISASFEEAARMDGANDLQILWKVYIPLAKPALATITLLCAISRWNGYFWAMVLLRAEEKIPLQVYLKKTIVDLN
VNEEFAGALLTNSYSMETVVGAIIVMSIIPVIIVYPVVQKYFTKGVMLGGVKELEHHHHHHHHHH
;
N
3 'polypeptide(L)'
;MVASVSIQNVVKRYDKTTVVHGVSLDIEPGEFVVLVGPSGCGKSTTLRMVAGLEEISGGTIRIDGRVINDLAPKDRDVAM
VFQNYALYPHLNVRDNISFGLRLKRTKKSVIDAAVKTAADILGLQPLLERKPSDLSGGQRQRVAMGRAIVRDPKVFLFDQ
PLSNLDAKLRTQMRAEIKRLHQRLGTTVIYVTHDQVEAMTLADRIVVMRDGLIEQIGKPMDLFLHPANTFVASFIGSPPM
NLMPARIAVDSTQHVELNGGNRISLLPRAGTHLAPGQEVVFGIRPEDVTLDGVEGSERAQIKATVDIVEPLGSESILHAT
VGDHSLVVKVGGLNEVHPGDPVTLHVDLTRVHLFDAQSQASIY
;
S,T
4 'polypeptide(L)'
;MKKMMLSVAAVATLMAFAAPVATAKEATWVTDKPLTLKIHMHFRDKWVWDENWPVAKESFRLTNVKLQSVANKAATNSQE
QFNLMMASGDLPDVVGGDNLKDKFIQYGQEGAFVPLNKLIDQYAPHIKAFFKSHPEVERAIKAPDGNIYFIPYVPDGVVA
RGYFIREDWLKKLNLKPPQNIDELYTVLKAFKEKDPNGNGKADEVPFIDRHPDEVFRLVNFWGARSSGSDNYMDFYIDNG
RVKHPWAETAFRDGMKHVAQWYKEGLIDKEIFTRKARAREQMFGGNLGGFTHDWFASTMTFNEGLAKTVPGFKLIPIAPP
TNSKGQRWEEDSRQKVRPDGWAITVKNKNPVETIKFFDFYFSRPGRDISNFGVPGVTYDIKNGKAVFKDSVLKSPQPVNN
QLYDMGAQIPIGFWQDYDYERQWTTPEAQAGIDMYVKGKYVMPGFEGVNMTREERAIYDKYWADVRTYMYEMGQAWVMGT
KDVDKTWDEYQRQLKLRGLYQVLQMMQQAYDRQYKN
;
Q
#
loop_
_chem_comp.id
_chem_comp.type
_chem_comp.name
_chem_comp.formula
BEM D-saccharide, beta linking 'beta-D-mannopyranuronic acid' 'C6 H10 O7'
#
# COMPACT_ATOMS: atom_id res chain seq x y z
N GLU A 2 30.08 15.15 -26.53
CA GLU A 2 29.41 16.03 -25.59
C GLU A 2 29.37 15.43 -24.19
N ARG A 3 28.52 15.96 -23.33
CA ARG A 3 28.45 15.52 -21.94
C ARG A 3 27.77 14.15 -21.79
N LEU A 4 27.23 13.64 -22.89
CA LEU A 4 26.59 12.33 -22.90
C LEU A 4 27.52 11.25 -22.38
N TRP A 5 28.55 10.94 -23.16
CA TRP A 5 29.58 9.97 -22.77
C TRP A 5 30.20 10.37 -21.43
N LYS A 6 30.35 11.67 -21.22
CA LYS A 6 30.99 12.20 -20.02
C LYS A 6 30.30 11.75 -18.73
N ASP A 7 28.99 11.96 -18.64
CA ASP A 7 28.25 11.56 -17.45
C ASP A 7 27.94 10.06 -17.46
N ILE A 8 27.71 9.50 -18.65
CA ILE A 8 27.40 8.07 -18.78
C ILE A 8 28.55 7.21 -18.24
N LYS A 9 29.79 7.67 -18.45
CA LYS A 9 30.97 6.96 -17.96
C LYS A 9 30.90 6.71 -16.46
N ARG A 10 30.51 7.74 -15.71
CA ARG A 10 30.30 7.60 -14.27
C ARG A 10 28.94 6.98 -13.96
N ASP A 11 27.96 7.24 -14.80
CA ASP A 11 26.60 6.75 -14.55
C ASP A 11 26.43 5.31 -15.02
N TRP A 12 27.52 4.72 -15.52
CA TRP A 12 27.50 3.38 -16.10
C TRP A 12 26.77 2.36 -15.23
N LEU A 13 27.24 2.13 -14.00
CA LEU A 13 26.66 1.13 -13.10
C LEU A 13 25.19 1.38 -12.79
N LEU A 14 24.80 2.65 -12.78
CA LEU A 14 23.41 3.03 -12.60
C LEU A 14 22.58 2.53 -13.77
N TYR A 15 23.10 2.72 -14.98
CA TYR A 15 22.42 2.25 -16.18
C TYR A 15 22.46 0.73 -16.27
N ALA A 16 23.42 0.13 -15.58
CA ALA A 16 23.53 -1.32 -15.52
C ALA A 16 22.46 -1.87 -14.57
N MET A 17 22.11 -1.06 -13.58
CA MET A 17 21.02 -1.39 -12.69
C MET A 17 19.69 -1.18 -13.38
N LEU A 18 19.63 -0.16 -14.24
CA LEU A 18 18.40 0.22 -14.91
C LEU A 18 18.12 -0.67 -16.12
N LEU A 19 19.16 -1.33 -16.62
CA LEU A 19 19.06 -2.13 -17.85
C LEU A 19 18.11 -3.33 -17.75
N PRO A 20 18.28 -4.21 -16.73
CA PRO A 20 17.43 -5.40 -16.73
C PRO A 20 15.95 -5.10 -16.56
N THR A 21 15.63 -4.02 -15.84
CA THR A 21 14.24 -3.64 -15.61
C THR A 21 13.60 -3.13 -16.90
N ILE A 22 14.30 -2.21 -17.56
CA ILE A 22 13.83 -1.66 -18.84
C ILE A 22 13.65 -2.76 -19.86
N ILE A 23 14.65 -3.63 -19.97
CA ILE A 23 14.59 -4.78 -20.88
C ILE A 23 13.40 -5.66 -20.53
N TRP A 24 13.18 -5.86 -19.23
CA TRP A 24 12.04 -6.65 -18.75
C TRP A 24 10.72 -6.07 -19.26
N PHE A 25 10.58 -4.75 -19.16
CA PHE A 25 9.38 -4.08 -19.61
C PHE A 25 9.24 -4.11 -21.13
N LEU A 26 10.36 -4.05 -21.83
CA LEU A 26 10.34 -4.10 -23.30
C LEU A 26 9.92 -5.49 -23.77
N ILE A 27 10.27 -6.51 -22.98
CA ILE A 27 9.94 -7.88 -23.32
C ILE A 27 8.51 -8.25 -22.96
N PHE A 28 8.19 -8.19 -21.67
CA PHE A 28 6.92 -8.73 -21.19
C PHE A 28 5.73 -7.79 -21.34
N LEU A 29 5.97 -6.55 -21.79
CA LEU A 29 4.89 -5.56 -21.88
C LEU A 29 4.70 -5.02 -23.30
N TYR A 30 5.73 -4.38 -23.86
CA TYR A 30 5.61 -3.76 -25.17
C TYR A 30 5.60 -4.76 -26.34
N LYS A 31 6.20 -5.93 -26.13
CA LYS A 31 6.18 -6.97 -27.16
C LYS A 31 4.76 -7.52 -27.37
N PRO A 32 4.00 -7.78 -26.30
CA PRO A 32 2.59 -8.11 -26.56
C PRO A 32 1.80 -6.94 -27.12
N MET A 33 2.32 -5.71 -27.03
CA MET A 33 1.72 -4.59 -27.74
C MET A 33 2.01 -4.71 -29.23
N ILE A 34 3.21 -5.19 -29.55
CA ILE A 34 3.54 -5.51 -30.93
C ILE A 34 2.61 -6.60 -31.45
N GLY A 35 2.28 -7.54 -30.56
CA GLY A 35 1.31 -8.58 -30.89
C GLY A 35 -0.10 -8.05 -30.86
N LEU A 36 -0.29 -6.88 -30.28
CA LEU A 36 -1.59 -6.21 -30.24
C LEU A 36 -1.86 -5.53 -31.56
N GLN A 37 -0.79 -4.98 -32.15
CA GLN A 37 -0.89 -4.40 -33.49
C GLN A 37 -1.09 -5.52 -34.51
N MET A 38 -0.59 -6.71 -34.18
CA MET A 38 -0.93 -7.92 -34.93
C MET A 38 -2.21 -8.50 -34.34
N ALA A 39 -2.69 -9.58 -34.95
CA ALA A 39 -3.95 -10.25 -34.53
C ALA A 39 -5.15 -9.33 -34.74
N PHE A 40 -4.88 -8.08 -35.10
CA PHE A 40 -5.87 -7.06 -35.37
C PHE A 40 -6.39 -7.25 -36.81
N LYS A 41 -5.64 -8.01 -37.59
CA LYS A 41 -5.94 -8.22 -38.99
C LYS A 41 -6.58 -9.58 -39.25
N GLN A 42 -5.78 -10.64 -39.19
CA GLN A 42 -6.24 -12.00 -39.40
C GLN A 42 -7.05 -12.46 -38.18
N TYR A 43 -7.99 -13.39 -38.35
CA TYR A 43 -8.24 -14.06 -39.63
C TYR A 43 -9.62 -13.70 -40.17
N ILE A 55 -6.33 -9.04 -42.51
CA ILE A 55 -6.76 -7.66 -42.70
C ILE A 55 -8.19 -7.61 -43.26
N GLY A 56 -9.07 -6.93 -42.55
CA GLY A 56 -8.76 -6.27 -41.30
C GLY A 56 -9.76 -5.16 -41.00
N PHE A 57 -9.67 -4.58 -39.80
CA PHE A 57 -10.59 -3.54 -39.36
C PHE A 57 -12.05 -3.96 -39.54
N ASP A 58 -12.33 -5.24 -39.31
CA ASP A 58 -13.62 -5.82 -39.64
C ASP A 58 -14.38 -6.33 -38.42
N HIS A 59 -13.79 -7.29 -37.72
CA HIS A 59 -14.46 -8.01 -36.64
C HIS A 59 -14.96 -7.12 -35.50
N PHE A 60 -14.53 -5.87 -35.47
CA PHE A 60 -15.10 -4.89 -34.54
C PHE A 60 -16.60 -4.76 -34.79
N VAL A 61 -16.99 -4.76 -36.05
CA VAL A 61 -18.39 -4.72 -36.43
C VAL A 61 -19.11 -5.95 -35.89
N THR A 62 -18.42 -7.08 -35.93
CA THR A 62 -18.95 -8.32 -35.37
C THR A 62 -19.15 -8.17 -33.86
N LEU A 63 -18.24 -7.42 -33.23
CA LEU A 63 -18.35 -7.15 -31.79
C LEU A 63 -19.56 -6.30 -31.48
N PHE A 64 -19.75 -5.21 -32.23
CA PHE A 64 -20.84 -4.27 -31.94
C PHE A 64 -22.21 -4.81 -32.35
N GLN A 65 -22.24 -5.70 -33.33
CA GLN A 65 -23.51 -6.23 -33.82
C GLN A 65 -23.96 -7.50 -33.11
N SER A 66 -23.07 -8.05 -32.27
CA SER A 66 -23.40 -9.27 -31.53
C SER A 66 -24.15 -8.94 -30.24
N GLU A 67 -25.19 -9.72 -29.96
CA GLU A 67 -26.00 -9.50 -28.76
C GLU A 67 -25.24 -9.91 -27.50
N GLN A 68 -24.23 -10.77 -27.65
CA GLN A 68 -23.43 -11.22 -26.53
C GLN A 68 -22.52 -10.12 -25.99
N PHE A 69 -21.74 -9.53 -26.90
CA PHE A 69 -20.73 -8.54 -26.52
C PHE A 69 -21.35 -7.22 -26.07
N ILE A 70 -22.52 -6.89 -26.61
CA ILE A 70 -23.17 -5.63 -26.23
C ILE A 70 -23.69 -5.72 -24.80
N ARG A 71 -24.14 -6.90 -24.39
CA ARG A 71 -24.57 -7.11 -23.02
C ARG A 71 -23.35 -7.27 -22.12
N ALA A 72 -22.25 -7.75 -22.71
CA ALA A 72 -20.99 -7.85 -21.99
C ALA A 72 -20.49 -6.46 -21.58
N ILE A 73 -20.44 -5.54 -22.53
CA ILE A 73 -20.00 -4.17 -22.25
C ILE A 73 -21.07 -3.43 -21.42
N LYS A 74 -22.34 -3.79 -21.64
CA LYS A 74 -23.43 -3.27 -20.82
C LYS A 74 -23.20 -3.55 -19.33
N ASN A 75 -23.01 -4.82 -19.02
CA ASN A 75 -22.78 -5.24 -17.63
C ASN A 75 -21.41 -4.82 -17.14
N THR A 76 -20.50 -4.54 -18.07
CA THR A 76 -19.20 -3.99 -17.71
C THR A 76 -19.37 -2.58 -17.16
N LEU A 77 -20.16 -1.79 -17.87
CA LEU A 77 -20.49 -0.42 -17.44
C LEU A 77 -21.26 -0.45 -16.13
N THR A 78 -22.25 -1.34 -16.04
CA THR A 78 -23.07 -1.48 -14.84
C THR A 78 -22.22 -1.83 -13.62
N LEU A 79 -21.39 -2.86 -13.76
CA LEU A 79 -20.52 -3.30 -12.69
C LEU A 79 -19.50 -2.22 -12.32
N SER A 80 -19.09 -1.45 -13.31
CA SER A 80 -18.18 -0.33 -13.07
C SER A 80 -18.86 0.70 -12.18
N GLY A 81 -20.08 1.08 -12.53
CA GLY A 81 -20.84 2.03 -11.76
C GLY A 81 -21.13 1.57 -10.34
N LEU A 82 -21.52 0.31 -10.21
CA LEU A 82 -21.83 -0.27 -8.89
C LEU A 82 -20.58 -0.33 -8.00
N SER A 83 -19.50 -0.88 -8.55
CA SER A 83 -18.25 -1.01 -7.81
C SER A 83 -17.67 0.34 -7.44
N LEU A 84 -17.92 1.34 -8.28
CA LEU A 84 -17.42 2.68 -8.03
C LEU A 84 -18.24 3.39 -6.96
N LEU A 85 -19.56 3.24 -7.03
CA LEU A 85 -20.46 3.91 -6.10
C LEU A 85 -20.42 3.30 -4.70
N PHE A 86 -20.61 1.98 -4.62
CA PHE A 86 -20.61 1.29 -3.33
C PHE A 86 -19.21 0.93 -2.83
N GLY A 87 -18.36 0.46 -3.72
CA GLY A 87 -17.07 -0.10 -3.32
C GLY A 87 -16.01 0.92 -2.94
N PHE A 88 -15.91 1.99 -3.70
CA PHE A 88 -14.85 2.99 -3.49
C PHE A 88 -14.93 3.79 -2.18
N PRO A 89 -16.13 4.29 -1.80
CA PRO A 89 -16.18 5.09 -0.57
C PRO A 89 -15.96 4.29 0.71
N MET A 90 -16.27 2.99 0.68
CA MET A 90 -16.25 2.17 1.90
C MET A 90 -14.90 2.14 2.64
N PRO A 91 -13.76 2.05 1.91
CA PRO A 91 -12.49 2.13 2.64
C PRO A 91 -12.29 3.47 3.35
N ILE A 92 -12.69 4.56 2.71
CA ILE A 92 -12.59 5.89 3.31
C ILE A 92 -13.42 5.95 4.59
N LEU A 93 -14.66 5.46 4.49
CA LEU A 93 -15.58 5.43 5.62
C LEU A 93 -14.99 4.61 6.76
N LEU A 94 -14.47 3.44 6.44
CA LEU A 94 -13.83 2.57 7.43
C LEU A 94 -12.68 3.29 8.13
N ALA A 95 -11.85 3.97 7.33
CA ALA A 95 -10.71 4.71 7.87
C ALA A 95 -11.17 5.80 8.83
N LEU A 96 -12.23 6.50 8.44
CA LEU A 96 -12.80 7.56 9.29
C LEU A 96 -13.33 7.00 10.60
N MET A 97 -14.03 5.87 10.52
CA MET A 97 -14.59 5.24 11.71
C MET A 97 -13.50 4.76 12.66
N ILE A 98 -12.48 4.11 12.11
CA ILE A 98 -11.35 3.62 12.90
C ILE A 98 -10.59 4.78 13.54
N ASN A 99 -10.46 5.88 12.80
CA ASN A 99 -9.75 7.06 13.28
C ASN A 99 -10.40 7.66 14.53
N GLU A 100 -11.72 7.48 14.66
CA GLU A 100 -12.46 8.05 15.78
C GLU A 100 -12.46 7.14 17.01
N VAL A 101 -11.76 6.01 16.91
CA VAL A 101 -11.79 5.02 17.99
C VAL A 101 -10.63 5.19 18.98
N TYR A 102 -10.98 5.39 20.25
CA TYR A 102 -9.99 5.42 21.33
C TYR A 102 -9.80 3.99 21.86
N SER A 103 -9.13 3.85 23.00
CA SER A 103 -8.85 2.52 23.56
C SER A 103 -8.05 1.69 22.56
N LYS A 104 -6.78 2.03 22.42
CA LYS A 104 -5.90 1.53 21.36
C LYS A 104 -5.96 0.02 21.14
N GLY A 105 -6.20 -0.74 22.21
CA GLY A 105 -6.33 -2.18 22.10
C GLY A 105 -7.52 -2.61 21.25
N TYR A 106 -8.68 -2.02 21.52
CA TYR A 106 -9.89 -2.32 20.77
C TYR A 106 -9.74 -1.93 19.30
N ARG A 107 -9.20 -0.75 19.07
CA ARG A 107 -8.95 -0.26 17.72
C ARG A 107 -7.97 -1.18 16.99
N LYS A 108 -7.00 -1.70 17.73
CA LYS A 108 -6.05 -2.66 17.20
C LYS A 108 -6.74 -3.95 16.75
N ALA A 109 -7.60 -4.46 17.62
CA ALA A 109 -8.36 -5.68 17.31
C ALA A 109 -9.21 -5.47 16.06
N VAL A 110 -9.91 -4.35 16.01
CA VAL A 110 -10.72 -3.99 14.86
C VAL A 110 -9.87 -3.96 13.59
N GLN A 111 -8.71 -3.32 13.68
CA GLN A 111 -7.80 -3.24 12.54
C GLN A 111 -7.37 -4.62 12.07
N THR A 112 -7.02 -5.51 13.01
CA THR A 112 -6.64 -6.87 12.67
C THR A 112 -7.76 -7.58 11.91
N ILE A 113 -8.94 -7.60 12.52
CA ILE A 113 -10.09 -8.29 11.95
C ILE A 113 -10.46 -7.77 10.57
N VAL A 114 -10.52 -6.46 10.42
CA VAL A 114 -10.97 -5.85 9.17
C VAL A 114 -9.91 -5.93 8.07
N TYR A 115 -8.63 -5.84 8.44
CA TYR A 115 -7.56 -5.92 7.46
C TYR A 115 -7.28 -7.37 7.05
N LEU A 116 -7.73 -8.32 7.88
CA LEU A 116 -7.46 -9.73 7.64
C LEU A 116 -7.95 -10.31 6.30
N PRO A 117 -9.22 -10.07 5.91
CA PRO A 117 -9.74 -10.77 4.72
C PRO A 117 -8.99 -10.48 3.42
N HIS A 118 -8.19 -9.42 3.38
CA HIS A 118 -7.41 -9.08 2.20
C HIS A 118 -6.41 -10.19 1.84
N PHE A 119 -5.90 -10.85 2.86
CA PHE A 119 -4.89 -11.88 2.67
C PHE A 119 -5.51 -13.21 2.22
N ILE A 120 -6.85 -13.28 2.28
CA ILE A 120 -7.57 -14.46 1.80
C ILE A 120 -7.57 -14.47 0.27
N SER A 121 -7.26 -15.62 -0.31
CA SER A 121 -7.21 -15.76 -1.76
C SER A 121 -8.59 -15.56 -2.40
N ILE A 122 -8.58 -15.15 -3.66
CA ILE A 122 -9.83 -14.87 -4.36
C ILE A 122 -10.64 -16.15 -4.61
N VAL A 123 -9.95 -17.25 -4.89
CA VAL A 123 -10.62 -18.53 -5.10
C VAL A 123 -11.20 -19.04 -3.79
N ILE A 124 -10.56 -18.69 -2.69
CA ILE A 124 -11.03 -19.09 -1.37
C ILE A 124 -12.24 -18.25 -0.97
N VAL A 125 -12.20 -16.97 -1.33
CA VAL A 125 -13.34 -16.08 -1.10
C VAL A 125 -14.55 -16.57 -1.90
N ALA A 126 -14.33 -16.89 -3.17
CA ALA A 126 -15.38 -17.41 -4.03
C ALA A 126 -15.92 -18.73 -3.50
N GLY A 127 -15.01 -19.55 -2.99
CA GLY A 127 -15.40 -20.82 -2.38
C GLY A 127 -16.26 -20.61 -1.16
N LEU A 128 -15.95 -19.55 -0.41
CA LEU A 128 -16.74 -19.17 0.74
C LEU A 128 -18.12 -18.72 0.30
N VAL A 129 -18.18 -18.03 -0.84
CA VAL A 129 -19.44 -17.57 -1.39
C VAL A 129 -20.33 -18.75 -1.78
N VAL A 130 -19.76 -19.71 -2.51
CA VAL A 130 -20.53 -20.86 -2.99
C VAL A 130 -20.89 -21.80 -1.83
N THR A 131 -20.06 -21.83 -0.79
CA THR A 131 -20.32 -22.68 0.37
C THR A 131 -21.41 -22.09 1.26
N PHE A 132 -21.32 -20.80 1.54
CA PHE A 132 -22.29 -20.12 2.39
C PHE A 132 -23.68 -20.09 1.75
N LEU A 133 -23.70 -19.97 0.43
CA LEU A 133 -24.95 -19.73 -0.30
C LEU A 133 -25.57 -21.01 -0.86
N SER A 134 -24.95 -22.15 -0.59
CA SER A 134 -25.46 -23.43 -1.07
C SER A 134 -26.78 -23.78 -0.38
N PRO A 135 -27.83 -24.00 -1.18
CA PRO A 135 -29.18 -24.33 -0.67
C PRO A 135 -29.20 -25.61 0.15
N SER A 136 -30.01 -25.64 1.20
CA SER A 136 -30.20 -26.81 2.06
C SER A 136 -28.93 -27.18 2.84
N THR A 137 -27.84 -26.47 2.58
CA THR A 137 -26.56 -26.77 3.20
C THR A 137 -25.95 -25.53 3.84
N GLY A 138 -25.65 -24.53 3.01
CA GLY A 138 -25.00 -23.31 3.43
C GLY A 138 -25.62 -22.61 4.63
N VAL A 139 -24.77 -22.03 5.46
CA VAL A 139 -25.18 -21.34 6.68
C VAL A 139 -26.19 -20.23 6.43
N VAL A 140 -26.03 -19.51 5.33
CA VAL A 140 -26.89 -18.37 5.02
C VAL A 140 -28.36 -18.75 4.93
N ASN A 141 -28.67 -19.73 4.08
CA ASN A 141 -30.04 -20.21 3.91
C ASN A 141 -30.59 -20.82 5.20
N ASN A 142 -29.70 -21.35 6.04
CA ASN A 142 -30.10 -21.89 7.33
C ASN A 142 -30.51 -20.79 8.30
N MET A 143 -29.77 -19.69 8.28
CA MET A 143 -30.08 -18.53 9.11
C MET A 143 -31.34 -17.84 8.59
N LEU A 144 -31.59 -17.99 7.29
CA LEU A 144 -32.82 -17.49 6.69
C LEU A 144 -33.99 -18.38 7.08
N SER A 145 -33.71 -19.66 7.30
CA SER A 145 -34.72 -20.63 7.70
C SER A 145 -35.05 -20.53 9.18
N TRP A 146 -34.08 -20.10 9.97
CA TRP A 146 -34.29 -19.95 11.41
C TRP A 146 -35.25 -18.80 11.71
N ILE A 147 -35.12 -17.73 10.94
CA ILE A 147 -36.05 -16.61 11.01
C ILE A 147 -37.34 -17.02 10.29
N GLY A 148 -37.24 -18.07 9.49
CA GLY A 148 -38.38 -18.63 8.80
C GLY A 148 -38.81 -17.83 7.59
N LEU A 149 -37.86 -17.39 6.78
CA LEU A 149 -38.20 -16.70 5.54
C LEU A 149 -37.66 -17.43 4.31
N ASP A 150 -38.56 -18.07 3.57
CA ASP A 150 -38.27 -18.69 2.27
C ASP A 150 -37.02 -19.55 2.25
N ARG A 151 -36.27 -19.40 1.14
CA ARG A 151 -34.94 -19.98 0.94
C ARG A 151 -34.51 -19.58 -0.47
N VAL A 152 -33.22 -19.59 -0.75
CA VAL A 152 -32.73 -19.07 -2.03
C VAL A 152 -31.53 -19.85 -2.57
N TYR A 153 -31.56 -20.16 -3.87
CA TYR A 153 -30.35 -20.58 -4.57
C TYR A 153 -29.77 -19.31 -5.20
N PHE A 154 -28.66 -18.84 -4.63
CA PHE A 154 -28.13 -17.52 -4.99
C PHE A 154 -27.34 -17.49 -6.28
N LEU A 155 -26.43 -18.44 -6.45
CA LEU A 155 -25.50 -18.41 -7.58
C LEU A 155 -26.15 -18.79 -8.90
N THR A 156 -27.33 -19.40 -8.82
CA THR A 156 -28.07 -19.75 -10.03
C THR A 156 -29.00 -18.60 -10.43
N GLN A 157 -29.15 -17.63 -9.54
CA GLN A 157 -29.99 -16.47 -9.80
C GLN A 157 -29.15 -15.25 -10.20
N PRO A 158 -29.42 -14.72 -11.39
CA PRO A 158 -28.69 -13.56 -11.93
C PRO A 158 -28.90 -12.31 -11.09
N GLU A 159 -30.13 -12.12 -10.63
CA GLU A 159 -30.53 -10.93 -9.86
C GLU A 159 -29.64 -10.70 -8.63
N TRP A 160 -29.13 -11.78 -8.06
CA TRP A 160 -28.32 -11.69 -6.85
C TRP A 160 -26.83 -11.57 -7.12
N PHE A 161 -26.41 -11.72 -8.37
CA PHE A 161 -24.98 -11.80 -8.69
C PHE A 161 -24.20 -10.56 -8.24
N ARG A 162 -24.62 -9.38 -8.69
CA ARG A 162 -23.93 -8.15 -8.34
C ARG A 162 -23.96 -7.82 -6.84
N PRO A 163 -25.14 -7.90 -6.18
CA PRO A 163 -25.13 -7.59 -4.74
C PRO A 163 -24.23 -8.52 -3.94
N ILE A 164 -24.15 -9.78 -4.33
CA ILE A 164 -23.23 -10.72 -3.70
C ILE A 164 -21.79 -10.28 -3.88
N TYR A 165 -21.39 -10.13 -5.14
CA TYR A 165 -20.02 -9.79 -5.51
C TYR A 165 -19.45 -8.66 -4.67
N ILE A 166 -20.01 -7.46 -4.84
CA ILE A 166 -19.53 -6.28 -4.13
C ILE A 166 -19.48 -6.53 -2.63
N SER A 167 -20.49 -7.26 -2.10
CA SER A 167 -20.50 -7.56 -0.68
C SER A 167 -19.21 -8.29 -0.32
N SER A 168 -18.96 -9.40 -1.00
CA SER A 168 -17.74 -10.16 -0.80
C SER A 168 -16.54 -9.22 -0.96
N ASN A 169 -16.61 -8.36 -1.97
CA ASN A 169 -15.53 -7.42 -2.23
C ASN A 169 -15.31 -6.53 -1.01
N ILE A 170 -16.38 -5.93 -0.50
CA ILE A 170 -16.23 -5.01 0.63
C ILE A 170 -15.95 -5.80 1.90
N TRP A 171 -16.05 -7.12 1.82
CA TRP A 171 -15.58 -7.94 2.93
C TRP A 171 -14.07 -8.13 2.83
N LYS A 172 -13.60 -8.38 1.61
CA LYS A 172 -12.19 -8.71 1.40
C LYS A 172 -11.25 -7.50 1.35
N GLU A 173 -11.61 -6.51 0.54
CA GLU A 173 -10.69 -5.41 0.24
C GLU A 173 -10.94 -4.10 1.01
N ALA A 174 -11.96 -4.05 1.85
CA ALA A 174 -12.33 -2.80 2.50
C ALA A 174 -11.25 -2.25 3.43
N GLY A 175 -10.82 -3.08 4.37
CA GLY A 175 -9.85 -2.67 5.37
C GLY A 175 -8.49 -2.33 4.80
N PHE A 176 -7.98 -3.21 3.95
CA PHE A 176 -6.66 -3.03 3.36
C PHE A 176 -6.59 -1.74 2.55
N ASP A 177 -7.71 -1.40 1.90
CA ASP A 177 -7.79 -0.14 1.17
C ASP A 177 -8.02 1.02 2.13
N SER A 178 -8.55 0.71 3.32
CA SER A 178 -8.77 1.73 4.34
C SER A 178 -7.46 2.10 5.02
N ILE A 179 -6.47 1.24 4.90
CA ILE A 179 -5.15 1.48 5.49
C ILE A 179 -4.51 2.76 4.94
N VAL A 180 -4.58 2.92 3.62
CA VAL A 180 -4.00 4.09 2.96
C VAL A 180 -4.64 5.39 3.45
N TYR A 181 -5.97 5.42 3.47
CA TYR A 181 -6.70 6.61 3.92
C TYR A 181 -6.44 6.90 5.39
N LEU A 182 -6.37 5.84 6.19
CA LEU A 182 -6.08 5.97 7.62
C LEU A 182 -4.69 6.57 7.83
N ALA A 183 -3.75 6.16 6.97
CA ALA A 183 -2.40 6.70 7.01
C ALA A 183 -2.38 8.15 6.52
N ALA A 184 -3.35 8.48 5.66
CA ALA A 184 -3.43 9.81 5.07
C ALA A 184 -4.00 10.82 6.06
N ILE A 185 -4.93 10.38 6.89
CA ILE A 185 -5.53 11.27 7.89
C ILE A 185 -4.72 11.30 9.17
N MET A 186 -3.76 10.39 9.30
CA MET A 186 -2.85 10.40 10.44
C MET A 186 -1.63 11.25 10.14
N SER A 187 -1.49 11.68 8.89
CA SER A 187 -0.38 12.52 8.48
C SER A 187 -0.71 14.00 8.70
N ILE A 188 -1.90 14.26 9.22
CA ILE A 188 -2.34 15.62 9.49
C ILE A 188 -1.87 16.08 10.86
N ASN A 189 -1.24 17.25 10.92
CA ASN A 189 -0.76 17.79 12.19
C ASN A 189 -1.91 18.13 13.13
N PRO A 190 -1.81 17.68 14.38
CA PRO A 190 -2.85 17.80 15.41
C PRO A 190 -3.38 19.22 15.61
N ALA A 191 -2.55 20.22 15.32
CA ALA A 191 -2.92 21.62 15.54
C ALA A 191 -4.22 22.00 14.83
N LEU A 192 -4.40 21.49 13.62
CA LEU A 192 -5.59 21.76 12.82
C LEU A 192 -6.85 21.30 13.55
N TYR A 193 -6.75 20.17 14.23
CA TYR A 193 -7.87 19.63 15.00
C TYR A 193 -8.07 20.35 16.34
N GLU A 194 -6.96 20.58 17.04
CA GLU A 194 -7.00 21.15 18.38
C GLU A 194 -7.51 22.59 18.38
N SER A 195 -7.08 23.37 17.38
CA SER A 195 -7.56 24.74 17.26
C SER A 195 -9.07 24.76 17.00
N ALA A 196 -9.54 23.78 16.24
CA ALA A 196 -10.96 23.63 15.97
C ALA A 196 -11.70 23.19 17.23
N GLN A 197 -11.00 22.47 18.10
CA GLN A 197 -11.56 22.06 19.39
C GLN A 197 -11.74 23.27 20.29
N VAL A 198 -10.77 24.17 20.26
CA VAL A 198 -10.86 25.43 21.00
C VAL A 198 -12.09 26.22 20.54
N ASP A 199 -12.34 26.19 19.23
CA ASP A 199 -13.50 26.86 18.67
C ASP A 199 -14.77 26.05 18.89
N GLY A 200 -14.62 24.85 19.42
CA GLY A 200 -15.75 23.99 19.72
C GLY A 200 -16.41 23.36 18.52
N ALA A 201 -15.60 22.74 17.66
CA ALA A 201 -16.11 22.04 16.49
C ALA A 201 -16.57 20.63 16.86
N THR A 202 -17.68 20.20 16.26
CA THR A 202 -18.23 18.87 16.50
C THR A 202 -17.37 17.81 15.82
N ARG A 203 -17.48 16.56 16.27
CA ARG A 203 -16.81 15.44 15.63
C ARG A 203 -17.14 15.38 14.15
N TRP A 204 -18.43 15.43 13.85
CA TRP A 204 -18.90 15.40 12.47
C TRP A 204 -18.46 16.67 11.75
N GLN A 205 -18.49 17.79 12.47
CA GLN A 205 -18.01 19.06 11.93
C GLN A 205 -16.53 18.95 11.56
N MET A 206 -15.78 18.19 12.35
CA MET A 206 -14.36 18.03 12.08
C MET A 206 -14.11 17.08 10.90
N ILE A 207 -14.79 15.94 10.87
CA ILE A 207 -14.56 15.00 9.77
C ILE A 207 -15.01 15.61 8.44
N THR A 208 -16.04 16.46 8.48
CA THR A 208 -16.52 17.09 7.26
C THR A 208 -15.73 18.34 6.83
N ARG A 209 -15.43 19.22 7.78
CA ARG A 209 -14.83 20.52 7.44
C ARG A 209 -13.32 20.51 7.21
N ILE A 210 -12.61 19.58 7.85
CA ILE A 210 -11.15 19.58 7.74
C ILE A 210 -10.60 18.23 7.26
N THR A 211 -10.85 17.16 8.00
CA THR A 211 -10.31 15.83 7.68
C THR A 211 -10.50 15.43 6.21
N LEU A 212 -11.74 15.49 5.73
CA LEU A 212 -12.05 15.08 4.37
C LEU A 212 -11.39 15.97 3.30
N PRO A 213 -11.53 17.31 3.41
CA PRO A 213 -10.81 18.12 2.40
C PRO A 213 -9.29 18.02 2.53
N CYS A 214 -8.81 17.56 3.67
CA CYS A 214 -7.37 17.32 3.84
C CYS A 214 -6.95 16.02 3.15
N ILE A 215 -7.86 15.04 3.14
CA ILE A 215 -7.55 13.75 2.54
C ILE A 215 -7.96 13.68 1.06
N VAL A 216 -8.59 14.76 0.58
CA VAL A 216 -9.11 14.81 -0.80
C VAL A 216 -8.09 14.44 -1.90
N PRO A 217 -6.85 14.98 -1.85
CA PRO A 217 -5.93 14.61 -2.95
C PRO A 217 -5.59 13.12 -2.97
N THR A 218 -5.48 12.51 -1.80
CA THR A 218 -5.19 11.08 -1.70
C THR A 218 -6.32 10.26 -2.32
N ILE A 219 -7.56 10.57 -1.95
CA ILE A 219 -8.70 9.83 -2.47
C ILE A 219 -8.89 10.13 -3.96
N ALA A 220 -8.36 11.26 -4.42
CA ALA A 220 -8.46 11.63 -5.82
C ALA A 220 -7.48 10.82 -6.66
N VAL A 221 -6.25 10.72 -6.19
CA VAL A 221 -5.24 9.89 -6.85
C VAL A 221 -5.69 8.43 -6.85
N LEU A 222 -6.16 7.96 -5.70
CA LEU A 222 -6.68 6.60 -5.61
C LEU A 222 -7.93 6.41 -6.47
N LEU A 223 -8.64 7.50 -6.75
CA LEU A 223 -9.82 7.43 -7.59
C LEU A 223 -9.43 7.28 -9.06
N VAL A 224 -8.44 8.06 -9.51
CA VAL A 224 -8.01 7.96 -10.90
C VAL A 224 -7.21 6.67 -11.11
N ILE A 225 -6.75 6.06 -10.02
CA ILE A 225 -6.18 4.73 -10.10
C ILE A 225 -7.31 3.70 -10.20
N ARG A 226 -8.37 3.92 -9.42
CA ARG A 226 -9.56 3.08 -9.49
C ARG A 226 -10.23 3.20 -10.85
N LEU A 227 -10.32 4.43 -11.35
CA LEU A 227 -10.86 4.68 -12.69
C LEU A 227 -9.84 4.30 -13.75
N GLY A 228 -8.63 3.97 -13.32
CA GLY A 228 -7.57 3.58 -14.21
C GLY A 228 -7.94 2.41 -15.10
N HIS A 229 -8.71 1.48 -14.56
CA HIS A 229 -9.22 0.38 -15.35
C HIS A 229 -10.75 0.36 -15.33
N ILE A 230 -11.30 -0.16 -14.22
CA ILE A 230 -12.73 -0.18 -13.92
C ILE A 230 -13.56 -1.00 -14.92
N LEU A 231 -12.95 -1.31 -16.06
CA LEU A 231 -13.56 -2.19 -17.04
C LEU A 231 -13.26 -3.64 -16.69
N GLU A 232 -12.14 -3.84 -16.00
CA GLU A 232 -11.67 -5.17 -15.62
C GLU A 232 -12.12 -5.58 -14.23
N VAL A 233 -12.97 -4.74 -13.62
CA VAL A 233 -13.43 -4.94 -12.24
C VAL A 233 -14.04 -6.32 -12.02
N GLY A 234 -13.56 -7.00 -10.98
CA GLY A 234 -14.10 -8.29 -10.57
C GLY A 234 -14.01 -9.38 -11.62
N PHE A 235 -13.01 -9.27 -12.51
CA PHE A 235 -12.83 -10.24 -13.59
C PHE A 235 -12.58 -11.65 -13.05
N GLU A 236 -11.61 -11.77 -12.15
CA GLU A 236 -11.22 -13.06 -11.62
C GLU A 236 -12.29 -13.69 -10.73
N TYR A 237 -13.17 -12.84 -10.19
CA TYR A 237 -14.31 -13.31 -9.42
C TYR A 237 -15.40 -13.82 -10.36
N ILE A 238 -15.69 -13.04 -11.39
CA ILE A 238 -16.73 -13.37 -12.36
C ILE A 238 -16.43 -14.65 -13.11
N ILE A 239 -15.22 -14.74 -13.68
CA ILE A 239 -14.78 -15.92 -14.41
C ILE A 239 -14.89 -17.18 -13.55
N LEU A 240 -14.88 -16.98 -12.24
CA LEU A 240 -14.99 -18.07 -11.29
C LEU A 240 -16.44 -18.46 -11.02
N LEU A 241 -17.22 -17.54 -10.47
CA LEU A 241 -18.54 -17.87 -9.94
C LEU A 241 -19.73 -17.68 -10.88
N TYR A 242 -19.50 -17.31 -12.13
CA TYR A 242 -20.64 -17.04 -13.02
C TYR A 242 -21.28 -18.33 -13.56
N GLN A 243 -22.56 -18.49 -13.28
CA GLN A 243 -23.32 -19.66 -13.73
C GLN A 243 -23.93 -19.40 -15.10
N PRO A 244 -24.19 -20.47 -15.87
CA PRO A 244 -24.82 -20.36 -17.19
C PRO A 244 -26.13 -19.57 -17.17
N THR A 245 -26.88 -19.68 -16.08
CA THR A 245 -28.12 -18.93 -15.94
C THR A 245 -27.84 -17.46 -15.63
N THR A 246 -26.71 -17.22 -14.97
CA THR A 246 -26.32 -15.86 -14.60
C THR A 246 -25.36 -15.25 -15.61
N TYR A 247 -25.08 -15.98 -16.69
CA TYR A 247 -24.17 -15.52 -17.74
C TYR A 247 -24.54 -14.15 -18.30
N GLU A 248 -25.84 -13.85 -18.27
CA GLU A 248 -26.34 -12.60 -18.84
C GLU A 248 -25.85 -11.37 -18.10
N THR A 249 -26.10 -11.31 -16.79
CA THR A 249 -25.72 -10.13 -16.00
C THR A 249 -24.26 -10.16 -15.53
N ALA A 250 -23.67 -11.35 -15.48
CA ALA A 250 -22.33 -11.51 -14.93
C ALA A 250 -21.22 -11.19 -15.94
N ASP A 251 -21.55 -11.26 -17.22
CA ASP A 251 -20.54 -11.15 -18.27
C ASP A 251 -19.95 -9.74 -18.36
N VAL A 252 -18.64 -9.67 -18.49
CA VAL A 252 -17.92 -8.41 -18.60
C VAL A 252 -16.94 -8.53 -19.78
N ILE A 253 -16.58 -7.40 -20.39
CA ILE A 253 -15.69 -7.38 -21.55
C ILE A 253 -14.46 -8.25 -21.35
N SER A 254 -13.85 -8.17 -20.17
CA SER A 254 -12.69 -9.00 -19.84
C SER A 254 -13.05 -10.48 -19.86
N THR A 255 -14.23 -10.81 -19.33
CA THR A 255 -14.71 -12.19 -19.30
C THR A 255 -14.98 -12.69 -20.72
N TYR A 256 -15.48 -11.80 -21.56
CA TYR A 256 -15.74 -12.09 -22.97
C TYR A 256 -14.43 -12.40 -23.69
N ILE A 257 -13.46 -11.50 -23.53
CA ILE A 257 -12.13 -11.63 -24.12
C ILE A 257 -11.47 -12.94 -23.67
N TYR A 258 -11.64 -13.29 -22.40
CA TYR A 258 -11.11 -14.54 -21.89
C TYR A 258 -11.78 -15.74 -22.53
N ARG A 259 -13.11 -15.78 -22.46
CA ARG A 259 -13.88 -16.93 -22.90
C ARG A 259 -13.70 -17.22 -24.39
N LEU A 260 -13.70 -16.17 -25.21
CA LEU A 260 -13.48 -16.37 -26.63
C LEU A 260 -12.00 -16.59 -26.95
N GLY A 261 -11.15 -15.72 -26.41
CA GLY A 261 -9.73 -15.78 -26.70
C GLY A 261 -8.96 -16.96 -26.15
N LEU A 262 -8.99 -17.13 -24.83
CA LEU A 262 -8.23 -18.21 -24.20
C LEU A 262 -8.93 -19.56 -24.31
N GLN A 263 -10.22 -19.59 -23.99
CA GLN A 263 -10.99 -20.82 -24.03
C GLN A 263 -11.37 -21.20 -25.46
N GLY A 264 -12.19 -20.36 -26.09
CA GLY A 264 -12.66 -20.60 -27.44
C GLY A 264 -11.57 -20.53 -28.49
N ALA A 265 -10.38 -20.11 -28.07
CA ALA A 265 -9.19 -20.06 -28.93
C ALA A 265 -9.36 -19.15 -30.13
N ARG A 266 -10.17 -18.10 -29.99
CA ARG A 266 -10.28 -17.09 -31.04
C ARG A 266 -9.47 -15.86 -30.63
N TYR A 267 -8.32 -15.68 -31.27
CA TYR A 267 -7.40 -14.62 -30.89
C TYR A 267 -7.75 -13.27 -31.51
N ASP A 268 -8.25 -13.28 -32.74
CA ASP A 268 -8.55 -12.06 -33.48
C ASP A 268 -9.53 -11.12 -32.76
N ILE A 269 -10.77 -11.57 -32.63
CA ILE A 269 -11.84 -10.77 -32.06
C ILE A 269 -11.56 -10.42 -30.60
N ALA A 270 -10.88 -11.33 -29.88
CA ALA A 270 -10.53 -11.11 -28.49
C ALA A 270 -9.48 -10.01 -28.37
N THR A 271 -8.51 -10.02 -29.28
CA THR A 271 -7.48 -8.99 -29.31
C THR A 271 -8.11 -7.65 -29.67
N ALA A 272 -9.08 -7.68 -30.58
CA ALA A 272 -9.82 -6.48 -30.96
C ALA A 272 -10.53 -5.87 -29.76
N ALA A 273 -11.26 -6.71 -29.04
CA ALA A 273 -11.98 -6.26 -27.84
C ALA A 273 -11.01 -5.77 -26.77
N GLY A 274 -9.83 -6.38 -26.74
CA GLY A 274 -8.78 -5.97 -25.81
C GLY A 274 -8.28 -4.57 -26.12
N ILE A 275 -8.05 -4.31 -27.40
CA ILE A 275 -7.63 -2.99 -27.87
C ILE A 275 -8.69 -1.96 -27.54
N PHE A 276 -9.94 -2.29 -27.84
CA PHE A 276 -11.07 -1.42 -27.53
C PHE A 276 -11.12 -1.07 -26.04
N ASN A 277 -11.07 -2.10 -25.21
CA ASN A 277 -11.14 -1.94 -23.76
C ASN A 277 -9.99 -1.08 -23.22
N ALA A 278 -8.78 -1.36 -23.70
CA ALA A 278 -7.61 -0.62 -23.26
C ALA A 278 -7.67 0.84 -23.68
N VAL A 279 -8.14 1.08 -24.91
CA VAL A 279 -8.27 2.43 -25.42
C VAL A 279 -9.31 3.23 -24.63
N VAL A 280 -10.48 2.65 -24.41
CA VAL A 280 -11.53 3.31 -23.64
C VAL A 280 -11.06 3.57 -22.20
N ALA A 281 -10.34 2.62 -21.63
CA ALA A 281 -9.78 2.78 -20.29
C ALA A 281 -8.79 3.94 -20.25
N LEU A 282 -7.98 4.05 -21.31
CA LEU A 282 -7.00 5.12 -21.41
C LEU A 282 -7.68 6.49 -21.55
N VAL A 283 -8.77 6.51 -22.30
CA VAL A 283 -9.54 7.74 -22.48
C VAL A 283 -10.19 8.19 -21.17
N ILE A 284 -10.83 7.24 -20.49
CA ILE A 284 -11.55 7.55 -19.26
C ILE A 284 -10.57 7.91 -18.14
N VAL A 285 -9.36 7.34 -18.17
CA VAL A 285 -8.36 7.69 -17.16
C VAL A 285 -7.68 9.01 -17.53
N LEU A 286 -7.71 9.36 -18.80
CA LEU A 286 -7.18 10.66 -19.24
C LEU A 286 -8.12 11.76 -18.77
N PHE A 287 -9.42 11.57 -19.01
CA PHE A 287 -10.44 12.49 -18.54
C PHE A 287 -10.42 12.60 -17.02
N ALA A 288 -10.39 11.45 -16.35
CA ALA A 288 -10.37 11.40 -14.89
C ALA A 288 -9.15 12.13 -14.33
N ASN A 289 -7.99 11.88 -14.90
CA ASN A 289 -6.76 12.53 -14.46
C ASN A 289 -6.80 14.03 -14.71
N HIS A 290 -7.37 14.44 -15.84
CA HIS A 290 -7.47 15.86 -16.15
C HIS A 290 -8.37 16.57 -15.14
N MET A 291 -9.53 15.98 -14.85
CA MET A 291 -10.46 16.57 -13.91
C MET A 291 -9.96 16.49 -12.47
N SER A 292 -9.04 15.56 -12.21
CA SER A 292 -8.43 15.44 -10.90
C SER A 292 -7.13 16.23 -10.84
N ARG A 293 -6.81 16.89 -11.94
CA ARG A 293 -5.64 17.75 -12.03
C ARG A 293 -6.07 19.21 -11.90
N ARG A 294 -6.90 19.66 -12.83
CA ARG A 294 -7.38 21.03 -12.83
C ARG A 294 -8.14 21.39 -11.56
N ILE A 295 -9.10 20.54 -11.18
CA ILE A 295 -9.95 20.80 -10.01
C ILE A 295 -9.25 20.42 -8.70
N THR A 296 -8.59 19.28 -8.69
CA THR A 296 -8.05 18.71 -7.46
C THR A 296 -6.53 18.87 -7.36
N LYS A 297 -6.03 19.00 -6.13
CA LYS A 297 -4.60 19.14 -5.87
C LYS A 297 -3.80 18.01 -6.53
N THR A 298 -2.65 18.39 -7.08
CA THR A 298 -1.69 17.53 -7.79
C THR A 298 -2.38 16.61 -8.82
N GLY A 299 -1.90 15.37 -8.94
CA GLY A 299 -2.38 14.48 -9.96
C GLY A 299 -1.30 13.51 -10.40
N VAL A 300 -1.42 13.01 -11.64
CA VAL A 300 -0.38 12.19 -12.25
C VAL A 300 0.95 12.96 -12.30
N LEU B 2 -7.27 11.10 17.09
CA LEU B 2 -7.20 12.56 17.09
C LEU B 2 -7.00 13.10 18.51
N ALA B 3 -7.51 14.31 18.74
CA ALA B 3 -7.46 14.93 20.06
C ALA B 3 -8.38 14.20 21.03
N THR B 4 -8.16 14.40 22.33
CA THR B 4 -8.96 13.73 23.35
C THR B 4 -9.70 14.71 24.27
N PRO B 5 -10.67 15.47 23.74
CA PRO B 5 -11.45 16.39 24.58
C PRO B 5 -12.48 15.71 25.48
N PHE B 6 -13.00 14.56 25.07
CA PHE B 6 -14.20 13.99 25.66
C PHE B 6 -15.36 15.00 25.58
N TYR B 7 -15.85 15.43 26.75
CA TYR B 7 -16.82 16.52 26.83
C TYR B 7 -18.12 16.27 26.05
N SER B 8 -18.35 17.06 25.01
CA SER B 8 -19.68 17.28 24.41
C SER B 8 -20.48 16.02 24.10
N ARG B 9 -21.79 16.13 24.33
CA ARG B 9 -22.73 15.01 24.29
C ARG B 9 -22.90 14.40 22.90
N SER B 10 -23.14 15.25 21.91
CA SER B 10 -23.30 14.78 20.53
C SER B 10 -22.08 14.00 20.08
N ASP B 11 -20.91 14.44 20.54
CA ASP B 11 -19.66 13.76 20.25
C ASP B 11 -19.59 12.40 20.94
N ARG B 12 -20.11 12.34 22.17
CA ARG B 12 -20.14 11.10 22.93
C ARG B 12 -21.01 10.06 22.24
N ILE B 13 -22.25 10.44 21.93
CA ILE B 13 -23.18 9.55 21.23
C ILE B 13 -22.61 9.14 19.88
N PHE B 14 -22.03 10.11 19.18
CA PHE B 14 -21.37 9.85 17.89
C PHE B 14 -20.32 8.76 18.01
N GLY B 15 -19.42 8.92 18.98
CA GLY B 15 -18.37 7.95 19.20
C GLY B 15 -18.90 6.57 19.58
N ILE B 16 -19.92 6.55 20.42
CA ILE B 16 -20.49 5.29 20.88
C ILE B 16 -21.15 4.52 19.73
N VAL B 17 -22.02 5.18 18.99
CA VAL B 17 -22.69 4.52 17.86
C VAL B 17 -21.67 4.17 16.78
N ASN B 18 -20.59 4.93 16.72
CA ASN B 18 -19.47 4.63 15.82
C ASN B 18 -18.83 3.30 16.21
N ALA B 19 -18.54 3.14 17.49
CA ALA B 19 -17.94 1.92 18.01
C ALA B 19 -18.88 0.73 17.82
N VAL B 20 -20.18 0.98 17.96
CA VAL B 20 -21.18 -0.06 17.79
C VAL B 20 -21.23 -0.54 16.33
N LEU B 21 -21.36 0.40 15.40
CA LEU B 21 -21.44 0.07 13.98
C LEU B 21 -20.16 -0.60 13.49
N LEU B 22 -19.02 -0.03 13.88
CA LEU B 22 -17.72 -0.57 13.50
C LEU B 22 -17.54 -1.96 14.09
N GLY B 23 -18.06 -2.16 15.30
CA GLY B 23 -18.03 -3.45 15.95
C GLY B 23 -18.85 -4.48 15.17
N ILE B 24 -20.05 -4.06 14.76
CA ILE B 24 -20.93 -4.92 13.96
C ILE B 24 -20.25 -5.33 12.66
N PHE B 25 -19.66 -4.37 11.98
CA PHE B 25 -18.96 -4.64 10.73
C PHE B 25 -17.78 -5.60 10.95
N ALA B 26 -17.08 -5.39 12.06
CA ALA B 26 -15.94 -6.23 12.42
C ALA B 26 -16.38 -7.67 12.66
N LEU B 27 -17.50 -7.84 13.36
CA LEU B 27 -18.05 -9.16 13.61
C LEU B 27 -18.50 -9.81 12.30
N CYS B 28 -19.03 -8.99 11.40
CA CYS B 28 -19.42 -9.46 10.07
C CYS B 28 -18.20 -9.94 9.29
N ALA B 29 -17.06 -9.32 9.56
CA ALA B 29 -15.82 -9.68 8.89
C ALA B 29 -15.20 -10.95 9.48
N LEU B 30 -15.31 -11.11 10.79
CA LEU B 30 -14.70 -12.24 11.48
C LEU B 30 -15.53 -13.53 11.39
N TYR B 31 -16.85 -13.38 11.35
CA TYR B 31 -17.77 -14.51 11.37
C TYR B 31 -17.51 -15.62 10.34
N PRO B 32 -17.25 -15.26 9.06
CA PRO B 32 -17.05 -16.35 8.09
C PRO B 32 -15.89 -17.28 8.43
N ILE B 33 -14.75 -16.73 8.80
CA ILE B 33 -13.56 -17.53 9.10
C ILE B 33 -13.81 -18.54 10.22
N ILE B 34 -14.31 -18.05 11.35
CA ILE B 34 -14.59 -18.90 12.49
C ILE B 34 -15.70 -19.89 12.17
N TYR B 35 -16.60 -19.51 11.26
CA TYR B 35 -17.61 -20.45 10.78
C TYR B 35 -16.97 -21.59 10.01
N ILE B 36 -15.97 -21.26 9.21
CA ILE B 36 -15.27 -22.26 8.43
C ILE B 36 -14.50 -23.22 9.32
N PHE B 37 -13.81 -22.67 10.32
CA PHE B 37 -13.10 -23.51 11.27
C PHE B 37 -14.06 -24.43 12.01
N SER B 38 -15.14 -23.86 12.54
CA SER B 38 -16.15 -24.63 13.26
C SER B 38 -16.75 -25.75 12.41
N MET B 39 -17.17 -25.40 11.20
CA MET B 39 -17.81 -26.34 10.28
C MET B 39 -16.84 -27.44 9.83
N SER B 40 -15.59 -27.06 9.59
CA SER B 40 -14.58 -28.01 9.18
C SER B 40 -14.28 -29.00 10.30
N ILE B 41 -14.33 -28.50 11.53
CA ILE B 41 -14.13 -29.36 12.69
C ILE B 41 -15.36 -30.24 12.92
N SER B 42 -16.55 -29.69 12.65
CA SER B 42 -17.80 -30.38 12.97
C SER B 42 -18.08 -31.56 12.04
N SER B 43 -19.17 -32.27 12.33
CA SER B 43 -19.55 -33.46 11.57
C SER B 43 -20.30 -33.12 10.28
N GLY B 44 -20.21 -34.01 9.30
CA GLY B 44 -20.90 -33.83 8.04
C GLY B 44 -22.41 -33.83 8.20
N ALA B 45 -22.91 -34.71 9.07
CA ALA B 45 -24.33 -34.82 9.33
C ALA B 45 -24.89 -33.51 9.87
N ALA B 46 -24.24 -32.97 10.90
CA ALA B 46 -24.65 -31.71 11.50
C ALA B 46 -24.68 -30.58 10.49
N VAL B 47 -23.56 -30.42 9.77
CA VAL B 47 -23.43 -29.38 8.75
C VAL B 47 -24.53 -29.51 7.69
N THR B 48 -24.88 -30.75 7.35
CA THR B 48 -25.91 -31.01 6.35
C THR B 48 -27.32 -30.74 6.89
N GLN B 49 -27.48 -30.84 8.21
CA GLN B 49 -28.80 -30.74 8.82
C GLN B 49 -29.24 -29.33 9.20
N GLY B 50 -28.34 -28.36 9.07
CA GLY B 50 -28.66 -26.99 9.45
C GLY B 50 -28.17 -26.67 10.86
N ARG B 51 -27.25 -27.50 11.33
CA ARG B 51 -26.60 -27.33 12.62
C ARG B 51 -25.45 -26.33 12.51
N VAL B 52 -24.51 -26.41 13.45
CA VAL B 52 -23.28 -25.60 13.50
C VAL B 52 -23.60 -24.09 13.53
N PHE B 53 -23.33 -23.35 12.45
CA PHE B 53 -23.16 -21.89 12.47
C PHE B 53 -21.91 -21.52 13.28
N LEU B 54 -22.10 -20.70 14.30
CA LEU B 54 -20.98 -20.13 15.05
C LEU B 54 -20.06 -21.18 15.70
N LEU B 55 -20.64 -22.19 16.33
CA LEU B 55 -19.84 -23.19 17.04
C LEU B 55 -19.94 -24.59 16.42
N PRO B 56 -18.87 -25.39 16.58
CA PRO B 56 -18.85 -26.79 16.15
C PRO B 56 -19.87 -27.62 16.93
N VAL B 57 -20.21 -28.80 16.41
CA VAL B 57 -21.21 -29.64 17.07
C VAL B 57 -20.66 -31.00 17.47
N ASP B 58 -20.52 -31.90 16.49
CA ASP B 58 -20.11 -33.28 16.79
C ASP B 58 -18.61 -33.54 16.57
N ILE B 59 -17.88 -32.49 16.21
CA ILE B 59 -16.41 -32.50 16.05
C ILE B 59 -15.86 -33.77 15.36
N ASP B 60 -16.13 -33.90 14.07
CA ASP B 60 -15.76 -35.09 13.31
C ASP B 60 -14.25 -35.25 13.13
N PHE B 61 -13.57 -34.17 12.75
CA PHE B 61 -12.11 -34.15 12.54
C PHE B 61 -11.64 -34.98 11.34
N SER B 62 -12.55 -35.68 10.68
CA SER B 62 -12.20 -36.62 9.61
C SER B 62 -11.88 -35.94 8.28
N ALA B 63 -12.50 -34.79 8.04
CA ALA B 63 -12.29 -34.05 6.80
C ALA B 63 -10.83 -33.68 6.60
N TYR B 64 -10.19 -33.25 7.69
CA TYR B 64 -8.77 -32.98 7.67
C TYR B 64 -7.99 -34.24 7.34
N GLY B 65 -8.50 -35.38 7.81
CA GLY B 65 -7.92 -36.66 7.48
C GLY B 65 -8.01 -36.92 5.98
N ARG B 66 -9.07 -36.43 5.36
CA ARG B 66 -9.23 -36.56 3.91
C ARG B 66 -8.26 -35.67 3.16
N VAL B 67 -8.15 -34.41 3.57
CA VAL B 67 -7.30 -33.46 2.85
C VAL B 67 -5.81 -33.76 3.06
N LEU B 68 -5.47 -34.38 4.18
CA LEU B 68 -4.06 -34.69 4.48
C LEU B 68 -3.54 -35.84 3.62
N HIS B 69 -4.44 -36.68 3.13
CA HIS B 69 -4.05 -37.81 2.29
C HIS B 69 -3.98 -37.41 0.82
N ASP B 70 -4.24 -36.14 0.53
CA ASP B 70 -4.20 -35.64 -0.83
C ASP B 70 -2.77 -35.28 -1.24
N LYS B 71 -2.28 -35.92 -2.30
CA LYS B 71 -0.92 -35.67 -2.78
C LYS B 71 -0.83 -34.35 -3.55
N LEU B 72 -1.79 -34.13 -4.44
CA LEU B 72 -1.78 -32.95 -5.30
C LEU B 72 -1.96 -31.66 -4.49
N PHE B 73 -2.63 -31.78 -3.34
CA PHE B 73 -2.84 -30.64 -2.46
C PHE B 73 -1.51 -30.14 -1.89
N TRP B 74 -0.73 -31.04 -1.30
CA TRP B 74 0.55 -30.69 -0.72
C TRP B 74 1.58 -30.35 -1.80
N THR B 75 1.47 -31.02 -2.95
CA THR B 75 2.32 -30.71 -4.09
C THR B 75 2.11 -29.26 -4.52
N SER B 76 0.85 -28.90 -4.67
CA SER B 76 0.48 -27.54 -5.05
C SER B 76 0.86 -26.54 -3.97
N TYR B 77 0.81 -26.97 -2.72
CA TYR B 77 1.23 -26.14 -1.59
C TYR B 77 2.71 -25.80 -1.72
N ALA B 78 3.52 -26.83 -1.96
CA ALA B 78 4.95 -26.66 -2.18
C ALA B 78 5.21 -25.78 -3.39
N ASN B 79 4.37 -25.92 -4.42
CA ASN B 79 4.48 -25.07 -5.60
C ASN B 79 4.25 -23.59 -5.28
N THR B 80 3.24 -23.32 -4.46
CA THR B 80 2.95 -21.95 -4.04
C THR B 80 4.08 -21.39 -3.19
N ILE B 81 4.65 -22.22 -2.33
CA ILE B 81 5.79 -21.80 -1.51
C ILE B 81 6.97 -21.43 -2.40
N PHE B 82 7.29 -22.31 -3.34
CA PHE B 82 8.35 -22.07 -4.32
C PHE B 82 8.14 -20.76 -5.08
N TYR B 83 6.93 -20.59 -5.62
CA TYR B 83 6.57 -19.41 -6.38
C TYR B 83 6.67 -18.13 -5.55
N THR B 84 6.27 -18.21 -4.29
CA THR B 84 6.35 -17.04 -3.41
C THR B 84 7.80 -16.67 -3.14
N VAL B 85 8.58 -17.63 -2.68
CA VAL B 85 9.98 -17.38 -2.37
C VAL B 85 10.75 -16.86 -3.59
N PHE B 86 10.90 -17.70 -4.60
CA PHE B 86 11.72 -17.34 -5.76
C PHE B 86 11.11 -16.20 -6.57
N GLY B 87 9.78 -16.13 -6.58
CA GLY B 87 9.08 -15.05 -7.26
C GLY B 87 9.39 -13.72 -6.62
N VAL B 88 9.30 -13.67 -5.29
CA VAL B 88 9.64 -12.47 -4.54
C VAL B 88 11.11 -12.09 -4.74
N VAL B 89 11.98 -13.10 -4.70
CA VAL B 89 13.41 -12.87 -4.89
C VAL B 89 13.70 -12.22 -6.25
N THR B 90 13.25 -12.85 -7.33
CA THR B 90 13.46 -12.31 -8.66
C THR B 90 12.80 -10.94 -8.81
N SER B 91 11.65 -10.78 -8.18
CA SER B 91 10.94 -9.50 -8.18
C SER B 91 11.82 -8.39 -7.61
N LEU B 92 12.34 -8.60 -6.41
CA LEU B 92 13.20 -7.62 -5.75
C LEU B 92 14.45 -7.36 -6.59
N ILE B 93 15.03 -8.43 -7.12
CA ILE B 93 16.23 -8.34 -7.95
C ILE B 93 16.00 -7.44 -9.16
N PHE B 94 14.83 -7.54 -9.78
CA PHE B 94 14.53 -6.70 -10.93
C PHE B 94 14.08 -5.28 -10.56
N ILE B 95 13.45 -5.15 -9.41
CA ILE B 95 12.88 -3.87 -8.99
C ILE B 95 13.89 -2.93 -8.33
N VAL B 96 14.44 -3.35 -7.19
CA VAL B 96 15.24 -2.46 -6.35
C VAL B 96 16.38 -1.71 -7.07
N PRO B 97 17.24 -2.42 -7.83
CA PRO B 97 18.29 -1.64 -8.50
C PRO B 97 17.74 -0.72 -9.59
N GLY B 98 16.67 -1.15 -10.25
CA GLY B 98 16.04 -0.35 -11.28
C GLY B 98 15.39 0.90 -10.71
N ALA B 99 14.75 0.75 -9.56
CA ALA B 99 14.12 1.87 -8.89
C ALA B 99 15.17 2.81 -8.31
N TYR B 100 16.31 2.23 -7.91
CA TYR B 100 17.42 3.01 -7.39
C TYR B 100 18.11 3.79 -8.49
N ALA B 101 18.06 3.24 -9.70
CA ALA B 101 18.61 3.91 -10.87
C ALA B 101 17.68 5.00 -11.36
N LEU B 102 16.37 4.74 -11.26
CA LEU B 102 15.36 5.70 -11.66
C LEU B 102 15.22 6.81 -10.61
N SER B 103 15.75 6.55 -9.42
CA SER B 103 15.65 7.51 -8.32
C SER B 103 16.62 8.68 -8.49
N LYS B 104 17.85 8.36 -8.87
CA LYS B 104 18.90 9.37 -8.98
C LYS B 104 18.58 10.41 -10.05
N PRO B 105 18.81 11.70 -9.73
CA PRO B 105 18.41 12.84 -10.57
C PRO B 105 19.10 12.90 -11.92
N ARG B 106 20.33 12.38 -12.02
CA ARG B 106 21.06 12.48 -13.28
C ARG B 106 21.02 11.17 -14.07
N ILE B 107 20.22 11.16 -15.12
CA ILE B 107 20.12 10.05 -16.07
C ILE B 107 19.72 10.67 -17.42
N ARG B 108 20.28 10.15 -18.50
CA ARG B 108 19.89 10.60 -19.85
C ARG B 108 18.40 10.36 -20.08
N GLY B 109 18.03 9.08 -20.13
CA GLY B 109 16.68 8.69 -20.47
C GLY B 109 15.72 8.67 -19.29
N ARG B 110 16.08 9.37 -18.22
CA ARG B 110 15.27 9.42 -17.00
C ARG B 110 13.79 9.70 -17.29
N ARG B 111 13.55 10.72 -18.10
CA ARG B 111 12.20 11.07 -18.53
C ARG B 111 11.54 9.94 -19.34
N VAL B 112 12.26 9.45 -20.34
CA VAL B 112 11.69 8.47 -21.26
C VAL B 112 11.68 7.07 -20.65
N PHE B 113 12.60 6.79 -19.73
CA PHE B 113 12.58 5.52 -19.01
C PHE B 113 11.43 5.52 -18.02
N GLY B 114 11.26 6.66 -17.35
CA GLY B 114 10.14 6.85 -16.45
C GLY B 114 8.83 6.67 -17.20
N PHE B 115 8.78 7.19 -18.43
CA PHE B 115 7.61 7.00 -19.28
C PHE B 115 7.42 5.54 -19.67
N ILE B 116 8.53 4.86 -19.97
CA ILE B 116 8.48 3.45 -20.36
C ILE B 116 7.88 2.60 -19.25
N ILE B 117 8.33 2.83 -18.02
CA ILE B 117 7.84 2.06 -16.87
C ILE B 117 6.41 2.46 -16.50
N ALA B 118 6.13 3.76 -16.50
CA ALA B 118 4.83 4.26 -16.02
C ALA B 118 3.69 3.97 -17.00
N PHE B 119 3.98 4.00 -18.29
CA PHE B 119 2.94 3.86 -19.31
C PHE B 119 2.17 2.55 -19.22
N THR B 120 2.82 1.52 -18.68
CA THR B 120 2.22 0.20 -18.58
C THR B 120 1.03 0.16 -17.64
N MET B 121 0.93 1.15 -16.76
CA MET B 121 -0.16 1.21 -15.80
C MET B 121 -1.53 1.42 -16.45
N TRP B 122 -1.65 2.51 -17.20
CA TRP B 122 -2.95 2.94 -17.70
C TRP B 122 -3.28 2.34 -19.07
N PHE B 123 -2.29 1.73 -19.70
CA PHE B 123 -2.52 1.05 -20.97
C PHE B 123 -1.79 -0.29 -21.00
N ASN B 124 -2.54 -1.36 -21.24
CA ASN B 124 -1.96 -2.68 -21.40
C ASN B 124 -2.35 -3.28 -22.74
N ALA B 125 -1.49 -4.13 -23.29
CA ALA B 125 -1.76 -4.76 -24.57
C ALA B 125 -3.04 -5.59 -24.52
N GLY B 126 -3.10 -6.53 -23.59
CA GLY B 126 -4.29 -7.33 -23.41
C GLY B 126 -3.98 -8.70 -22.85
N MET B 127 -5.02 -9.49 -22.62
CA MET B 127 -4.87 -10.84 -22.10
C MET B 127 -4.28 -11.77 -23.16
N ILE B 128 -4.93 -11.78 -24.32
CA ILE B 128 -4.53 -12.66 -25.42
C ILE B 128 -3.14 -12.34 -26.00
N PRO B 129 -2.84 -11.06 -26.30
CA PRO B 129 -1.51 -10.83 -26.85
C PRO B 129 -0.39 -11.10 -25.84
N PHE B 130 -0.68 -10.95 -24.56
CA PHE B 130 0.28 -11.28 -23.52
C PHE B 130 0.47 -12.79 -23.45
N PHE B 131 -0.62 -13.53 -23.58
CA PHE B 131 -0.54 -14.99 -23.58
C PHE B 131 0.28 -15.49 -24.76
N LEU B 132 0.05 -14.89 -25.93
CA LEU B 132 0.82 -15.23 -27.12
C LEU B 132 2.28 -14.88 -26.93
N ASN B 133 2.53 -13.74 -26.29
CA ASN B 133 3.89 -13.33 -25.97
C ASN B 133 4.57 -14.38 -25.08
N MET B 134 3.82 -14.94 -24.16
CA MET B 134 4.32 -16.01 -23.31
C MET B 134 4.57 -17.27 -24.12
N ARG B 135 3.76 -17.46 -25.17
CA ARG B 135 3.90 -18.63 -26.02
C ARG B 135 5.18 -18.59 -26.85
N ASP B 136 5.44 -17.45 -27.47
CA ASP B 136 6.61 -17.31 -28.35
C ASP B 136 7.92 -17.40 -27.56
N LEU B 137 7.88 -16.99 -26.30
CA LEU B 137 9.06 -17.06 -25.44
C LEU B 137 9.32 -18.48 -24.95
N GLY B 138 8.31 -19.34 -25.11
CA GLY B 138 8.42 -20.72 -24.69
C GLY B 138 8.40 -20.88 -23.19
N LEU B 139 7.82 -19.89 -22.51
CA LEU B 139 7.73 -19.92 -21.05
C LEU B 139 6.44 -20.60 -20.60
N LEU B 140 5.68 -21.12 -21.56
CA LEU B 140 4.46 -21.85 -21.26
C LEU B 140 4.78 -23.15 -20.53
N ASP B 141 3.96 -23.46 -19.52
CA ASP B 141 4.14 -24.67 -18.71
C ASP B 141 5.54 -24.71 -18.10
N ASN B 142 5.99 -23.57 -17.58
CA ASN B 142 7.31 -23.46 -16.99
C ASN B 142 7.26 -22.72 -15.66
N ARG B 143 7.94 -23.27 -14.66
CA ARG B 143 8.04 -22.64 -13.35
C ARG B 143 8.75 -21.30 -13.45
N PHE B 144 9.86 -21.30 -14.19
CA PHE B 144 10.60 -20.07 -14.44
C PHE B 144 9.76 -19.12 -15.29
N GLY B 145 8.87 -19.70 -16.10
CA GLY B 145 7.95 -18.92 -16.90
C GLY B 145 6.96 -18.17 -16.04
N ILE B 146 6.64 -18.74 -14.89
CA ILE B 146 5.77 -18.07 -13.92
C ILE B 146 6.58 -17.06 -13.10
N LEU B 147 7.80 -17.45 -12.71
CA LEU B 147 8.68 -16.57 -11.97
C LEU B 147 8.97 -15.27 -12.72
N ILE B 148 9.66 -15.39 -13.84
CA ILE B 148 10.04 -14.22 -14.64
C ILE B 148 8.87 -13.68 -15.44
N GLY B 149 7.75 -14.41 -15.42
CA GLY B 149 6.55 -13.98 -16.14
C GLY B 149 6.13 -12.60 -15.70
N PHE B 150 5.87 -12.44 -14.41
CA PHE B 150 5.80 -11.10 -13.84
C PHE B 150 6.66 -11.02 -12.58
N ALA B 151 7.81 -10.36 -12.70
CA ALA B 151 8.59 -10.00 -11.53
C ALA B 151 8.40 -8.54 -11.19
N CYS B 152 7.64 -7.83 -12.02
CA CYS B 152 7.60 -6.38 -11.94
C CYS B 152 6.22 -5.77 -12.14
N ASN B 153 5.91 -4.83 -11.27
CA ASN B 153 4.77 -3.94 -11.46
C ASN B 153 5.27 -2.51 -11.37
N ALA B 154 4.74 -1.64 -12.22
CA ALA B 154 5.18 -0.25 -12.26
C ALA B 154 4.95 0.43 -10.91
N PHE B 155 3.92 -0.01 -10.20
CA PHE B 155 3.58 0.52 -8.88
C PHE B 155 4.73 0.35 -7.89
N ASN B 156 5.21 -0.88 -7.76
CA ASN B 156 6.31 -1.18 -6.86
C ASN B 156 7.56 -0.39 -7.23
N ILE B 157 7.78 -0.20 -8.53
CA ILE B 157 8.94 0.51 -9.02
C ILE B 157 8.88 2.00 -8.65
N ILE B 158 7.76 2.65 -8.91
CA ILE B 158 7.64 4.06 -8.59
C ILE B 158 7.58 4.28 -7.09
N LEU B 159 7.09 3.28 -6.35
CA LEU B 159 7.04 3.36 -4.89
C LEU B 159 8.45 3.32 -4.32
N MET B 160 9.21 2.30 -4.74
CA MET B 160 10.57 2.14 -4.28
C MET B 160 11.43 3.33 -4.69
N ARG B 161 11.19 3.84 -5.90
CA ARG B 161 11.89 5.01 -6.40
C ARG B 161 11.59 6.23 -5.55
N ASN B 162 10.30 6.46 -5.27
CA ASN B 162 9.89 7.58 -4.46
C ASN B 162 10.48 7.53 -3.05
N TYR B 163 10.50 6.34 -2.47
CA TYR B 163 11.08 6.20 -1.12
C TYR B 163 12.59 6.36 -1.17
N PHE B 164 13.20 6.01 -2.29
CA PHE B 164 14.63 6.22 -2.48
C PHE B 164 14.95 7.71 -2.60
N GLU B 165 14.03 8.45 -3.20
CA GLU B 165 14.19 9.89 -3.36
C GLU B 165 13.88 10.63 -2.06
N SER B 166 13.07 10.00 -1.21
CA SER B 166 12.75 10.58 0.09
C SER B 166 13.98 10.57 1.00
N ILE B 167 14.92 9.70 0.68
CA ILE B 167 16.18 9.64 1.41
C ILE B 167 17.07 10.82 1.02
N SER B 168 17.64 11.48 2.02
CA SER B 168 18.52 12.62 1.78
C SER B 168 19.72 12.23 0.91
N ALA B 169 20.10 13.13 0.02
CA ALA B 169 21.19 12.85 -0.91
C ALA B 169 22.55 12.97 -0.23
N SER B 170 22.56 13.50 0.99
CA SER B 170 23.79 13.70 1.73
C SER B 170 24.54 12.39 1.98
N PHE B 171 23.79 11.30 2.09
CA PHE B 171 24.39 9.98 2.28
C PHE B 171 25.14 9.54 1.04
N GLU B 172 24.47 9.62 -0.11
CA GLU B 172 25.08 9.26 -1.40
C GLU B 172 26.30 10.13 -1.69
N GLU B 173 26.15 11.43 -1.43
CA GLU B 173 27.21 12.39 -1.68
C GLU B 173 28.41 12.15 -0.79
N ALA B 174 28.16 11.86 0.49
CA ALA B 174 29.23 11.54 1.43
C ALA B 174 29.94 10.26 0.99
N ALA B 175 29.16 9.29 0.51
CA ALA B 175 29.71 8.04 0.01
C ALA B 175 30.62 8.29 -1.18
N ARG B 176 30.18 9.17 -2.09
CA ARG B 176 30.97 9.53 -3.25
C ARG B 176 32.25 10.25 -2.83
N MET B 177 32.16 11.04 -1.76
CA MET B 177 33.31 11.73 -1.21
C MET B 177 34.30 10.74 -0.62
N ASP B 178 33.79 9.65 -0.07
CA ASP B 178 34.62 8.63 0.56
C ASP B 178 35.13 7.61 -0.47
N GLY B 179 34.67 7.73 -1.70
CA GLY B 179 35.12 6.86 -2.77
C GLY B 179 34.10 5.84 -3.23
N ALA B 180 33.04 5.66 -2.45
CA ALA B 180 31.99 4.70 -2.80
C ALA B 180 31.21 5.18 -4.01
N ASN B 181 31.05 4.30 -5.00
CA ASN B 181 30.38 4.65 -6.24
C ASN B 181 29.27 3.68 -6.62
N ASP B 182 28.07 4.21 -6.83
CA ASP B 182 26.92 3.42 -7.28
C ASP B 182 26.61 2.23 -6.37
N LEU B 183 26.77 1.03 -6.90
CA LEU B 183 26.33 -0.20 -6.23
C LEU B 183 26.76 -0.32 -4.77
N GLN B 184 28.05 -0.12 -4.50
CA GLN B 184 28.58 -0.26 -3.14
C GLN B 184 27.86 0.68 -2.16
N ILE B 185 27.41 1.83 -2.66
CA ILE B 185 26.57 2.73 -1.89
C ILE B 185 25.24 2.03 -1.57
N LEU B 186 24.53 1.63 -2.62
CA LEU B 186 23.17 1.08 -2.51
C LEU B 186 23.05 -0.02 -1.45
N TRP B 187 23.97 -0.98 -1.49
CA TRP B 187 23.95 -2.07 -0.54
C TRP B 187 24.24 -1.59 0.88
N LYS B 188 25.22 -0.71 1.02
CA LYS B 188 25.73 -0.36 2.35
C LYS B 188 24.90 0.65 3.13
N VAL B 189 24.21 1.55 2.43
CA VAL B 189 23.45 2.60 3.11
C VAL B 189 21.98 2.66 2.66
N TYR B 190 21.76 2.89 1.36
CA TYR B 190 20.40 3.06 0.85
C TYR B 190 19.45 1.89 1.14
N ILE B 191 19.95 0.66 1.01
CA ILE B 191 19.11 -0.51 1.29
C ILE B 191 18.73 -0.66 2.77
N PRO B 192 19.71 -0.57 3.70
CA PRO B 192 19.27 -0.64 5.10
C PRO B 192 18.44 0.57 5.54
N LEU B 193 18.49 1.66 4.77
CA LEU B 193 17.62 2.80 5.02
C LEU B 193 16.24 2.56 4.41
N ALA B 194 16.17 1.62 3.48
CA ALA B 194 14.94 1.34 2.73
C ALA B 194 14.11 0.21 3.33
N LYS B 195 14.51 -0.26 4.50
CA LYS B 195 13.87 -1.41 5.16
C LYS B 195 12.33 -1.43 5.13
N PRO B 196 11.66 -0.32 5.51
CA PRO B 196 10.20 -0.39 5.46
C PRO B 196 9.64 -0.55 4.04
N ALA B 197 10.22 0.17 3.08
CA ALA B 197 9.79 0.07 1.69
C ALA B 197 10.02 -1.35 1.15
N LEU B 198 11.19 -1.90 1.49
CA LEU B 198 11.51 -3.28 1.16
C LEU B 198 10.45 -4.22 1.71
N ALA B 199 10.05 -3.98 2.96
CA ALA B 199 9.06 -4.80 3.63
C ALA B 199 7.71 -4.72 2.93
N THR B 200 7.30 -3.50 2.57
CA THR B 200 6.04 -3.31 1.87
C THR B 200 6.03 -4.03 0.53
N ILE B 201 7.07 -3.81 -0.27
CA ILE B 201 7.16 -4.41 -1.59
C ILE B 201 7.20 -5.94 -1.51
N THR B 202 8.02 -6.47 -0.62
CA THR B 202 8.13 -7.92 -0.49
C THR B 202 6.83 -8.50 0.07
N LEU B 203 6.07 -7.69 0.79
CA LEU B 203 4.76 -8.10 1.29
C LEU B 203 3.76 -8.23 0.14
N LEU B 204 3.65 -7.16 -0.64
CA LEU B 204 2.73 -7.12 -1.78
C LEU B 204 3.07 -8.24 -2.77
N CYS B 205 4.36 -8.43 -3.02
CA CYS B 205 4.81 -9.48 -3.93
C CYS B 205 4.54 -10.86 -3.34
N ALA B 206 4.71 -11.00 -2.03
CA ALA B 206 4.45 -12.28 -1.37
C ALA B 206 2.99 -12.67 -1.51
N ILE B 207 2.08 -11.78 -1.13
CA ILE B 207 0.66 -12.08 -1.20
C ILE B 207 0.19 -12.19 -2.66
N SER B 208 0.90 -11.51 -3.56
CA SER B 208 0.59 -11.62 -4.99
C SER B 208 0.90 -13.02 -5.50
N ARG B 209 2.10 -13.51 -5.18
CA ARG B 209 2.52 -14.83 -5.59
C ARG B 209 1.68 -15.92 -4.93
N TRP B 210 1.34 -15.71 -3.67
CA TRP B 210 0.59 -16.70 -2.90
C TRP B 210 -0.86 -16.80 -3.37
N ASN B 211 -1.54 -15.66 -3.45
CA ASN B 211 -2.96 -15.64 -3.76
C ASN B 211 -3.26 -15.55 -5.25
N GLY B 212 -2.21 -15.52 -6.07
CA GLY B 212 -2.37 -15.50 -7.52
C GLY B 212 -2.81 -16.85 -8.05
N TYR B 213 -3.80 -16.85 -8.95
CA TYR B 213 -4.34 -18.08 -9.51
C TYR B 213 -4.40 -18.05 -11.04
N PHE B 214 -5.12 -17.08 -11.60
CA PHE B 214 -5.50 -17.05 -13.02
C PHE B 214 -4.38 -17.38 -14.01
N TRP B 215 -3.38 -16.51 -14.10
CA TRP B 215 -2.31 -16.69 -15.07
C TRP B 215 -1.49 -17.95 -14.76
N ALA B 216 -1.42 -18.33 -13.49
CA ALA B 216 -0.76 -19.57 -13.11
C ALA B 216 -1.55 -20.76 -13.63
N MET B 217 -2.87 -20.60 -13.71
CA MET B 217 -3.74 -21.65 -14.21
C MET B 217 -3.68 -21.75 -15.72
N VAL B 218 -3.57 -20.59 -16.38
CA VAL B 218 -3.58 -20.54 -17.84
C VAL B 218 -2.24 -20.99 -18.44
N LEU B 219 -1.15 -20.47 -17.87
CA LEU B 219 0.18 -20.70 -18.43
C LEU B 219 0.73 -22.09 -18.11
N LEU B 220 0.13 -22.76 -17.12
CA LEU B 220 0.61 -24.07 -16.70
C LEU B 220 -0.34 -25.19 -17.12
N ARG B 221 0.24 -26.35 -17.39
CA ARG B 221 -0.53 -27.53 -17.81
C ARG B 221 -0.28 -28.70 -16.87
N ALA B 222 0.97 -29.14 -16.80
CA ALA B 222 1.36 -30.26 -15.94
C ALA B 222 0.92 -30.06 -14.50
N GLU B 223 0.28 -31.09 -13.94
CA GLU B 223 -0.32 -31.00 -12.61
C GLU B 223 0.69 -30.84 -11.49
N GLU B 224 1.93 -31.28 -11.72
CA GLU B 224 2.97 -31.19 -10.70
C GLU B 224 3.52 -29.76 -10.57
N LYS B 225 3.33 -28.97 -11.63
CA LYS B 225 3.77 -27.58 -11.62
C LYS B 225 2.69 -26.65 -11.09
N ILE B 226 1.48 -27.17 -10.94
CA ILE B 226 0.33 -26.35 -10.56
C ILE B 226 0.44 -25.87 -9.11
N PRO B 227 0.00 -24.62 -8.85
CA PRO B 227 -0.02 -24.06 -7.49
C PRO B 227 -1.29 -24.42 -6.73
N LEU B 228 -1.38 -23.98 -5.48
CA LEU B 228 -2.48 -24.36 -4.60
C LEU B 228 -3.82 -23.80 -5.05
N GLN B 229 -3.80 -22.56 -5.53
CA GLN B 229 -5.04 -21.85 -5.86
C GLN B 229 -5.76 -22.46 -7.06
N VAL B 230 -5.02 -23.13 -7.93
CA VAL B 230 -5.62 -23.78 -9.09
C VAL B 230 -6.32 -25.09 -8.69
N TYR B 231 -5.64 -25.88 -7.87
CA TYR B 231 -6.24 -27.10 -7.34
C TYR B 231 -7.48 -26.73 -6.54
N LEU B 232 -7.37 -25.67 -5.76
CA LEU B 232 -8.50 -25.13 -5.02
C LEU B 232 -9.61 -24.73 -5.99
N LYS B 233 -9.22 -24.14 -7.11
CA LYS B 233 -10.18 -23.75 -8.14
C LYS B 233 -10.93 -24.97 -8.65
N LYS B 234 -10.25 -26.11 -8.67
CA LYS B 234 -10.94 -27.35 -9.03
C LYS B 234 -11.90 -27.81 -7.92
N THR B 235 -11.38 -27.96 -6.71
CA THR B 235 -12.15 -28.58 -5.63
C THR B 235 -13.11 -27.63 -4.91
N ILE B 236 -12.69 -26.40 -4.64
CA ILE B 236 -13.45 -25.52 -3.75
C ILE B 236 -14.64 -24.83 -4.43
N VAL B 237 -14.44 -24.36 -5.66
CA VAL B 237 -15.51 -23.66 -6.37
C VAL B 237 -16.26 -24.58 -7.34
N ASP B 238 -15.57 -25.12 -8.32
CA ASP B 238 -16.18 -26.02 -9.32
C ASP B 238 -16.94 -27.17 -8.66
N LEU B 239 -16.35 -27.74 -7.62
CA LEU B 239 -16.98 -28.79 -6.82
C LEU B 239 -17.37 -30.03 -7.63
N ASN B 240 -16.64 -30.29 -8.72
CA ASN B 240 -16.83 -31.53 -9.46
C ASN B 240 -16.01 -32.64 -8.83
N VAL B 241 -16.56 -33.84 -8.77
CA VAL B 241 -15.88 -34.94 -8.09
C VAL B 241 -16.01 -36.27 -8.81
N ASN B 242 -14.96 -37.09 -8.65
CA ASN B 242 -14.95 -38.44 -9.17
C ASN B 242 -15.94 -39.33 -8.43
N GLU B 243 -16.31 -40.45 -9.04
CA GLU B 243 -17.18 -41.42 -8.38
C GLU B 243 -16.46 -42.03 -7.18
N GLU B 244 -15.14 -41.91 -7.16
CA GLU B 244 -14.32 -42.37 -6.05
C GLU B 244 -14.64 -41.59 -4.77
N PHE B 245 -14.63 -40.27 -4.88
CA PHE B 245 -14.91 -39.39 -3.75
C PHE B 245 -16.36 -39.53 -3.31
N ALA B 246 -17.27 -39.59 -4.28
CA ALA B 246 -18.69 -39.73 -4.02
C ALA B 246 -18.96 -41.03 -3.27
N GLY B 247 -18.30 -42.11 -3.69
CA GLY B 247 -18.41 -43.38 -3.01
C GLY B 247 -17.71 -43.35 -1.67
N ALA B 248 -16.75 -42.44 -1.53
CA ALA B 248 -16.01 -42.31 -0.29
C ALA B 248 -16.72 -41.38 0.68
N LEU B 249 -17.85 -40.82 0.25
CA LEU B 249 -18.62 -39.92 1.10
C LEU B 249 -19.37 -40.71 2.17
N LEU B 250 -19.91 -41.86 1.78
CA LEU B 250 -20.71 -42.69 2.68
C LEU B 250 -19.87 -43.53 3.63
N THR B 251 -18.70 -43.95 3.18
CA THR B 251 -17.83 -44.83 3.97
C THR B 251 -16.96 -44.05 4.94
N ASN B 252 -17.15 -42.73 4.95
CA ASN B 252 -16.35 -41.81 5.73
C ASN B 252 -17.16 -41.11 6.82
N SER B 253 -18.24 -40.47 6.38
CA SER B 253 -19.22 -39.72 7.20
C SER B 253 -18.86 -38.24 7.39
N TYR B 254 -17.72 -37.83 6.86
CA TYR B 254 -17.52 -36.39 6.65
C TYR B 254 -18.26 -36.01 5.36
N SER B 255 -18.79 -34.80 5.31
CA SER B 255 -19.47 -34.35 4.11
C SER B 255 -18.48 -33.68 3.17
N MET B 256 -18.96 -33.26 2.00
CA MET B 256 -18.13 -32.52 1.06
C MET B 256 -17.85 -31.14 1.61
N GLU B 257 -18.84 -30.59 2.32
CA GLU B 257 -18.74 -29.26 2.91
C GLU B 257 -17.60 -29.20 3.92
N THR B 258 -17.54 -30.21 4.79
CA THR B 258 -16.50 -30.29 5.80
C THR B 258 -15.13 -30.47 5.15
N VAL B 259 -15.09 -31.21 4.04
CA VAL B 259 -13.86 -31.38 3.29
C VAL B 259 -13.37 -30.04 2.78
N VAL B 260 -14.26 -29.30 2.11
CA VAL B 260 -13.93 -27.98 1.59
C VAL B 260 -13.43 -27.05 2.70
N GLY B 261 -14.22 -26.96 3.77
CA GLY B 261 -13.85 -26.15 4.92
C GLY B 261 -12.48 -26.48 5.45
N ALA B 262 -12.19 -27.77 5.60
CA ALA B 262 -10.90 -28.22 6.08
C ALA B 262 -9.79 -27.83 5.10
N ILE B 263 -10.07 -27.92 3.81
CA ILE B 263 -9.12 -27.55 2.77
C ILE B 263 -8.72 -26.08 2.88
N ILE B 264 -9.72 -25.20 2.90
CA ILE B 264 -9.43 -23.77 2.93
C ILE B 264 -8.88 -23.37 4.30
N VAL B 265 -9.18 -24.16 5.32
CA VAL B 265 -8.57 -23.93 6.64
C VAL B 265 -7.07 -24.20 6.54
N MET B 266 -6.71 -25.36 6.01
CA MET B 266 -5.31 -25.72 5.83
C MET B 266 -4.62 -24.76 4.87
N SER B 267 -5.42 -24.09 4.04
CA SER B 267 -4.90 -23.12 3.08
C SER B 267 -4.59 -21.78 3.74
N ILE B 268 -5.47 -21.34 4.64
CA ILE B 268 -5.32 -20.03 5.27
C ILE B 268 -4.54 -20.07 6.58
N ILE B 269 -4.24 -21.27 7.07
CA ILE B 269 -3.49 -21.42 8.33
C ILE B 269 -2.14 -20.68 8.33
N PRO B 270 -1.31 -20.84 7.26
CA PRO B 270 -0.04 -20.10 7.29
C PRO B 270 -0.25 -18.58 7.28
N VAL B 271 -1.31 -18.13 6.61
CA VAL B 271 -1.64 -16.71 6.56
C VAL B 271 -1.96 -16.18 7.96
N ILE B 272 -2.83 -16.90 8.66
CA ILE B 272 -3.20 -16.54 10.02
C ILE B 272 -1.98 -16.59 10.94
N ILE B 273 -1.06 -17.50 10.64
CA ILE B 273 0.18 -17.61 11.43
C ILE B 273 1.09 -16.41 11.24
N VAL B 274 1.36 -16.04 9.99
CA VAL B 274 2.33 -15.00 9.70
C VAL B 274 1.76 -13.59 9.78
N TYR B 275 0.43 -13.47 9.84
CA TYR B 275 -0.22 -12.16 9.88
C TYR B 275 0.14 -11.28 11.08
N PRO B 276 0.12 -11.83 12.32
CA PRO B 276 0.41 -10.96 13.47
C PRO B 276 1.79 -10.32 13.43
N VAL B 277 2.80 -11.09 13.07
CA VAL B 277 4.17 -10.59 12.99
C VAL B 277 4.27 -9.45 11.97
N VAL B 278 3.74 -9.70 10.78
CA VAL B 278 3.74 -8.72 9.71
C VAL B 278 3.05 -7.42 10.12
N GLN B 279 1.81 -7.53 10.58
CA GLN B 279 1.03 -6.35 10.94
C GLN B 279 1.68 -5.58 12.09
N LYS B 280 2.11 -6.29 13.13
CA LYS B 280 2.72 -5.66 14.29
C LYS B 280 4.03 -4.98 13.90
N TYR B 281 4.72 -5.53 12.91
CA TYR B 281 5.92 -4.89 12.38
C TYR B 281 5.54 -3.59 11.67
N PHE B 282 4.54 -3.65 10.80
CA PHE B 282 4.16 -2.50 10.00
C PHE B 282 3.48 -1.40 10.80
N THR B 283 3.04 -1.73 12.01
CA THR B 283 2.45 -0.71 12.88
C THR B 283 3.55 0.10 13.55
N LYS B 284 4.27 -0.53 14.48
CA LYS B 284 5.38 0.06 15.25
C LYS B 284 5.11 1.51 15.65
N GLY B 285 4.09 1.70 16.48
CA GLY B 285 3.64 3.03 16.85
C GLY B 285 2.17 2.96 17.22
N VAL B 286 1.47 4.08 17.07
CA VAL B 286 0.03 4.09 17.31
C VAL B 286 -0.72 3.82 16.01
N MET B 287 -1.33 2.64 15.94
CA MET B 287 -2.08 2.18 14.77
C MET B 287 -1.30 2.33 13.47
N LEU B 288 -1.87 3.08 12.53
CA LEU B 288 -1.25 3.33 11.23
C LEU B 288 -0.95 2.03 10.50
N MET C 1 -11.78 40.61 26.18
CA MET C 1 -12.26 40.44 27.55
C MET C 1 -11.10 40.35 28.53
N VAL C 2 -11.01 41.32 29.43
CA VAL C 2 -9.93 41.34 30.42
C VAL C 2 -10.32 40.58 31.67
N ALA C 3 -9.57 39.52 31.99
CA ALA C 3 -9.90 38.68 33.14
C ALA C 3 -8.66 38.03 33.77
N SER C 4 -8.71 37.83 35.08
CA SER C 4 -7.64 37.18 35.82
C SER C 4 -7.72 35.66 35.68
N VAL C 5 -6.58 34.98 35.83
CA VAL C 5 -6.58 33.52 35.82
C VAL C 5 -5.68 32.97 36.92
N SER C 6 -6.26 32.12 37.77
CA SER C 6 -5.54 31.54 38.89
C SER C 6 -5.28 30.05 38.70
N ILE C 7 -4.00 29.67 38.86
CA ILE C 7 -3.57 28.29 38.77
C ILE C 7 -3.10 27.79 40.13
N GLN C 8 -3.82 26.81 40.68
CA GLN C 8 -3.54 26.34 42.03
C GLN C 8 -3.17 24.86 42.08
N ASN C 9 -1.90 24.59 42.42
CA ASN C 9 -1.40 23.24 42.65
C ASN C 9 -1.73 22.23 41.55
N VAL C 10 -1.66 22.68 40.30
CA VAL C 10 -1.97 21.82 39.16
C VAL C 10 -0.86 20.79 38.91
N VAL C 11 -1.27 19.56 38.62
CA VAL C 11 -0.33 18.47 38.34
C VAL C 11 -0.86 17.60 37.20
N LYS C 12 0.01 17.32 36.22
CA LYS C 12 -0.37 16.50 35.09
C LYS C 12 0.44 15.20 35.06
N ARG C 13 -0.26 14.08 34.94
CA ARG C 13 0.39 12.77 34.94
C ARG C 13 0.16 12.03 33.63
N TYR C 14 1.22 11.45 33.09
CA TYR C 14 1.13 10.58 31.92
C TYR C 14 1.62 9.19 32.29
N ASP C 15 0.70 8.24 32.33
CA ASP C 15 1.02 6.86 32.69
C ASP C 15 1.82 6.80 33.99
N LYS C 16 1.36 7.58 34.97
CA LYS C 16 1.96 7.68 36.30
C LYS C 16 3.39 8.25 36.30
N THR C 17 3.75 8.99 35.27
CA THR C 17 5.10 9.56 35.19
C THR C 17 5.21 10.94 35.82
N THR C 18 4.07 11.57 36.10
CA THR C 18 4.03 12.90 36.73
C THR C 18 4.85 13.95 35.99
N VAL C 19 4.34 14.42 34.85
CA VAL C 19 5.06 15.38 34.01
C VAL C 19 5.30 16.71 34.73
N VAL C 20 4.23 17.31 35.24
CA VAL C 20 4.34 18.57 35.98
C VAL C 20 3.94 18.34 37.43
N HIS C 21 4.65 18.99 38.35
CA HIS C 21 4.42 18.77 39.78
C HIS C 21 4.03 20.04 40.52
N GLY C 22 2.78 20.11 40.98
CA GLY C 22 2.31 21.17 41.84
C GLY C 22 2.59 22.60 41.42
N VAL C 23 2.32 22.91 40.16
CA VAL C 23 2.56 24.25 39.65
C VAL C 23 1.48 25.22 40.13
N SER C 24 1.91 26.32 40.76
CA SER C 24 0.97 27.33 41.24
C SER C 24 1.39 28.73 40.81
N LEU C 25 0.51 29.41 40.08
CA LEU C 25 0.78 30.77 39.63
C LEU C 25 -0.51 31.58 39.54
N ASP C 26 -0.47 32.83 39.96
CA ASP C 26 -1.64 33.70 39.86
C ASP C 26 -1.39 34.82 38.85
N ILE C 27 -2.31 34.99 37.91
CA ILE C 27 -2.15 35.96 36.84
C ILE C 27 -3.23 37.04 36.85
N GLU C 28 -2.80 38.28 37.08
CA GLU C 28 -3.70 39.43 37.10
C GLU C 28 -4.25 39.71 35.70
N PRO C 29 -5.41 40.37 35.62
CA PRO C 29 -6.03 40.68 34.33
C PRO C 29 -5.16 41.58 33.45
N GLY C 30 -5.02 41.21 32.17
CA GLY C 30 -4.28 41.99 31.21
C GLY C 30 -2.77 41.92 31.39
N GLU C 31 -2.32 40.99 32.22
CA GLU C 31 -0.90 40.84 32.51
C GLU C 31 -0.22 39.90 31.53
N PHE C 32 1.01 40.23 31.13
CA PHE C 32 1.78 39.38 30.25
C PHE C 32 2.73 38.51 31.06
N VAL C 33 2.48 37.21 31.07
CA VAL C 33 3.29 36.27 31.83
C VAL C 33 3.84 35.18 30.92
N VAL C 34 5.15 34.94 30.99
CA VAL C 34 5.78 33.98 30.10
C VAL C 34 6.35 32.77 30.82
N LEU C 35 5.84 31.59 30.48
CA LEU C 35 6.42 30.34 30.95
C LEU C 35 7.64 30.03 30.09
N VAL C 36 8.81 29.93 30.70
CA VAL C 36 10.03 29.69 29.94
C VAL C 36 10.93 28.65 30.61
N GLY C 37 11.63 27.88 29.79
CA GLY C 37 12.54 26.87 30.29
C GLY C 37 13.05 25.96 29.19
N PRO C 38 13.84 24.95 29.55
CA PRO C 38 14.36 23.99 28.56
C PRO C 38 13.27 23.03 28.08
N SER C 39 13.62 22.15 27.15
CA SER C 39 12.67 21.16 26.64
C SER C 39 12.28 20.16 27.72
N GLY C 40 11.10 19.58 27.60
CA GLY C 40 10.68 18.48 28.47
C GLY C 40 9.82 18.82 29.67
N CYS C 41 9.85 20.07 30.12
CA CYS C 41 9.04 20.47 31.27
C CYS C 41 7.57 20.57 30.89
N GLY C 42 6.73 20.88 31.86
CA GLY C 42 5.29 20.86 31.68
C GLY C 42 4.64 22.21 31.44
N LYS C 43 5.43 23.18 31.00
CA LYS C 43 4.92 24.51 30.71
C LYS C 43 3.97 24.51 29.50
N SER C 44 4.33 23.79 28.45
CA SER C 44 3.44 23.64 27.31
C SER C 44 2.26 22.77 27.75
N THR C 45 2.54 21.82 28.63
CA THR C 45 1.51 20.96 29.20
C THR C 45 0.59 21.77 30.10
N THR C 46 1.16 22.76 30.80
CA THR C 46 0.39 23.64 31.65
C THR C 46 -0.55 24.51 30.81
N LEU C 47 0.02 25.13 29.78
CA LEU C 47 -0.74 25.97 28.87
C LEU C 47 -1.87 25.18 28.22
N ARG C 48 -1.58 23.94 27.83
CA ARG C 48 -2.57 23.07 27.23
C ARG C 48 -3.64 22.67 28.24
N MET C 49 -3.24 22.56 29.51
CA MET C 49 -4.20 22.26 30.56
C MET C 49 -5.15 23.44 30.79
N VAL C 50 -4.63 24.65 30.63
CA VAL C 50 -5.47 25.84 30.69
C VAL C 50 -6.41 25.85 29.49
N ALA C 51 -5.88 25.46 28.33
CA ALA C 51 -6.65 25.41 27.10
C ALA C 51 -7.72 24.32 27.16
N GLY C 52 -7.44 23.27 27.92
CA GLY C 52 -8.34 22.15 28.02
C GLY C 52 -8.02 21.06 27.02
N LEU C 53 -6.91 21.22 26.31
CA LEU C 53 -6.48 20.24 25.34
C LEU C 53 -5.94 19.00 26.05
N GLU C 54 -5.43 19.20 27.27
CA GLU C 54 -5.00 18.09 28.10
C GLU C 54 -5.77 18.09 29.41
N GLU C 55 -5.98 16.91 29.96
CA GLU C 55 -6.77 16.77 31.18
C GLU C 55 -5.95 17.20 32.40
N ILE C 56 -6.65 17.73 33.40
CA ILE C 56 -6.00 18.11 34.65
C ILE C 56 -6.08 16.93 35.63
N SER C 57 -4.92 16.39 35.98
CA SER C 57 -4.86 15.19 36.82
C SER C 57 -4.94 15.53 38.29
N GLY C 58 -4.83 16.81 38.62
CA GLY C 58 -4.92 17.26 39.99
C GLY C 58 -4.73 18.76 40.10
N GLY C 59 -5.19 19.33 41.22
CA GLY C 59 -5.15 20.76 41.40
C GLY C 59 -6.30 21.42 40.67
N THR C 60 -6.45 22.73 40.83
CA THR C 60 -7.55 23.44 40.19
C THR C 60 -7.11 24.75 39.53
N ILE C 61 -7.60 24.98 38.32
CA ILE C 61 -7.32 26.21 37.60
C ILE C 61 -8.63 26.89 37.23
N ARG C 62 -8.66 28.21 37.31
CA ARG C 62 -9.91 28.94 37.05
C ARG C 62 -9.67 30.32 36.43
N ILE C 63 -10.65 30.77 35.67
CA ILE C 63 -10.65 32.13 35.13
C ILE C 63 -11.74 32.92 35.83
N ASP C 64 -11.35 34.00 36.49
CA ASP C 64 -12.24 34.74 37.38
C ASP C 64 -12.82 33.80 38.43
N GLY C 65 -14.13 33.84 38.62
CA GLY C 65 -14.78 32.97 39.59
C GLY C 65 -14.97 31.55 39.10
N ARG C 66 -15.33 31.40 37.82
CA ARG C 66 -15.62 30.10 37.24
C ARG C 66 -14.41 29.18 37.14
N VAL C 67 -14.57 27.95 37.62
CA VAL C 67 -13.56 26.91 37.47
C VAL C 67 -13.71 26.19 36.13
N ILE C 68 -12.66 26.21 35.32
CA ILE C 68 -12.72 25.68 33.96
C ILE C 68 -12.26 24.23 33.86
N ASN C 69 -11.96 23.62 35.01
CA ASN C 69 -11.42 22.25 35.06
C ASN C 69 -12.21 21.20 34.29
N ASP C 70 -13.52 21.15 34.51
CA ASP C 70 -14.37 20.21 33.79
C ASP C 70 -15.05 20.85 32.59
N LEU C 71 -14.74 22.13 32.36
CA LEU C 71 -15.32 22.87 31.25
C LEU C 71 -14.72 22.46 29.91
N ALA C 72 -15.44 22.77 28.84
CA ALA C 72 -14.94 22.57 27.48
C ALA C 72 -14.16 23.79 27.01
N PRO C 73 -13.12 23.57 26.17
CA PRO C 73 -12.28 24.66 25.65
C PRO C 73 -13.10 25.72 24.94
N LYS C 74 -14.19 25.30 24.29
CA LYS C 74 -15.11 26.22 23.64
C LYS C 74 -15.69 27.18 24.67
N ASP C 75 -15.97 26.66 25.86
CA ASP C 75 -16.62 27.45 26.92
C ASP C 75 -15.61 28.07 27.88
N ARG C 76 -14.33 27.79 27.65
CA ARG C 76 -13.26 28.27 28.53
C ARG C 76 -12.95 29.75 28.27
N ASP C 77 -13.51 30.29 27.20
CA ASP C 77 -13.30 31.69 26.82
C ASP C 77 -11.81 31.99 26.62
N VAL C 78 -11.11 31.07 25.97
CA VAL C 78 -9.70 31.26 25.66
C VAL C 78 -9.42 31.02 24.18
N ALA C 79 -8.33 31.58 23.68
CA ALA C 79 -7.93 31.35 22.30
C ALA C 79 -6.44 31.06 22.20
N MET C 80 -6.10 29.98 21.51
CA MET C 80 -4.71 29.52 21.47
C MET C 80 -4.06 29.68 20.10
N VAL C 81 -2.78 30.08 20.12
CA VAL C 81 -1.96 30.12 18.92
C VAL C 81 -0.92 29.01 19.02
N PHE C 82 -1.06 28.01 18.16
CA PHE C 82 -0.16 26.86 18.14
C PHE C 82 1.12 27.19 17.41
N GLN C 83 2.19 26.47 17.72
CA GLN C 83 3.49 26.76 17.12
C GLN C 83 3.56 26.42 15.64
N ASN C 84 2.95 25.31 15.21
CA ASN C 84 3.04 24.96 13.80
C ASN C 84 1.77 25.12 12.99
N TYR C 85 1.68 26.21 12.22
CA TYR C 85 0.77 26.31 11.06
C TYR C 85 -0.64 25.75 11.30
N ALA C 86 -1.46 26.45 12.07
CA ALA C 86 -2.80 25.98 12.40
C ALA C 86 -3.87 26.34 11.37
N LEU C 87 -3.46 26.84 10.21
CA LEU C 87 -4.41 27.22 9.17
C LEU C 87 -4.62 26.10 8.15
N TYR C 88 -5.85 25.96 7.68
CA TYR C 88 -6.24 24.89 6.78
C TYR C 88 -5.92 25.25 5.33
N PRO C 89 -5.26 24.33 4.61
CA PRO C 89 -4.74 24.61 3.27
C PRO C 89 -5.80 24.76 2.17
N HIS C 90 -6.95 24.12 2.31
CA HIS C 90 -7.97 24.20 1.27
C HIS C 90 -8.74 25.51 1.36
N LEU C 91 -8.96 25.98 2.58
CA LEU C 91 -9.67 27.24 2.80
C LEU C 91 -8.76 28.44 2.58
N ASN C 92 -9.35 29.57 2.19
CA ASN C 92 -8.62 30.82 2.06
C ASN C 92 -8.34 31.44 3.43
N VAL C 93 -7.58 32.52 3.44
CA VAL C 93 -7.23 33.22 4.68
C VAL C 93 -8.46 33.71 5.43
N ARG C 94 -9.38 34.35 4.71
CA ARG C 94 -10.63 34.82 5.31
C ARG C 94 -11.43 33.68 5.94
N ASP C 95 -11.48 32.55 5.23
CA ASP C 95 -12.18 31.37 5.73
C ASP C 95 -11.48 30.78 6.94
N ASN C 96 -10.15 30.88 6.97
CA ASN C 96 -9.38 30.42 8.12
C ASN C 96 -9.65 31.29 9.34
N ILE C 97 -9.75 32.59 9.13
CA ILE C 97 -10.04 33.52 10.22
C ILE C 97 -11.44 33.31 10.76
N SER C 98 -12.41 33.18 9.86
CA SER C 98 -13.80 33.07 10.26
C SER C 98 -14.19 31.63 10.61
N PHE C 99 -13.24 30.71 10.47
CA PHE C 99 -13.49 29.29 10.66
C PHE C 99 -14.20 28.95 11.96
N GLY C 100 -13.79 29.60 13.05
CA GLY C 100 -14.37 29.34 14.35
C GLY C 100 -15.81 29.81 14.48
N LEU C 101 -16.11 30.96 13.86
CA LEU C 101 -17.46 31.52 13.96
C LEU C 101 -18.42 30.86 12.99
N ARG C 102 -17.88 30.19 11.97
CA ARG C 102 -18.69 29.50 10.97
C ARG C 102 -19.25 28.17 11.46
N LEU C 103 -18.79 27.74 12.63
CA LEU C 103 -19.26 26.47 13.20
C LEU C 103 -20.77 26.56 13.46
N LYS C 104 -21.19 27.62 14.15
CA LYS C 104 -22.61 27.86 14.34
C LYS C 104 -23.04 28.89 13.29
N ARG C 105 -22.06 29.29 12.48
CA ARG C 105 -22.20 30.22 11.35
C ARG C 105 -22.57 31.64 11.77
N THR C 106 -23.10 31.79 12.99
CA THR C 106 -23.54 33.07 13.54
C THR C 106 -24.34 33.91 12.55
N LYS C 107 -24.21 35.23 12.64
CA LYS C 107 -24.73 36.14 11.63
C LYS C 107 -23.60 36.44 10.64
N LYS C 108 -23.95 36.63 9.36
CA LYS C 108 -22.97 36.98 8.34
C LYS C 108 -22.21 38.30 8.58
N SER C 109 -22.93 39.34 8.97
CA SER C 109 -22.30 40.64 9.20
C SER C 109 -21.38 40.63 10.42
N VAL C 110 -21.57 39.63 11.28
CA VAL C 110 -20.74 39.49 12.48
C VAL C 110 -19.36 38.96 12.11
N ILE C 111 -19.34 37.88 11.33
CA ILE C 111 -18.06 37.36 10.83
C ILE C 111 -17.43 38.36 9.87
N ASP C 112 -18.24 39.14 9.15
CA ASP C 112 -17.68 40.08 8.20
C ASP C 112 -16.95 41.20 8.95
N ALA C 113 -17.63 41.76 9.95
CA ALA C 113 -17.04 42.83 10.76
C ALA C 113 -15.83 42.32 11.54
N ALA C 114 -15.94 41.09 12.03
CA ALA C 114 -14.88 40.45 12.82
C ALA C 114 -13.61 40.26 11.98
N VAL C 115 -13.76 39.63 10.82
CA VAL C 115 -12.62 39.39 9.94
C VAL C 115 -12.07 40.73 9.45
N LYS C 116 -12.94 41.72 9.31
CA LYS C 116 -12.51 43.05 8.90
C LYS C 116 -11.57 43.65 9.94
N THR C 117 -12.02 43.66 11.19
CA THR C 117 -11.21 44.21 12.28
C THR C 117 -9.90 43.44 12.46
N ALA C 118 -9.98 42.12 12.41
CA ALA C 118 -8.80 41.27 12.58
C ALA C 118 -7.77 41.54 11.49
N ALA C 119 -8.24 41.56 10.24
CA ALA C 119 -7.37 41.77 9.10
C ALA C 119 -6.79 43.19 9.12
N ASP C 120 -7.53 44.12 9.73
CA ASP C 120 -7.03 45.49 9.86
C ASP C 120 -5.91 45.53 10.90
N ILE C 121 -6.11 44.81 12.00
CA ILE C 121 -5.11 44.75 13.06
C ILE C 121 -3.80 44.12 12.60
N LEU C 122 -3.89 42.95 11.98
CA LEU C 122 -2.68 42.23 11.54
C LEU C 122 -2.22 42.54 10.11
N GLY C 123 -2.99 43.34 9.38
CA GLY C 123 -2.60 43.70 8.02
C GLY C 123 -2.81 42.49 7.12
N LEU C 124 -3.89 41.78 7.40
CA LEU C 124 -4.29 40.59 6.64
C LEU C 124 -5.32 40.93 5.59
N GLN C 125 -5.54 42.22 5.38
CA GLN C 125 -6.49 42.70 4.37
C GLN C 125 -6.09 42.30 2.94
N PRO C 126 -4.84 42.56 2.51
CA PRO C 126 -4.58 42.15 1.13
C PRO C 126 -4.52 40.63 0.97
N LEU C 127 -4.23 39.93 2.06
CA LEU C 127 -4.07 38.48 2.04
C LEU C 127 -5.40 37.74 2.18
N LEU C 128 -6.49 38.49 2.30
CA LEU C 128 -7.83 37.92 2.51
C LEU C 128 -8.26 36.86 1.50
N GLU C 129 -7.97 37.07 0.22
CA GLU C 129 -8.33 36.08 -0.80
C GLU C 129 -7.18 35.14 -1.13
N ARG C 130 -6.05 35.32 -0.46
CA ARG C 130 -4.88 34.46 -0.67
C ARG C 130 -5.10 33.10 -0.02
N LYS C 131 -4.31 32.11 -0.43
CA LYS C 131 -4.37 30.78 0.18
C LYS C 131 -3.06 30.43 0.88
N PRO C 132 -3.16 29.66 1.98
CA PRO C 132 -2.01 29.23 2.80
C PRO C 132 -0.97 28.46 2.01
N SER C 133 -1.33 27.95 0.84
CA SER C 133 -0.40 27.23 -0.02
C SER C 133 0.82 28.08 -0.29
N ASP C 134 0.60 29.29 -0.80
CA ASP C 134 1.69 30.24 -0.95
C ASP C 134 1.55 31.36 0.09
N LEU C 135 2.39 31.30 1.11
CA LEU C 135 2.45 32.33 2.16
C LEU C 135 3.77 32.24 2.89
N SER C 136 4.15 33.32 3.58
CA SER C 136 5.29 33.28 4.47
C SER C 136 4.91 32.59 5.77
N GLY C 137 5.90 32.17 6.55
CA GLY C 137 5.64 31.54 7.84
C GLY C 137 5.07 32.57 8.80
N GLY C 138 5.66 33.75 8.79
CA GLY C 138 5.21 34.85 9.64
C GLY C 138 3.79 35.27 9.31
N GLN C 139 3.43 35.19 8.03
CA GLN C 139 2.08 35.52 7.60
C GLN C 139 1.09 34.47 8.09
N ARG C 140 1.52 33.22 8.09
CA ARG C 140 0.70 32.14 8.60
C ARG C 140 0.46 32.31 10.10
N GLN C 141 1.52 32.69 10.81
CA GLN C 141 1.39 32.91 12.24
C GLN C 141 0.52 34.14 12.50
N ARG C 142 0.56 35.09 11.58
CA ARG C 142 -0.24 36.31 11.69
C ARG C 142 -1.73 36.03 11.50
N VAL C 143 -2.07 35.23 10.49
CA VAL C 143 -3.48 34.89 10.27
C VAL C 143 -3.96 33.95 11.38
N ALA C 144 -3.04 33.15 11.91
CA ALA C 144 -3.33 32.32 13.08
C ALA C 144 -3.73 33.20 14.26
N MET C 145 -2.94 34.26 14.48
CA MET C 145 -3.27 35.23 15.52
C MET C 145 -4.55 35.98 15.17
N GLY C 146 -4.86 36.07 13.89
CA GLY C 146 -6.08 36.71 13.44
C GLY C 146 -7.32 35.95 13.86
N ARG C 147 -7.34 34.64 13.56
CA ARG C 147 -8.45 33.80 13.99
C ARG C 147 -8.42 33.64 15.51
N ALA C 148 -7.26 33.83 16.11
CA ALA C 148 -7.13 33.79 17.56
C ALA C 148 -7.88 34.97 18.19
N ILE C 149 -7.64 36.18 17.69
CA ILE C 149 -8.25 37.37 18.27
C ILE C 149 -9.68 37.58 17.78
N VAL C 150 -10.04 36.88 16.71
CA VAL C 150 -11.37 37.04 16.13
C VAL C 150 -12.43 36.42 17.04
N ARG C 151 -11.98 35.58 17.96
CA ARG C 151 -12.88 34.94 18.92
C ARG C 151 -13.19 35.88 20.08
N ASP C 152 -12.30 36.85 20.29
CA ASP C 152 -12.39 37.79 21.41
C ASP C 152 -12.56 37.05 22.75
N PRO C 153 -11.51 36.34 23.19
CA PRO C 153 -11.59 35.53 24.41
C PRO C 153 -11.18 36.31 25.66
N LYS C 154 -11.22 35.65 26.80
CA LYS C 154 -10.72 36.24 28.04
C LYS C 154 -9.20 36.12 28.12
N VAL C 155 -8.67 35.01 27.60
CA VAL C 155 -7.24 34.73 27.68
C VAL C 155 -6.63 34.32 26.34
N PHE C 156 -5.52 34.95 25.99
CA PHE C 156 -4.72 34.56 24.83
C PHE C 156 -3.59 33.61 25.25
N LEU C 157 -3.66 32.38 24.77
CA LEU C 157 -2.61 31.40 25.02
C LEU C 157 -1.69 31.30 23.80
N PHE C 158 -0.39 31.35 24.05
CA PHE C 158 0.58 31.22 22.96
C PHE C 158 1.53 30.07 23.24
N ASP C 159 1.60 29.09 22.34
CA ASP C 159 2.52 27.99 22.54
C ASP C 159 3.66 28.04 21.53
N GLN C 160 4.84 28.42 22.00
CA GLN C 160 6.05 28.55 21.19
C GLN C 160 5.81 29.04 19.76
N PRO C 161 5.11 30.18 19.61
CA PRO C 161 4.60 30.55 18.28
C PRO C 161 5.69 30.93 17.28
N LEU C 162 6.82 31.44 17.78
CA LEU C 162 7.88 31.93 16.91
C LEU C 162 8.99 30.91 16.67
N SER C 163 8.86 29.73 17.27
CA SER C 163 9.93 28.73 17.24
C SER C 163 10.28 28.23 15.83
N ASN C 164 9.31 28.25 14.93
CA ASN C 164 9.52 27.73 13.58
C ASN C 164 10.02 28.77 12.58
N LEU C 165 10.29 29.98 13.05
CA LEU C 165 10.69 31.05 12.15
C LEU C 165 12.20 31.34 12.26
N ASP C 166 12.70 32.17 11.35
CA ASP C 166 14.10 32.60 11.39
C ASP C 166 14.28 33.67 12.45
N ALA C 167 15.52 33.83 12.91
CA ALA C 167 15.83 34.78 13.98
C ALA C 167 15.33 36.20 13.70
N LYS C 168 15.54 36.65 12.46
CA LYS C 168 15.06 37.97 12.05
C LYS C 168 13.53 38.05 12.13
N LEU C 169 12.87 37.01 11.65
CA LEU C 169 11.42 36.95 11.68
C LEU C 169 10.94 36.81 13.11
N ARG C 170 11.71 36.09 13.92
CA ARG C 170 11.37 35.92 15.33
C ARG C 170 11.38 37.28 16.02
N THR C 171 12.39 38.08 15.70
CA THR C 171 12.53 39.41 16.28
C THR C 171 11.39 40.34 15.85
N GLN C 172 11.15 40.38 14.54
CA GLN C 172 10.10 41.24 14.00
C GLN C 172 8.73 40.87 14.57
N MET C 173 8.42 39.58 14.53
CA MET C 173 7.16 39.08 15.08
C MET C 173 7.08 39.32 16.58
N ARG C 174 8.23 39.30 17.25
CA ARG C 174 8.27 39.57 18.68
C ARG C 174 7.83 41.01 18.96
N ALA C 175 8.43 41.95 18.24
CA ALA C 175 8.06 43.36 18.36
C ALA C 175 6.59 43.58 18.02
N GLU C 176 6.13 42.95 16.95
CA GLU C 176 4.74 43.06 16.54
C GLU C 176 3.78 42.49 17.58
N ILE C 177 4.22 41.43 18.27
CA ILE C 177 3.42 40.82 19.32
C ILE C 177 3.31 41.75 20.52
N LYS C 178 4.44 42.33 20.92
CA LYS C 178 4.45 43.29 22.01
C LYS C 178 3.52 44.46 21.70
N ARG C 179 3.63 44.97 20.47
CA ARG C 179 2.77 46.06 20.02
C ARG C 179 1.29 45.66 20.06
N LEU C 180 1.00 44.44 19.64
CA LEU C 180 -0.35 43.90 19.62
C LEU C 180 -0.93 43.87 21.03
N HIS C 181 -0.12 43.43 21.99
CA HIS C 181 -0.57 43.39 23.38
C HIS C 181 -0.75 44.80 23.90
N GLN C 182 0.07 45.73 23.41
CA GLN C 182 -0.07 47.13 23.78
C GLN C 182 -1.40 47.67 23.25
N ARG C 183 -1.90 47.08 22.16
CA ARG C 183 -3.17 47.50 21.60
C ARG C 183 -4.35 46.86 22.34
N LEU C 184 -4.48 45.54 22.23
CA LEU C 184 -5.60 44.82 22.82
C LEU C 184 -5.60 44.85 24.35
N GLY C 185 -4.48 44.45 24.94
CA GLY C 185 -4.32 44.52 26.39
C GLY C 185 -4.99 43.38 27.12
N THR C 186 -5.31 42.31 26.39
CA THR C 186 -5.94 41.13 26.98
C THR C 186 -4.93 40.31 27.78
N THR C 187 -5.42 39.56 28.77
CA THR C 187 -4.58 38.67 29.57
C THR C 187 -3.99 37.60 28.66
N VAL C 188 -2.68 37.40 28.74
CA VAL C 188 -2.01 36.47 27.83
C VAL C 188 -0.92 35.65 28.50
N ILE C 189 -0.95 34.34 28.28
CA ILE C 189 0.10 33.44 28.75
C ILE C 189 0.94 33.00 27.57
N TYR C 190 2.26 33.02 27.73
CA TYR C 190 3.17 32.85 26.60
C TYR C 190 4.21 31.76 26.91
N VAL C 191 4.43 30.86 25.96
CA VAL C 191 5.36 29.75 26.15
C VAL C 191 6.58 29.87 25.23
N THR C 192 7.77 29.77 25.81
CA THR C 192 9.00 29.92 25.04
C THR C 192 10.14 29.02 25.51
N HIS C 193 10.92 28.53 24.55
CA HIS C 193 12.18 27.86 24.86
C HIS C 193 13.31 28.88 24.83
N ASP C 194 12.98 30.09 24.36
CA ASP C 194 13.94 31.17 24.21
C ASP C 194 13.83 32.15 25.37
N GLN C 195 14.99 32.54 25.91
CA GLN C 195 15.05 33.49 27.01
C GLN C 195 14.70 34.90 26.56
N VAL C 196 15.11 35.24 25.34
CA VAL C 196 14.94 36.60 24.81
C VAL C 196 13.48 37.04 24.79
N GLU C 197 12.61 36.20 24.23
CA GLU C 197 11.19 36.51 24.15
C GLU C 197 10.58 36.68 25.53
N ALA C 198 11.05 35.86 26.48
CA ALA C 198 10.60 35.95 27.86
C ALA C 198 10.98 37.30 28.48
N MET C 199 12.25 37.69 28.28
CA MET C 199 12.74 38.95 28.84
C MET C 199 12.02 40.17 28.24
N THR C 200 11.83 40.15 26.92
CA THR C 200 11.24 41.28 26.23
C THR C 200 9.73 41.41 26.45
N LEU C 201 8.99 40.33 26.23
CA LEU C 201 7.53 40.41 26.20
C LEU C 201 6.87 40.42 27.57
N ALA C 202 7.39 39.62 28.49
CA ALA C 202 6.72 39.36 29.76
C ALA C 202 6.69 40.55 30.71
N ASP C 203 5.54 40.73 31.36
CA ASP C 203 5.45 41.56 32.55
C ASP C 203 6.00 40.76 33.72
N ARG C 204 5.75 39.45 33.67
CA ARG C 204 6.33 38.52 34.64
C ARG C 204 6.85 37.26 33.95
N ILE C 205 8.08 36.87 34.30
CA ILE C 205 8.66 35.66 33.77
C ILE C 205 8.60 34.54 34.82
N VAL C 206 8.14 33.37 34.39
CA VAL C 206 8.14 32.20 35.26
C VAL C 206 8.93 31.08 34.61
N VAL C 207 10.01 30.69 35.26
CA VAL C 207 10.90 29.64 34.76
C VAL C 207 10.42 28.28 35.26
N MET C 208 10.44 27.29 34.39
CA MET C 208 9.95 25.95 34.72
C MET C 208 10.93 24.87 34.29
N ARG C 209 11.26 23.96 35.20
CA ARG C 209 12.15 22.85 34.90
C ARG C 209 11.65 21.55 35.51
N ASP C 210 11.54 20.52 34.67
CA ASP C 210 11.11 19.17 35.06
C ASP C 210 9.77 19.16 35.79
N GLY C 211 8.88 20.07 35.38
CA GLY C 211 7.57 20.22 35.99
C GLY C 211 7.54 21.15 37.17
N LEU C 212 8.68 21.29 37.84
CA LEU C 212 8.79 22.17 38.99
C LEU C 212 9.01 23.62 38.57
N ILE C 213 8.18 24.54 39.07
CA ILE C 213 8.38 25.94 38.78
C ILE C 213 9.57 26.41 39.61
N GLU C 214 10.61 26.90 38.94
CA GLU C 214 11.85 27.25 39.62
C GLU C 214 11.78 28.61 40.32
N GLN C 215 11.21 29.60 39.64
CA GLN C 215 11.11 30.95 40.17
C GLN C 215 10.10 31.78 39.38
N ILE C 216 9.59 32.86 39.99
CA ILE C 216 8.77 33.81 39.27
C ILE C 216 9.35 35.20 39.49
N GLY C 217 8.76 36.20 38.84
CA GLY C 217 9.20 37.57 39.05
C GLY C 217 9.26 38.37 37.76
N LYS C 218 9.56 39.66 37.89
CA LYS C 218 9.78 40.52 36.74
C LYS C 218 11.08 40.11 36.04
N PRO C 219 11.21 40.42 34.74
CA PRO C 219 12.42 40.07 33.99
C PRO C 219 13.72 40.55 34.65
N MET C 220 13.70 41.77 35.14
CA MET C 220 14.88 42.34 35.80
C MET C 220 15.10 41.72 37.17
N ASP C 221 14.04 41.19 37.78
CA ASP C 221 14.16 40.51 39.06
C ASP C 221 14.88 39.18 38.88
N LEU C 222 14.63 38.52 37.76
CA LEU C 222 15.29 37.26 37.44
C LEU C 222 16.72 37.51 36.97
N PHE C 223 16.90 38.60 36.22
CA PHE C 223 18.22 38.93 35.69
C PHE C 223 19.19 39.35 36.78
N LEU C 224 18.76 40.29 37.62
CA LEU C 224 19.61 40.82 38.68
C LEU C 224 19.71 39.85 39.86
N HIS C 225 18.59 39.26 40.25
CA HIS C 225 18.55 38.41 41.43
C HIS C 225 17.97 37.03 41.14
N PRO C 226 18.77 36.13 40.53
CA PRO C 226 18.32 34.76 40.29
C PRO C 226 18.21 33.98 41.60
N ALA C 227 17.19 33.14 41.71
CA ALA C 227 16.95 32.39 42.93
C ALA C 227 17.98 31.27 43.09
N ASN C 228 18.47 30.76 41.97
CA ASN C 228 19.43 29.67 41.99
C ASN C 228 20.44 29.75 40.85
N THR C 229 21.29 28.72 40.74
CA THR C 229 22.34 28.70 39.74
C THR C 229 21.77 28.42 38.34
N PHE C 230 20.63 27.74 38.29
CA PHE C 230 20.00 27.42 37.02
C PHE C 230 19.36 28.65 36.39
N VAL C 231 18.58 29.38 37.19
CA VAL C 231 17.97 30.61 36.72
C VAL C 231 19.05 31.59 36.29
N ALA C 232 20.13 31.63 37.06
CA ALA C 232 21.28 32.47 36.74
C ALA C 232 21.88 32.07 35.40
N SER C 233 21.99 30.76 35.18
CA SER C 233 22.56 30.24 33.95
C SER C 233 21.65 30.46 32.75
N PHE C 234 20.36 30.66 33.00
CA PHE C 234 19.37 30.75 31.94
C PHE C 234 19.28 32.14 31.29
N ILE C 235 18.87 33.13 32.06
CA ILE C 235 18.59 34.46 31.50
C ILE C 235 19.84 35.22 31.03
N GLY C 236 19.71 35.84 29.87
CA GLY C 236 20.75 36.68 29.28
C GLY C 236 21.24 36.09 27.97
N SER C 237 21.85 36.93 27.14
CA SER C 237 22.38 36.43 25.87
C SER C 237 23.61 35.52 26.06
N PRO C 238 24.66 36.00 26.76
CA PRO C 238 25.63 34.97 27.17
C PRO C 238 25.15 34.26 28.41
N PRO C 239 25.57 33.00 28.61
CA PRO C 239 25.30 32.36 29.90
C PRO C 239 26.20 32.94 30.99
N MET C 240 25.69 33.04 32.21
CA MET C 240 26.49 33.51 33.33
C MET C 240 27.57 32.46 33.57
N ASN C 241 28.78 32.89 33.88
CA ASN C 241 29.93 31.99 33.95
C ASN C 241 29.79 30.81 34.92
N LEU C 242 29.55 31.09 36.20
CA LEU C 242 29.32 30.02 37.18
C LEU C 242 30.44 28.99 37.28
N MET C 243 31.51 29.34 37.99
CA MET C 243 32.62 28.43 38.22
C MET C 243 32.82 28.22 39.72
N PRO C 244 33.28 27.03 40.13
CA PRO C 244 33.45 26.71 41.54
C PRO C 244 34.48 27.62 42.25
N ALA C 245 34.23 27.87 43.53
CA ALA C 245 35.05 28.76 44.33
C ALA C 245 34.95 28.42 45.82
N ARG C 246 35.89 28.96 46.60
CA ARG C 246 35.94 28.73 48.03
C ARG C 246 36.17 30.03 48.79
N ILE C 247 36.31 29.93 50.11
CA ILE C 247 36.46 31.11 50.96
C ILE C 247 37.70 31.01 51.85
N ALA C 248 37.76 29.98 52.68
CA ALA C 248 38.92 29.70 53.54
C ALA C 248 39.27 30.81 54.54
N VAL C 249 40.34 31.56 54.26
CA VAL C 249 40.93 32.47 55.24
C VAL C 249 39.98 33.56 55.73
N ASP C 250 39.61 34.49 54.85
CA ASP C 250 38.72 35.57 55.22
C ASP C 250 37.31 35.32 54.68
N SER C 251 36.30 35.60 55.50
CA SER C 251 34.94 35.20 55.18
C SER C 251 34.15 36.21 54.33
N THR C 252 33.73 37.30 54.97
CA THR C 252 32.81 38.24 54.32
C THR C 252 33.49 39.17 53.32
N GLN C 253 34.79 39.41 53.52
CA GLN C 253 35.52 40.34 52.66
C GLN C 253 35.98 39.66 51.37
N HIS C 254 36.75 38.59 51.49
CA HIS C 254 37.35 37.95 50.33
C HIS C 254 36.82 36.54 50.06
N VAL C 255 36.79 36.17 48.78
CA VAL C 255 36.42 34.84 48.33
C VAL C 255 37.32 34.41 47.17
N GLU C 256 37.85 33.21 47.24
CA GLU C 256 38.87 32.78 46.28
C GLU C 256 38.38 31.66 45.35
N LEU C 257 38.93 31.60 44.14
CA LEU C 257 38.54 30.58 43.18
C LEU C 257 39.73 29.85 42.56
N ASN C 258 39.38 28.89 41.70
CA ASN C 258 40.24 27.77 41.28
C ASN C 258 41.64 28.10 40.77
N GLY C 259 41.80 29.18 40.01
CA GLY C 259 43.08 29.50 39.44
C GLY C 259 44.04 30.04 40.49
N GLY C 260 43.64 29.94 41.76
CA GLY C 260 44.40 30.48 42.86
C GLY C 260 44.04 31.94 43.02
N ASN C 261 43.00 32.35 42.30
CA ASN C 261 42.62 33.76 42.29
C ASN C 261 41.83 34.16 43.52
N ARG C 262 41.88 35.45 43.87
CA ARG C 262 41.16 35.92 45.04
C ARG C 262 40.44 37.23 44.73
N ILE C 263 39.17 37.28 45.11
CA ILE C 263 38.30 38.41 44.80
C ILE C 263 37.64 38.95 46.06
N SER C 264 37.82 40.24 46.34
CA SER C 264 37.15 40.84 47.49
C SER C 264 35.66 41.03 47.22
N LEU C 265 34.88 41.06 48.29
CA LEU C 265 33.42 41.15 48.17
C LEU C 265 32.88 42.34 48.97
N LEU C 266 31.87 42.99 48.40
CA LEU C 266 31.16 44.07 49.09
C LEU C 266 30.43 43.51 50.31
N PRO C 267 30.24 44.35 51.35
CA PRO C 267 29.67 43.89 52.62
C PRO C 267 28.32 43.21 52.45
N ARG C 268 27.42 43.81 51.68
CA ARG C 268 26.11 43.22 51.39
C ARG C 268 25.40 42.73 52.64
N ALA C 269 24.94 43.66 53.47
CA ALA C 269 24.31 43.32 54.74
C ALA C 269 23.13 42.36 54.57
N GLY C 270 23.04 41.38 55.46
CA GLY C 270 22.00 40.38 55.40
C GLY C 270 22.47 39.06 54.81
N THR C 271 23.77 38.95 54.58
CA THR C 271 24.34 37.75 53.97
C THR C 271 24.76 36.72 55.00
N HIS C 272 25.73 37.10 55.84
CA HIS C 272 26.38 36.24 56.84
C HIS C 272 26.82 34.91 56.24
N LEU C 273 27.74 34.98 55.28
CA LEU C 273 28.39 33.80 54.71
C LEU C 273 29.46 33.28 55.66
N ALA C 274 29.82 32.02 55.52
CA ALA C 274 30.80 31.39 56.41
C ALA C 274 32.04 30.95 55.64
N PRO C 275 33.22 31.05 56.29
CA PRO C 275 34.50 30.70 55.67
C PRO C 275 34.73 29.20 55.53
N GLY C 276 35.41 28.81 54.46
CA GLY C 276 35.68 27.41 54.18
C GLY C 276 34.55 26.75 53.43
N GLN C 277 33.41 27.45 53.34
CA GLN C 277 32.22 26.92 52.70
C GLN C 277 32.43 26.77 51.20
N GLU C 278 32.14 25.57 50.68
CA GLU C 278 32.21 25.32 49.25
C GLU C 278 31.15 26.14 48.54
N VAL C 279 31.53 26.81 47.46
CA VAL C 279 30.64 27.77 46.81
C VAL C 279 30.76 27.71 45.29
N VAL C 280 29.76 28.22 44.59
CA VAL C 280 29.88 28.44 43.16
C VAL C 280 29.74 29.93 42.86
N PHE C 281 30.82 30.52 42.37
CA PHE C 281 30.90 31.94 42.08
C PHE C 281 30.67 32.23 40.61
N GLY C 282 29.78 33.18 40.33
CA GLY C 282 29.57 33.58 38.95
C GLY C 282 29.45 35.08 38.75
N ILE C 283 29.64 35.49 37.51
CA ILE C 283 29.58 36.89 37.13
C ILE C 283 29.17 36.99 35.66
N ARG C 284 28.46 38.06 35.31
CA ARG C 284 28.03 38.24 33.93
C ARG C 284 29.17 38.80 33.07
N PRO C 285 29.25 38.34 31.81
CA PRO C 285 30.26 38.78 30.84
C PRO C 285 30.22 40.28 30.58
N GLU C 286 29.07 40.91 30.82
CA GLU C 286 28.96 42.35 30.63
C GLU C 286 29.61 43.09 31.79
N ASP C 287 29.74 42.40 32.91
CA ASP C 287 30.26 43.02 34.13
C ASP C 287 31.75 42.80 34.29
N VAL C 288 32.36 42.12 33.32
CA VAL C 288 33.81 41.93 33.32
C VAL C 288 34.43 42.67 32.15
N THR C 289 35.57 43.33 32.39
CA THR C 289 36.25 44.08 31.34
C THR C 289 37.74 43.79 31.28
N LEU C 290 38.39 44.29 30.23
CA LEU C 290 39.84 44.16 30.10
C LEU C 290 40.45 45.48 30.53
N ASP C 291 41.10 45.48 31.68
CA ASP C 291 41.78 46.67 32.21
C ASP C 291 40.85 47.89 32.19
N GLY C 292 39.55 47.66 32.38
CA GLY C 292 38.57 48.70 32.16
C GLY C 292 38.61 49.73 33.26
N VAL C 293 38.48 49.28 34.50
CA VAL C 293 38.57 50.18 35.64
C VAL C 293 40.03 50.52 35.85
N GLU C 294 40.37 51.81 35.77
CA GLU C 294 41.76 52.23 35.87
C GLU C 294 42.26 52.15 37.31
N GLY C 295 43.31 51.37 37.53
CA GLY C 295 43.85 51.17 38.86
C GLY C 295 42.78 50.75 39.84
N SER C 296 42.08 49.66 39.50
CA SER C 296 40.97 49.16 40.30
C SER C 296 41.34 48.92 41.75
N GLU C 297 40.36 49.17 42.63
CA GLU C 297 40.52 49.10 44.07
C GLU C 297 41.12 47.79 44.59
N ARG C 298 40.39 46.70 44.45
CA ARG C 298 40.77 45.41 45.06
C ARG C 298 41.59 44.43 44.22
N ALA C 299 42.01 44.83 43.02
CA ALA C 299 42.90 43.98 42.19
C ALA C 299 42.26 42.66 41.79
N GLN C 300 41.36 42.73 40.80
CA GLN C 300 40.58 41.59 40.33
C GLN C 300 41.35 40.49 39.59
N ILE C 301 40.61 39.43 39.25
CA ILE C 301 41.09 38.16 38.71
C ILE C 301 42.02 38.21 37.47
N LYS C 302 42.98 37.29 37.44
CA LYS C 302 43.88 37.10 36.30
C LYS C 302 43.61 35.75 35.61
N ALA C 303 43.69 35.74 34.29
CA ALA C 303 43.38 34.52 33.51
C ALA C 303 44.26 34.36 32.27
N THR C 304 43.97 33.34 31.47
CA THR C 304 44.71 33.10 30.23
C THR C 304 43.77 32.88 29.04
N VAL C 305 43.89 33.73 28.02
CA VAL C 305 42.99 33.74 26.87
C VAL C 305 42.94 32.42 26.08
N ASP C 306 41.72 31.93 25.86
CA ASP C 306 41.49 30.74 25.06
C ASP C 306 41.27 31.09 23.59
N ILE C 307 40.13 31.72 23.28
CA ILE C 307 39.80 32.11 21.91
C ILE C 307 39.06 33.44 21.88
N VAL C 308 39.07 34.12 20.73
CA VAL C 308 38.38 35.39 20.59
C VAL C 308 37.44 35.42 19.38
N GLU C 309 36.16 35.67 19.62
CA GLU C 309 35.17 35.75 18.55
C GLU C 309 34.56 37.14 18.44
N PRO C 310 34.94 37.90 17.40
CA PRO C 310 34.29 39.20 17.17
C PRO C 310 32.84 39.03 16.70
N LEU C 311 31.90 39.70 17.37
CA LEU C 311 30.51 39.68 16.90
C LEU C 311 30.16 40.90 16.06
N GLY C 312 31.04 41.90 16.04
CA GLY C 312 30.64 43.22 15.61
C GLY C 312 31.50 44.27 16.29
N SER C 313 30.93 45.45 16.49
CA SER C 313 31.56 46.49 17.31
C SER C 313 31.93 45.96 18.69
N GLU C 314 31.23 44.92 19.15
CA GLU C 314 31.61 44.22 20.37
C GLU C 314 32.31 42.91 20.02
N SER C 315 32.78 42.19 21.03
CA SER C 315 33.47 40.92 20.79
C SER C 315 33.33 39.98 21.98
N ILE C 316 33.33 38.68 21.68
CA ILE C 316 33.23 37.67 22.73
C ILE C 316 34.60 37.07 23.04
N LEU C 317 35.08 37.31 24.26
CA LEU C 317 36.37 36.82 24.69
C LEU C 317 36.26 35.65 25.64
N HIS C 318 36.79 34.50 25.25
CA HIS C 318 36.86 33.35 26.14
C HIS C 318 38.17 33.36 26.91
N ALA C 319 38.06 33.46 28.23
CA ALA C 319 39.24 33.47 29.07
C ALA C 319 39.23 32.23 29.96
N THR C 320 40.40 31.67 30.24
CA THR C 320 40.48 30.47 31.07
C THR C 320 41.20 30.69 32.38
N VAL C 321 40.46 30.48 33.47
CA VAL C 321 41.00 30.46 34.81
C VAL C 321 41.12 29.01 35.29
N GLY C 322 42.34 28.52 35.42
CA GLY C 322 42.54 27.16 35.88
C GLY C 322 41.88 26.18 34.93
N ASP C 323 41.23 25.17 35.49
CA ASP C 323 40.51 24.19 34.68
C ASP C 323 39.18 24.70 34.15
N HIS C 324 38.76 25.88 34.60
CA HIS C 324 37.45 26.41 34.20
C HIS C 324 37.57 27.64 33.30
N SER C 325 36.56 27.86 32.45
CA SER C 325 36.61 29.00 31.56
C SER C 325 35.42 29.95 31.78
N LEU C 326 35.71 31.25 31.72
CA LEU C 326 34.67 32.27 31.81
C LEU C 326 34.65 33.13 30.56
N VAL C 327 33.47 33.63 30.22
CA VAL C 327 33.27 34.44 29.01
C VAL C 327 33.11 35.91 29.38
N VAL C 328 33.73 36.79 28.59
CA VAL C 328 33.67 38.21 28.85
C VAL C 328 33.46 39.03 27.56
N LYS C 329 32.48 39.92 27.60
CA LYS C 329 32.21 40.82 26.47
C LYS C 329 33.23 41.95 26.46
N VAL C 330 33.83 42.20 25.30
CA VAL C 330 34.87 43.20 25.17
C VAL C 330 34.65 44.11 23.95
N GLY C 331 35.52 45.10 23.79
CA GLY C 331 35.50 46.02 22.65
C GLY C 331 35.77 45.32 21.33
N GLY C 332 35.66 46.07 20.24
CA GLY C 332 35.81 45.51 18.90
C GLY C 332 37.21 45.41 18.34
N LEU C 333 38.19 46.00 19.01
CA LEU C 333 39.56 45.95 18.51
C LEU C 333 40.26 44.72 19.09
N ASN C 334 40.61 44.80 20.39
CA ASN C 334 41.14 43.67 21.17
C ASN C 334 42.18 42.78 20.45
N GLU C 335 43.42 43.27 20.35
CA GLU C 335 44.50 42.50 19.71
C GLU C 335 44.55 41.09 20.28
N VAL C 336 44.84 40.97 21.59
CA VAL C 336 44.74 39.69 22.29
C VAL C 336 45.57 38.58 21.63
N HIS C 337 44.88 37.59 21.06
CA HIS C 337 45.41 36.33 20.53
C HIS C 337 45.61 35.35 21.69
N PRO C 338 45.49 34.05 21.41
CA PRO C 338 45.54 33.01 22.45
C PRO C 338 46.93 32.70 23.01
N GLY C 339 46.95 32.19 24.24
CA GLY C 339 48.17 31.70 24.86
C GLY C 339 48.91 32.67 25.77
N ASP C 340 48.69 33.97 25.58
CA ASP C 340 49.35 34.96 26.43
C ASP C 340 48.51 35.29 27.66
N PRO C 341 49.16 35.53 28.81
CA PRO C 341 48.47 35.87 30.05
C PRO C 341 47.68 37.18 29.93
N VAL C 342 46.60 37.29 30.68
CA VAL C 342 45.76 38.48 30.61
C VAL C 342 45.13 38.80 31.97
N THR C 343 44.85 40.07 32.22
CA THR C 343 44.27 40.51 33.47
C THR C 343 42.82 40.96 33.26
N LEU C 344 41.92 40.41 34.07
CA LEU C 344 40.49 40.72 33.96
C LEU C 344 40.03 41.58 35.13
N HIS C 345 39.19 42.58 34.84
CA HIS C 345 38.66 43.45 35.88
C HIS C 345 37.18 43.18 36.12
N VAL C 346 36.87 42.77 37.34
CA VAL C 346 35.52 42.38 37.72
C VAL C 346 34.79 43.48 38.49
N ASP C 347 33.50 43.63 38.22
CA ASP C 347 32.67 44.61 38.90
C ASP C 347 32.14 44.02 40.20
N LEU C 348 32.48 44.64 41.32
CA LEU C 348 32.24 44.06 42.64
C LEU C 348 30.77 44.11 43.07
N THR C 349 30.00 45.03 42.49
CA THR C 349 28.59 45.16 42.85
C THR C 349 27.71 44.12 42.16
N ARG C 350 28.17 43.63 41.01
CA ARG C 350 27.39 42.70 40.20
C ARG C 350 27.71 41.22 40.41
N VAL C 351 28.66 40.92 41.31
CA VAL C 351 29.07 39.53 41.52
C VAL C 351 27.95 38.69 42.15
N HIS C 352 27.94 37.41 41.81
CA HIS C 352 26.95 36.48 42.37
C HIS C 352 27.61 35.25 42.97
N LEU C 353 27.05 34.77 44.08
CA LEU C 353 27.51 33.54 44.71
C LEU C 353 26.34 32.64 45.06
N PHE C 354 26.50 31.34 44.85
CA PHE C 354 25.47 30.36 45.18
C PHE C 354 26.09 29.22 45.97
N ASP C 355 25.30 28.53 46.80
CA ASP C 355 25.82 27.41 47.58
C ASP C 355 26.11 26.21 46.68
N ALA C 356 27.15 25.46 47.03
CA ALA C 356 27.55 24.30 46.23
C ALA C 356 26.56 23.14 46.32
N GLN C 357 25.98 22.94 47.50
CA GLN C 357 25.01 21.89 47.70
C GLN C 357 23.63 22.41 47.34
N SER C 358 23.11 23.31 48.16
CA SER C 358 21.83 23.93 47.88
C SER C 358 22.01 24.86 46.69
N GLN C 359 21.19 24.69 45.66
CA GLN C 359 21.30 25.51 44.47
C GLN C 359 20.96 26.97 44.73
N ALA C 360 20.44 27.26 45.92
CA ALA C 360 20.00 28.61 46.26
C ALA C 360 21.16 29.60 46.32
N SER C 361 20.84 30.87 46.14
CA SER C 361 21.86 31.92 46.10
C SER C 361 22.60 32.10 47.43
N ILE C 362 21.85 32.40 48.49
CA ILE C 362 22.37 32.62 49.83
C ILE C 362 23.25 33.89 49.92
N TYR C 363 23.62 34.44 48.76
CA TYR C 363 24.39 35.68 48.72
C TYR C 363 23.47 36.86 48.43
N LYS D 25 9.79 -60.78 -21.47
CA LYS D 25 9.00 -60.92 -22.69
C LYS D 25 7.65 -61.58 -22.41
N GLU D 26 6.63 -61.13 -23.13
CA GLU D 26 5.29 -61.70 -23.02
C GLU D 26 4.71 -62.00 -24.39
N ALA D 27 3.70 -62.86 -24.43
CA ALA D 27 3.07 -63.24 -25.70
C ALA D 27 2.13 -62.15 -26.20
N THR D 28 1.75 -61.24 -25.31
CA THR D 28 0.82 -60.18 -25.66
C THR D 28 1.54 -58.90 -26.06
N TRP D 29 2.87 -58.93 -26.08
CA TRP D 29 3.67 -57.79 -26.46
C TRP D 29 3.41 -57.37 -27.90
N VAL D 30 3.12 -56.09 -28.11
CA VAL D 30 2.93 -55.55 -29.45
C VAL D 30 4.26 -55.03 -29.99
N THR D 31 5.26 -54.98 -29.12
CA THR D 31 6.60 -54.55 -29.52
C THR D 31 7.66 -55.20 -28.62
N ASP D 32 8.83 -55.46 -29.21
CA ASP D 32 9.94 -56.06 -28.46
C ASP D 32 10.62 -55.01 -27.59
N LYS D 33 10.87 -53.85 -28.16
CA LYS D 33 11.49 -52.74 -27.44
C LYS D 33 10.43 -51.95 -26.69
N PRO D 34 10.71 -51.63 -25.41
CA PRO D 34 9.78 -50.85 -24.58
C PRO D 34 9.41 -49.52 -25.22
N LEU D 35 8.11 -49.22 -25.26
CA LEU D 35 7.64 -48.00 -25.89
C LEU D 35 6.89 -47.11 -24.91
N THR D 36 7.42 -45.92 -24.68
CA THR D 36 6.77 -44.93 -23.82
C THR D 36 6.20 -43.80 -24.66
N LEU D 37 4.90 -43.55 -24.51
CA LEU D 37 4.22 -42.56 -25.34
C LEU D 37 3.55 -41.46 -24.51
N LYS D 38 3.33 -40.32 -25.17
CA LYS D 38 2.61 -39.21 -24.53
C LYS D 38 1.15 -39.19 -24.98
N ILE D 39 0.26 -39.44 -24.03
CA ILE D 39 -1.16 -39.46 -24.32
C ILE D 39 -1.92 -38.40 -23.52
N HIS D 40 -2.70 -37.57 -24.21
CA HIS D 40 -3.55 -36.62 -23.52
C HIS D 40 -4.99 -37.13 -23.51
N MET D 41 -5.45 -37.55 -22.33
CA MET D 41 -6.81 -38.03 -22.20
C MET D 41 -7.52 -37.34 -21.04
N HIS D 42 -8.52 -36.54 -21.39
CA HIS D 42 -9.36 -35.87 -20.41
C HIS D 42 -10.80 -36.17 -20.75
N PHE D 43 -11.50 -36.88 -19.86
CA PHE D 43 -12.84 -37.36 -20.18
C PHE D 43 -13.84 -37.23 -19.03
N ARG D 44 -15.08 -36.92 -19.41
CA ARG D 44 -16.22 -36.86 -18.48
C ARG D 44 -16.02 -35.84 -17.36
N ASP D 45 -15.14 -34.88 -17.60
CA ASP D 45 -14.85 -33.80 -16.65
C ASP D 45 -14.51 -34.30 -15.25
N LYS D 46 -13.97 -35.52 -15.18
CA LYS D 46 -13.67 -36.14 -13.89
C LYS D 46 -12.25 -36.71 -13.86
N TRP D 47 -12.00 -37.71 -14.69
CA TRP D 47 -10.74 -38.44 -14.67
C TRP D 47 -9.80 -38.08 -15.82
N VAL D 48 -8.51 -38.15 -15.53
CA VAL D 48 -7.47 -38.08 -16.54
C VAL D 48 -6.67 -39.37 -16.48
N TRP D 49 -5.97 -39.70 -17.57
CA TRP D 49 -5.19 -40.92 -17.62
C TRP D 49 -4.10 -40.93 -16.54
N ASP D 50 -3.81 -42.12 -16.02
CA ASP D 50 -2.79 -42.27 -15.00
C ASP D 50 -1.92 -43.48 -15.33
N GLU D 51 -0.60 -43.25 -15.43
CA GLU D 51 0.33 -44.34 -15.72
C GLU D 51 0.58 -45.17 -14.48
N ASN D 52 0.18 -44.65 -13.32
CA ASN D 52 0.32 -45.38 -12.07
C ASN D 52 -0.92 -46.21 -11.76
N TRP D 53 -1.92 -46.10 -12.63
CA TRP D 53 -3.12 -46.94 -12.54
C TRP D 53 -2.74 -48.41 -12.60
N PRO D 54 -3.40 -49.24 -11.78
CA PRO D 54 -3.17 -50.69 -11.81
C PRO D 54 -3.46 -51.26 -13.20
N VAL D 55 -4.56 -50.83 -13.80
CA VAL D 55 -4.94 -51.27 -15.14
C VAL D 55 -3.90 -50.82 -16.16
N ALA D 56 -3.36 -49.62 -15.96
CA ALA D 56 -2.36 -49.07 -16.87
C ALA D 56 -1.01 -49.79 -16.72
N LYS D 57 -0.68 -50.16 -15.49
CA LYS D 57 0.54 -50.92 -15.23
C LYS D 57 0.43 -52.31 -15.85
N GLU D 58 -0.74 -52.91 -15.69
CA GLU D 58 -1.02 -54.21 -16.29
C GLU D 58 -0.90 -54.12 -17.81
N SER D 59 -1.49 -53.06 -18.37
CA SER D 59 -1.44 -52.81 -19.80
C SER D 59 0.00 -52.63 -20.28
N PHE D 60 0.82 -52.02 -19.44
CA PHE D 60 2.21 -51.80 -19.78
C PHE D 60 3.00 -53.10 -19.77
N ARG D 61 2.74 -53.95 -18.76
CA ARG D 61 3.45 -55.21 -18.66
C ARG D 61 3.04 -56.16 -19.77
N LEU D 62 1.77 -56.09 -20.17
CA LEU D 62 1.25 -56.98 -21.20
C LEU D 62 1.60 -56.53 -22.62
N THR D 63 1.46 -55.23 -22.89
CA THR D 63 1.70 -54.70 -24.24
C THR D 63 3.12 -54.21 -24.48
N ASN D 64 3.90 -54.13 -23.40
CA ASN D 64 5.24 -53.54 -23.44
C ASN D 64 5.20 -52.10 -23.96
N VAL D 65 4.08 -51.43 -23.74
CA VAL D 65 3.92 -50.04 -24.14
C VAL D 65 3.42 -49.20 -22.97
N LYS D 66 4.20 -48.18 -22.60
CA LYS D 66 3.84 -47.32 -21.48
C LYS D 66 3.20 -46.04 -21.97
N LEU D 67 2.04 -45.70 -21.39
CA LEU D 67 1.36 -44.47 -21.75
C LEU D 67 1.52 -43.42 -20.65
N GLN D 68 2.30 -42.38 -20.95
CA GLN D 68 2.46 -41.27 -20.03
C GLN D 68 1.43 -40.18 -20.34
N SER D 69 0.69 -39.78 -19.31
CA SER D 69 -0.37 -38.81 -19.50
C SER D 69 0.12 -37.38 -19.34
N VAL D 70 0.00 -36.59 -20.40
CA VAL D 70 0.22 -35.15 -20.28
C VAL D 70 -1.14 -34.46 -20.28
N ALA D 71 -1.56 -34.02 -19.10
CA ALA D 71 -2.86 -33.39 -18.93
C ALA D 71 -2.88 -32.62 -17.62
N ASN D 72 -3.84 -31.71 -17.48
CA ASN D 72 -4.09 -31.08 -16.19
C ASN D 72 -5.21 -31.79 -15.45
N LYS D 73 -4.86 -32.46 -14.36
CA LYS D 73 -5.84 -33.16 -13.55
C LYS D 73 -6.71 -32.16 -12.80
N ALA D 74 -6.13 -30.99 -12.54
CA ALA D 74 -6.84 -29.93 -11.84
C ALA D 74 -7.85 -29.23 -12.75
N ALA D 75 -7.80 -29.55 -14.04
CA ALA D 75 -8.74 -28.97 -15.00
C ALA D 75 -10.14 -29.51 -14.76
N THR D 76 -11.14 -28.77 -15.22
CA THR D 76 -12.54 -29.17 -15.01
C THR D 76 -13.15 -29.75 -16.28
N ASN D 77 -13.37 -28.90 -17.28
CA ASN D 77 -14.00 -29.32 -18.53
C ASN D 77 -13.05 -30.06 -19.45
N SER D 78 -13.48 -31.23 -19.92
CA SER D 78 -12.65 -32.09 -20.77
C SER D 78 -12.56 -31.59 -22.21
N GLN D 79 -13.72 -31.23 -22.78
CA GLN D 79 -13.79 -30.77 -24.16
C GLN D 79 -12.92 -29.52 -24.34
N GLU D 80 -12.96 -28.64 -23.35
CA GLU D 80 -12.14 -27.43 -23.35
C GLU D 80 -10.66 -27.79 -23.42
N GLN D 81 -10.24 -28.75 -22.62
CA GLN D 81 -8.85 -29.19 -22.61
C GLN D 81 -8.45 -29.83 -23.93
N PHE D 82 -9.40 -30.51 -24.56
CA PHE D 82 -9.15 -31.09 -25.88
C PHE D 82 -8.90 -30.00 -26.91
N ASN D 83 -9.79 -29.00 -26.93
CA ASN D 83 -9.66 -27.89 -27.86
C ASN D 83 -8.37 -27.10 -27.63
N LEU D 84 -7.99 -26.95 -26.36
CA LEU D 84 -6.77 -26.24 -26.01
C LEU D 84 -5.54 -27.01 -26.47
N MET D 85 -5.50 -28.30 -26.18
CA MET D 85 -4.39 -29.16 -26.59
C MET D 85 -4.26 -29.16 -28.11
N MET D 86 -5.40 -29.18 -28.80
CA MET D 86 -5.42 -29.19 -30.26
C MET D 86 -4.91 -27.87 -30.83
N ALA D 87 -5.35 -26.77 -30.24
CA ALA D 87 -4.98 -25.44 -30.73
C ALA D 87 -3.62 -24.99 -30.21
N SER D 88 -3.03 -25.79 -29.33
CA SER D 88 -1.72 -25.47 -28.77
C SER D 88 -0.63 -25.61 -29.83
N GLY D 89 -0.89 -26.44 -30.84
CA GLY D 89 0.06 -26.66 -31.91
C GLY D 89 0.96 -27.85 -31.65
N ASP D 90 1.07 -28.24 -30.38
CA ASP D 90 1.90 -29.38 -30.01
C ASP D 90 1.02 -30.59 -29.71
N LEU D 91 1.08 -31.58 -30.60
CA LEU D 91 0.25 -32.77 -30.48
C LEU D 91 0.97 -33.90 -29.75
N PRO D 92 0.23 -34.64 -28.89
CA PRO D 92 0.75 -35.84 -28.23
C PRO D 92 0.74 -37.04 -29.17
N ASP D 93 1.08 -38.22 -28.66
CA ASP D 93 1.11 -39.42 -29.48
C ASP D 93 -0.29 -39.97 -29.74
N VAL D 94 -1.08 -40.09 -28.66
CA VAL D 94 -2.43 -40.65 -28.75
C VAL D 94 -3.43 -39.76 -28.01
N VAL D 95 -4.55 -39.46 -28.65
CA VAL D 95 -5.57 -38.62 -28.03
C VAL D 95 -6.85 -39.39 -27.76
N GLY D 96 -7.13 -39.66 -26.48
CA GLY D 96 -8.34 -40.36 -26.08
C GLY D 96 -9.39 -39.45 -25.49
N GLY D 97 -10.60 -39.98 -25.30
CA GLY D 97 -11.66 -39.22 -24.68
C GLY D 97 -13.08 -39.59 -25.11
N ASP D 98 -14.04 -38.82 -24.61
CA ASP D 98 -15.45 -39.04 -24.90
C ASP D 98 -16.03 -37.88 -25.69
N ASN D 99 -17.03 -38.19 -26.53
CA ASN D 99 -17.71 -37.19 -27.36
C ASN D 99 -16.74 -36.44 -28.27
N LEU D 100 -15.62 -37.08 -28.59
CA LEU D 100 -14.63 -36.51 -29.49
C LEU D 100 -14.80 -37.02 -30.92
N LYS D 101 -15.81 -37.86 -31.12
CA LYS D 101 -16.05 -38.49 -32.42
C LYS D 101 -16.13 -37.50 -33.57
N ASP D 102 -17.00 -36.50 -33.42
CA ASP D 102 -17.16 -35.47 -34.43
C ASP D 102 -15.87 -34.69 -34.62
N LYS D 103 -15.18 -34.44 -33.51
CA LYS D 103 -13.89 -33.75 -33.53
C LYS D 103 -12.81 -34.65 -34.12
N PHE D 104 -12.91 -35.94 -33.84
CA PHE D 104 -12.02 -36.94 -34.43
C PHE D 104 -12.15 -36.90 -35.96
N ILE D 105 -13.37 -36.70 -36.42
CA ILE D 105 -13.63 -36.61 -37.86
C ILE D 105 -13.12 -35.29 -38.44
N GLN D 106 -13.38 -34.20 -37.72
CA GLN D 106 -12.93 -32.87 -38.15
C GLN D 106 -11.41 -32.82 -38.32
N TYR D 107 -10.69 -33.12 -37.25
CA TYR D 107 -9.24 -33.03 -37.26
C TYR D 107 -8.62 -34.22 -37.98
N GLY D 108 -9.42 -35.28 -38.16
CA GLY D 108 -8.99 -36.40 -38.97
C GLY D 108 -8.91 -35.97 -40.42
N GLN D 109 -9.95 -35.25 -40.86
CA GLN D 109 -9.98 -34.70 -42.21
C GLN D 109 -8.94 -33.61 -42.39
N GLU D 110 -8.76 -32.79 -41.35
CA GLU D 110 -7.83 -31.67 -41.41
C GLU D 110 -6.38 -32.15 -41.44
N GLY D 111 -6.17 -33.42 -41.10
CA GLY D 111 -4.86 -34.03 -41.19
C GLY D 111 -4.14 -34.12 -39.85
N ALA D 112 -4.85 -33.88 -38.76
CA ALA D 112 -4.27 -34.00 -37.43
C ALA D 112 -4.20 -35.47 -36.99
N PHE D 113 -5.09 -36.29 -37.57
CA PHE D 113 -5.16 -37.69 -37.20
C PHE D 113 -4.91 -38.60 -38.40
N VAL D 114 -4.09 -39.63 -38.21
CA VAL D 114 -3.74 -40.56 -39.28
C VAL D 114 -4.83 -41.61 -39.47
N PRO D 115 -5.23 -41.84 -40.73
CA PRO D 115 -6.18 -42.93 -41.04
C PRO D 115 -5.61 -44.29 -40.65
N LEU D 116 -6.40 -45.08 -39.91
CA LEU D 116 -5.92 -46.35 -39.39
C LEU D 116 -6.32 -47.54 -40.26
N ASN D 117 -6.99 -47.28 -41.38
CA ASN D 117 -7.60 -48.32 -42.19
C ASN D 117 -6.67 -49.46 -42.59
N LYS D 118 -5.55 -49.13 -43.24
CA LYS D 118 -4.61 -50.16 -43.67
C LYS D 118 -3.81 -50.69 -42.48
N LEU D 119 -3.62 -49.83 -41.48
CA LEU D 119 -2.98 -50.24 -40.24
C LEU D 119 -3.85 -51.25 -39.52
N ILE D 120 -5.16 -51.02 -39.55
CA ILE D 120 -6.13 -51.96 -39.00
C ILE D 120 -6.11 -53.26 -39.80
N ASP D 121 -6.09 -53.14 -41.12
CA ASP D 121 -6.09 -54.32 -41.98
C ASP D 121 -4.89 -55.22 -41.74
N GLN D 122 -3.67 -54.68 -41.89
CA GLN D 122 -2.48 -55.49 -41.77
C GLN D 122 -2.06 -55.78 -40.32
N TYR D 123 -2.01 -54.74 -39.50
CA TYR D 123 -1.44 -54.87 -38.16
C TYR D 123 -2.47 -55.06 -37.03
N ALA D 124 -3.75 -55.05 -37.35
CA ALA D 124 -4.78 -55.19 -36.32
C ALA D 124 -5.86 -56.19 -36.71
N PRO D 125 -5.56 -57.49 -36.56
CA PRO D 125 -6.48 -58.57 -36.94
C PRO D 125 -7.79 -58.54 -36.16
N HIS D 126 -7.72 -58.27 -34.85
CA HIS D 126 -8.90 -58.29 -34.00
C HIS D 126 -9.85 -57.14 -34.33
N ILE D 127 -9.30 -55.96 -34.57
CA ILE D 127 -10.11 -54.79 -34.90
C ILE D 127 -10.79 -54.98 -36.25
N LYS D 128 -10.03 -55.47 -37.23
CA LYS D 128 -10.55 -55.73 -38.56
C LYS D 128 -11.64 -56.79 -38.53
N ALA D 129 -11.43 -57.84 -37.74
CA ALA D 129 -12.41 -58.90 -37.60
C ALA D 129 -13.67 -58.40 -36.92
N PHE D 130 -13.50 -57.49 -35.96
CA PHE D 130 -14.63 -56.90 -35.26
C PHE D 130 -15.47 -56.04 -36.19
N PHE D 131 -14.80 -55.17 -36.95
CA PHE D 131 -15.49 -54.30 -37.89
C PHE D 131 -16.12 -55.09 -39.03
N LYS D 132 -15.54 -56.25 -39.33
CA LYS D 132 -16.09 -57.13 -40.36
C LYS D 132 -17.36 -57.80 -39.82
N SER D 133 -17.31 -58.21 -38.56
CA SER D 133 -18.46 -58.83 -37.92
C SER D 133 -19.46 -57.78 -37.45
N HIS D 134 -19.04 -56.52 -37.48
CA HIS D 134 -19.90 -55.41 -37.11
C HIS D 134 -19.82 -54.27 -38.12
N PRO D 135 -20.47 -54.45 -39.29
CA PRO D 135 -20.45 -53.41 -40.33
C PRO D 135 -21.20 -52.15 -39.91
N GLU D 136 -22.28 -52.32 -39.15
CA GLU D 136 -23.08 -51.20 -38.69
C GLU D 136 -22.36 -50.39 -37.62
N VAL D 137 -21.46 -51.04 -36.88
CA VAL D 137 -20.62 -50.35 -35.91
C VAL D 137 -19.56 -49.52 -36.62
N GLU D 138 -18.93 -50.13 -37.62
CA GLU D 138 -17.87 -49.47 -38.38
C GLU D 138 -18.41 -48.30 -39.19
N ARG D 139 -19.64 -48.43 -39.68
CA ARG D 139 -20.25 -47.41 -40.52
C ARG D 139 -20.40 -46.07 -39.79
N ALA D 140 -20.79 -46.12 -38.53
CA ALA D 140 -21.04 -44.91 -37.76
C ALA D 140 -19.78 -44.09 -37.52
N ILE D 141 -18.65 -44.77 -37.31
CA ILE D 141 -17.41 -44.09 -36.97
C ILE D 141 -16.64 -43.63 -38.21
N LYS D 142 -17.19 -43.92 -39.39
CA LYS D 142 -16.53 -43.55 -40.64
C LYS D 142 -16.64 -42.06 -40.93
N ALA D 143 -15.55 -41.50 -41.45
CA ALA D 143 -15.53 -40.11 -41.90
C ALA D 143 -16.25 -40.00 -43.24
N PRO D 144 -16.58 -38.77 -43.67
CA PRO D 144 -17.14 -38.56 -45.01
C PRO D 144 -16.31 -39.20 -46.12
N ASP D 145 -14.99 -39.22 -45.95
CA ASP D 145 -14.09 -39.87 -46.90
C ASP D 145 -14.10 -41.38 -46.71
N GLY D 146 -14.55 -41.83 -45.54
CA GLY D 146 -14.65 -43.25 -45.26
C GLY D 146 -13.59 -43.77 -44.32
N ASN D 147 -12.57 -42.95 -44.07
CA ASN D 147 -11.45 -43.35 -43.21
C ASN D 147 -11.84 -43.45 -41.75
N ILE D 148 -11.11 -44.29 -41.01
CA ILE D 148 -11.30 -44.41 -39.57
C ILE D 148 -10.08 -43.83 -38.86
N TYR D 149 -10.25 -42.68 -38.22
CA TYR D 149 -9.14 -42.00 -37.57
C TYR D 149 -9.00 -42.39 -36.11
N PHE D 150 -9.97 -43.11 -35.57
CA PHE D 150 -9.97 -43.45 -34.15
C PHE D 150 -10.55 -44.82 -33.86
N ILE D 151 -9.96 -45.49 -32.88
CA ILE D 151 -10.52 -46.72 -32.33
C ILE D 151 -11.52 -46.37 -31.24
N PRO D 152 -12.79 -46.77 -31.43
CA PRO D 152 -13.89 -46.36 -30.56
C PRO D 152 -14.15 -47.27 -29.36
N TYR D 153 -15.11 -46.87 -28.55
CA TYR D 153 -15.54 -47.65 -27.38
C TYR D 153 -16.89 -48.30 -27.67
N VAL D 154 -16.96 -49.62 -27.50
CA VAL D 154 -18.13 -50.38 -27.88
C VAL D 154 -18.76 -51.08 -26.68
N PRO D 155 -19.69 -50.40 -26.00
CA PRO D 155 -20.40 -50.97 -24.85
C PRO D 155 -21.29 -52.14 -25.24
N ASP D 156 -21.23 -53.22 -24.49
CA ASP D 156 -22.04 -54.41 -24.78
C ASP D 156 -23.21 -54.53 -23.82
N GLY D 157 -24.39 -54.78 -24.36
CA GLY D 157 -25.59 -54.93 -23.56
C GLY D 157 -26.86 -54.65 -24.34
N VAL D 158 -27.98 -54.59 -23.63
CA VAL D 158 -29.28 -54.34 -24.26
C VAL D 158 -29.94 -53.10 -23.68
N VAL D 159 -30.42 -53.21 -22.45
CA VAL D 159 -31.08 -52.09 -21.77
C VAL D 159 -30.07 -51.07 -21.28
N ALA D 160 -30.53 -49.84 -21.05
CA ALA D 160 -29.67 -48.79 -20.51
C ALA D 160 -30.25 -48.24 -19.21
N ARG D 161 -31.31 -47.45 -19.32
CA ARG D 161 -31.88 -46.79 -18.15
C ARG D 161 -33.30 -47.24 -17.86
N GLY D 162 -33.66 -47.20 -16.58
CA GLY D 162 -35.00 -47.55 -16.14
C GLY D 162 -35.33 -46.82 -14.85
N TYR D 163 -36.62 -46.63 -14.58
CA TYR D 163 -37.04 -45.83 -13.44
C TYR D 163 -37.04 -46.63 -12.14
N PHE D 164 -36.64 -45.98 -11.05
CA PHE D 164 -36.57 -46.61 -9.75
C PHE D 164 -37.29 -45.79 -8.69
N ILE D 165 -37.83 -46.46 -7.67
CA ILE D 165 -38.51 -45.76 -6.60
C ILE D 165 -38.34 -46.48 -5.26
N ARG D 166 -38.49 -45.72 -4.17
CA ARG D 166 -38.36 -46.26 -2.82
C ARG D 166 -39.54 -47.14 -2.47
N GLU D 167 -39.25 -48.36 -2.02
CA GLU D 167 -40.31 -49.30 -1.64
C GLU D 167 -40.97 -48.90 -0.31
N ASP D 168 -40.13 -48.55 0.66
CA ASP D 168 -40.62 -48.21 1.99
C ASP D 168 -41.43 -46.91 2.01
N TRP D 169 -41.08 -45.99 1.13
CA TRP D 169 -41.75 -44.69 1.09
C TRP D 169 -43.14 -44.81 0.47
N LEU D 170 -43.37 -45.89 -0.25
CA LEU D 170 -44.70 -46.17 -0.79
C LEU D 170 -45.61 -46.77 0.27
N LYS D 171 -45.00 -47.48 1.23
CA LYS D 171 -45.75 -48.23 2.23
C LYS D 171 -46.22 -47.36 3.39
N LYS D 172 -45.27 -46.82 4.15
CA LYS D 172 -45.59 -46.01 5.32
C LYS D 172 -46.38 -44.75 4.98
N LEU D 173 -46.35 -44.35 3.72
CA LEU D 173 -47.10 -43.18 3.26
C LEU D 173 -48.49 -43.60 2.78
N ASN D 174 -48.74 -44.91 2.82
CA ASN D 174 -50.03 -45.48 2.44
C ASN D 174 -50.50 -45.13 1.04
N LEU D 175 -49.75 -45.56 0.03
CA LEU D 175 -50.17 -45.41 -1.35
C LEU D 175 -49.56 -46.49 -2.24
N LYS D 176 -50.30 -46.89 -3.27
CA LYS D 176 -49.84 -47.89 -4.21
C LYS D 176 -48.92 -47.25 -5.25
N PRO D 177 -47.87 -47.96 -5.67
CA PRO D 177 -46.94 -47.47 -6.69
C PRO D 177 -47.66 -46.96 -7.93
N PRO D 178 -47.27 -45.77 -8.41
CA PRO D 178 -47.96 -45.07 -9.51
C PRO D 178 -47.91 -45.82 -10.83
N GLN D 179 -49.08 -45.98 -11.45
CA GLN D 179 -49.18 -46.61 -12.76
C GLN D 179 -49.15 -45.56 -13.87
N ASN D 180 -49.24 -44.29 -13.49
CA ASN D 180 -49.33 -43.22 -14.47
C ASN D 180 -48.71 -41.90 -14.00
N ILE D 181 -48.90 -40.85 -14.77
CA ILE D 181 -48.32 -39.54 -14.49
C ILE D 181 -49.03 -38.84 -13.32
N ASP D 182 -50.35 -38.98 -13.26
CA ASP D 182 -51.13 -38.35 -12.20
C ASP D 182 -50.79 -38.94 -10.84
N GLU D 183 -50.77 -40.27 -10.77
CA GLU D 183 -50.45 -40.98 -9.54
C GLU D 183 -49.02 -40.67 -9.10
N LEU D 184 -48.11 -40.52 -10.06
CA LEU D 184 -46.74 -40.17 -9.76
C LEU D 184 -46.66 -38.74 -9.21
N TYR D 185 -47.47 -37.86 -9.78
CA TYR D 185 -47.54 -36.48 -9.31
C TYR D 185 -48.03 -36.43 -7.87
N THR D 186 -49.04 -37.23 -7.58
CA THR D 186 -49.59 -37.28 -6.22
C THR D 186 -48.59 -37.92 -5.25
N VAL D 187 -47.81 -38.87 -5.77
CA VAL D 187 -46.80 -39.55 -4.95
C VAL D 187 -45.66 -38.60 -4.58
N LEU D 188 -45.17 -37.85 -5.57
CA LEU D 188 -44.12 -36.87 -5.32
C LEU D 188 -44.62 -35.73 -4.44
N LYS D 189 -45.88 -35.34 -4.65
CA LYS D 189 -46.53 -34.37 -3.79
C LYS D 189 -46.56 -34.84 -2.35
N ALA D 190 -46.89 -36.12 -2.18
CA ALA D 190 -46.93 -36.73 -0.85
C ALA D 190 -45.54 -36.86 -0.26
N PHE D 191 -44.54 -36.95 -1.13
CA PHE D 191 -43.15 -36.99 -0.69
C PHE D 191 -42.72 -35.64 -0.15
N LYS D 192 -43.03 -34.58 -0.89
CA LYS D 192 -42.63 -33.23 -0.49
C LYS D 192 -43.42 -32.73 0.70
N GLU D 193 -44.73 -32.88 0.66
CA GLU D 193 -45.60 -32.38 1.72
C GLU D 193 -45.56 -33.27 2.96
N LYS D 194 -46.10 -34.48 2.85
CA LYS D 194 -46.05 -35.44 3.94
C LYS D 194 -44.61 -35.91 4.11
N ASP D 195 -44.25 -36.32 5.32
CA ASP D 195 -42.88 -36.75 5.58
C ASP D 195 -42.76 -38.27 5.51
N PRO D 196 -42.17 -38.78 4.42
CA PRO D 196 -41.95 -40.21 4.20
C PRO D 196 -40.83 -40.82 5.03
N ASN D 197 -39.82 -40.02 5.37
CA ASN D 197 -38.64 -40.54 6.06
C ASN D 197 -38.72 -40.36 7.58
N GLY D 198 -39.80 -39.74 8.04
CA GLY D 198 -40.08 -39.65 9.46
C GLY D 198 -39.13 -38.81 10.28
N ASN D 199 -38.33 -37.97 9.63
CA ASN D 199 -37.42 -37.09 10.36
C ASN D 199 -38.15 -35.87 10.92
N GLY D 200 -39.31 -35.57 10.34
CA GLY D 200 -40.13 -34.48 10.81
C GLY D 200 -40.00 -33.21 9.99
N LYS D 201 -39.28 -33.28 8.88
CA LYS D 201 -39.09 -32.10 8.04
C LYS D 201 -39.62 -32.30 6.63
N ALA D 202 -39.56 -31.24 5.83
CA ALA D 202 -39.91 -31.29 4.41
C ALA D 202 -38.65 -31.45 3.55
N ASP D 203 -37.52 -31.59 4.22
CA ASP D 203 -36.19 -31.57 3.58
C ASP D 203 -36.00 -32.60 2.47
N GLU D 204 -36.83 -33.64 2.46
CA GLU D 204 -36.70 -34.69 1.45
C GLU D 204 -37.01 -34.17 0.06
N VAL D 205 -36.22 -34.60 -0.92
CA VAL D 205 -36.41 -34.20 -2.30
C VAL D 205 -36.94 -35.35 -3.15
N PRO D 206 -38.13 -35.16 -3.74
CA PRO D 206 -38.84 -36.21 -4.48
C PRO D 206 -38.05 -36.77 -5.67
N PHE D 207 -37.50 -35.91 -6.53
CA PHE D 207 -36.80 -36.39 -7.72
C PHE D 207 -35.33 -35.97 -7.74
N ILE D 208 -34.45 -36.96 -7.91
CA ILE D 208 -33.02 -36.71 -7.99
C ILE D 208 -32.39 -37.58 -9.08
N ASP D 209 -31.14 -37.27 -9.42
CA ASP D 209 -30.36 -38.04 -10.40
C ASP D 209 -28.96 -37.46 -10.49
N ARG D 210 -28.02 -38.24 -11.00
CA ARG D 210 -26.63 -37.78 -11.11
C ARG D 210 -26.35 -37.25 -12.51
N HIS D 211 -27.36 -37.32 -13.37
CA HIS D 211 -27.28 -36.70 -14.70
C HIS D 211 -28.26 -35.54 -14.77
N PRO D 212 -27.75 -34.32 -14.94
CA PRO D 212 -28.60 -33.13 -15.03
C PRO D 212 -29.57 -33.20 -16.20
N ASP D 213 -29.12 -33.75 -17.32
CA ASP D 213 -29.93 -33.85 -18.53
C ASP D 213 -31.22 -34.64 -18.29
N GLU D 214 -31.19 -35.52 -17.28
CA GLU D 214 -32.36 -36.31 -16.94
C GLU D 214 -33.55 -35.43 -16.53
N VAL D 215 -33.26 -34.22 -16.06
CA VAL D 215 -34.33 -33.31 -15.67
C VAL D 215 -35.19 -32.97 -16.88
N PHE D 216 -34.62 -33.08 -18.07
CA PHE D 216 -35.36 -32.88 -19.30
C PHE D 216 -36.13 -34.14 -19.66
N ARG D 217 -35.54 -35.30 -19.37
CA ARG D 217 -36.13 -36.59 -19.73
C ARG D 217 -37.52 -36.77 -19.13
N LEU D 218 -37.79 -36.02 -18.06
CA LEU D 218 -39.10 -36.05 -17.41
C LEU D 218 -40.24 -35.72 -18.37
N VAL D 219 -39.93 -34.99 -19.44
CA VAL D 219 -40.97 -34.62 -20.41
C VAL D 219 -41.53 -35.85 -21.12
N ASN D 220 -40.87 -36.99 -20.96
CA ASN D 220 -41.40 -38.25 -21.49
C ASN D 220 -42.69 -38.66 -20.80
N PHE D 221 -42.89 -38.15 -19.58
CA PHE D 221 -44.10 -38.43 -18.84
C PHE D 221 -45.30 -37.70 -19.45
N TRP D 222 -45.03 -36.62 -20.16
CA TRP D 222 -46.07 -35.91 -20.90
C TRP D 222 -46.09 -36.30 -22.38
N GLY D 223 -45.19 -37.21 -22.75
CA GLY D 223 -45.17 -37.74 -24.10
C GLY D 223 -44.22 -37.02 -25.04
N ALA D 224 -43.26 -36.29 -24.47
CA ALA D 224 -42.29 -35.56 -25.28
C ALA D 224 -40.93 -36.24 -25.26
N ARG D 225 -40.24 -36.19 -26.41
CA ARG D 225 -38.92 -36.79 -26.53
C ARG D 225 -37.83 -35.83 -26.04
N SER D 226 -36.94 -36.33 -25.18
CA SER D 226 -35.81 -35.54 -24.73
C SER D 226 -34.57 -35.77 -25.60
N SER D 227 -34.62 -36.81 -26.41
CA SER D 227 -33.50 -37.14 -27.31
C SER D 227 -33.92 -38.21 -28.31
N GLY D 228 -33.01 -38.54 -29.22
CA GLY D 228 -33.25 -39.60 -30.19
C GLY D 228 -32.47 -40.87 -29.89
N SER D 229 -31.55 -40.78 -28.93
CA SER D 229 -30.66 -41.89 -28.62
C SER D 229 -30.15 -41.82 -27.19
N ASP D 230 -29.17 -42.67 -26.88
CA ASP D 230 -28.55 -42.70 -25.56
C ASP D 230 -27.88 -41.36 -25.26
N ASN D 231 -27.23 -40.79 -26.26
CA ASN D 231 -26.64 -39.47 -26.13
C ASN D 231 -27.72 -38.40 -25.96
N TYR D 232 -27.59 -37.59 -24.92
CA TYR D 232 -28.56 -36.54 -24.64
C TYR D 232 -28.59 -35.51 -25.76
N MET D 233 -29.78 -34.98 -26.02
CA MET D 233 -29.99 -33.96 -27.04
C MET D 233 -29.52 -34.44 -28.41
N ASP D 234 -30.19 -35.46 -28.93
CA ASP D 234 -29.83 -36.05 -30.21
C ASP D 234 -31.05 -36.14 -31.11
N PHE D 235 -30.82 -35.98 -32.42
CA PHE D 235 -31.90 -36.01 -33.41
C PHE D 235 -32.51 -37.42 -33.51
N TYR D 236 -33.75 -37.49 -34.00
CA TYR D 236 -34.40 -38.77 -34.18
C TYR D 236 -35.17 -38.84 -35.50
N ILE D 237 -35.55 -40.05 -35.89
CA ILE D 237 -36.29 -40.26 -37.12
C ILE D 237 -37.78 -40.46 -36.84
N ASP D 238 -38.59 -39.49 -37.25
CA ASP D 238 -40.03 -39.60 -37.08
C ASP D 238 -40.71 -39.76 -38.44
N ASN D 239 -41.23 -40.96 -38.69
CA ASN D 239 -41.92 -41.29 -39.93
C ASN D 239 -41.13 -40.91 -41.18
N GLY D 240 -39.83 -41.21 -41.16
CA GLY D 240 -38.97 -40.96 -42.30
C GLY D 240 -38.47 -39.53 -42.39
N ARG D 241 -38.77 -38.73 -41.37
CA ARG D 241 -38.33 -37.34 -41.34
C ARG D 241 -37.44 -37.06 -40.13
N VAL D 242 -36.24 -36.56 -40.38
CA VAL D 242 -35.30 -36.23 -39.32
C VAL D 242 -35.77 -35.00 -38.54
N LYS D 243 -35.92 -35.15 -37.23
CA LYS D 243 -36.37 -34.04 -36.39
C LYS D 243 -35.64 -34.02 -35.05
N HIS D 244 -35.46 -32.82 -34.51
CA HIS D 244 -34.87 -32.65 -33.19
C HIS D 244 -35.96 -32.58 -32.13
N PRO D 245 -35.78 -33.33 -31.03
CA PRO D 245 -36.76 -33.40 -29.94
C PRO D 245 -36.97 -32.08 -29.22
N TRP D 246 -35.93 -31.26 -29.13
CA TRP D 246 -36.01 -29.98 -28.42
C TRP D 246 -36.69 -28.91 -29.25
N ALA D 247 -36.45 -28.91 -30.56
CA ALA D 247 -36.97 -27.88 -31.46
C ALA D 247 -38.46 -28.03 -31.71
N GLU D 248 -38.99 -29.22 -31.42
CA GLU D 248 -40.42 -29.49 -31.63
C GLU D 248 -41.30 -28.66 -30.70
N THR D 249 -42.54 -28.44 -31.11
CA THR D 249 -43.46 -27.59 -30.37
C THR D 249 -44.18 -28.36 -29.26
N ALA D 250 -43.89 -29.66 -29.15
CA ALA D 250 -44.46 -30.47 -28.09
C ALA D 250 -43.51 -30.58 -26.90
N PHE D 251 -42.34 -29.97 -27.04
CA PHE D 251 -41.29 -30.04 -26.03
C PHE D 251 -41.54 -29.07 -24.86
N ARG D 252 -41.96 -27.85 -25.20
CA ARG D 252 -42.14 -26.82 -24.18
C ARG D 252 -43.40 -27.06 -23.36
N ASP D 253 -44.30 -27.90 -23.88
CA ASP D 253 -45.48 -28.31 -23.14
C ASP D 253 -45.06 -29.10 -21.90
N GLY D 254 -44.09 -29.99 -22.08
CA GLY D 254 -43.55 -30.77 -20.98
C GLY D 254 -42.58 -29.96 -20.15
N MET D 255 -41.82 -29.08 -20.81
CA MET D 255 -40.88 -28.22 -20.12
C MET D 255 -41.58 -27.31 -19.12
N LYS D 256 -42.77 -26.85 -19.49
CA LYS D 256 -43.60 -26.05 -18.59
C LYS D 256 -43.91 -26.81 -17.30
N HIS D 257 -44.32 -28.07 -17.46
CA HIS D 257 -44.75 -28.89 -16.34
C HIS D 257 -43.58 -29.32 -15.45
N VAL D 258 -42.42 -29.57 -16.05
CA VAL D 258 -41.25 -29.92 -15.25
C VAL D 258 -40.69 -28.69 -14.56
N ALA D 259 -40.88 -27.53 -15.17
CA ALA D 259 -40.53 -26.27 -14.54
C ALA D 259 -41.44 -26.04 -13.34
N GLN D 260 -42.69 -26.47 -13.48
CA GLN D 260 -43.63 -26.45 -12.37
C GLN D 260 -43.19 -27.41 -11.27
N TRP D 261 -42.67 -28.57 -11.68
CA TRP D 261 -42.18 -29.56 -10.73
C TRP D 261 -41.01 -29.03 -9.92
N TYR D 262 -40.11 -28.31 -10.58
CA TYR D 262 -39.01 -27.64 -9.89
C TYR D 262 -39.59 -26.59 -8.96
N LYS D 263 -40.54 -25.81 -9.46
CA LYS D 263 -41.16 -24.74 -8.70
C LYS D 263 -41.85 -25.27 -7.44
N GLU D 264 -42.37 -26.49 -7.52
CA GLU D 264 -43.01 -27.13 -6.38
C GLU D 264 -41.99 -27.84 -5.49
N GLY D 265 -40.74 -27.90 -5.96
CA GLY D 265 -39.68 -28.53 -5.21
C GLY D 265 -39.65 -30.04 -5.38
N LEU D 266 -40.36 -30.53 -6.40
CA LEU D 266 -40.39 -31.96 -6.68
C LEU D 266 -39.07 -32.41 -7.29
N ILE D 267 -38.36 -31.47 -7.92
CA ILE D 267 -37.06 -31.75 -8.52
C ILE D 267 -35.95 -31.14 -7.66
N ASP D 268 -34.81 -31.82 -7.59
CA ASP D 268 -33.65 -31.33 -6.87
C ASP D 268 -33.26 -29.94 -7.35
N LYS D 269 -32.99 -29.04 -6.41
CA LYS D 269 -32.60 -27.68 -6.76
C LYS D 269 -31.19 -27.65 -7.33
N GLU D 270 -30.34 -28.54 -6.82
CA GLU D 270 -28.94 -28.62 -7.22
C GLU D 270 -28.74 -29.62 -8.36
N ILE D 271 -29.84 -30.13 -8.90
CA ILE D 271 -29.82 -31.23 -9.87
C ILE D 271 -28.84 -31.01 -11.04
N PHE D 272 -28.60 -29.75 -11.40
CA PHE D 272 -27.62 -29.45 -12.43
C PHE D 272 -26.20 -29.47 -11.88
N THR D 273 -26.00 -28.87 -10.72
CA THR D 273 -24.67 -28.75 -10.12
C THR D 273 -24.22 -30.00 -9.35
N ARG D 274 -25.17 -30.69 -8.73
CA ARG D 274 -24.86 -31.81 -7.85
C ARG D 274 -24.09 -32.93 -8.57
N LYS D 275 -24.64 -33.39 -9.68
CA LYS D 275 -23.98 -34.35 -10.56
C LYS D 275 -23.64 -35.68 -9.88
N ALA D 276 -22.38 -36.10 -10.00
CA ALA D 276 -21.97 -37.46 -9.65
C ALA D 276 -22.26 -37.88 -8.22
N ARG D 277 -22.28 -36.93 -7.30
CA ARG D 277 -22.45 -37.25 -5.88
C ARG D 277 -23.92 -37.38 -5.46
N ALA D 278 -24.81 -37.16 -6.43
CA ALA D 278 -26.26 -37.15 -6.16
C ALA D 278 -26.74 -38.39 -5.43
N ARG D 279 -26.62 -39.55 -6.08
CA ARG D 279 -27.12 -40.80 -5.51
C ARG D 279 -26.47 -41.13 -4.17
N GLU D 280 -25.22 -40.71 -4.00
CA GLU D 280 -24.49 -40.99 -2.77
C GLU D 280 -24.82 -39.98 -1.68
N GLN D 281 -25.56 -38.93 -2.04
CA GLN D 281 -25.97 -37.92 -1.07
C GLN D 281 -27.44 -38.08 -0.68
N MET D 282 -28.32 -37.90 -1.66
CA MET D 282 -29.77 -37.95 -1.44
C MET D 282 -30.23 -39.28 -0.86
N PHE D 283 -29.70 -40.38 -1.39
CA PHE D 283 -30.06 -41.71 -0.90
C PHE D 283 -29.35 -42.02 0.42
N GLY D 284 -28.10 -41.59 0.52
CA GLY D 284 -27.34 -41.79 1.74
C GLY D 284 -27.92 -40.97 2.89
N GLY D 285 -28.35 -39.75 2.57
CA GLY D 285 -28.99 -38.89 3.54
C GLY D 285 -30.48 -39.13 3.61
N ASN D 286 -30.94 -40.13 2.85
CA ASN D 286 -32.34 -40.56 2.85
C ASN D 286 -33.29 -39.46 2.41
N LEU D 287 -32.79 -38.49 1.65
CA LEU D 287 -33.64 -37.39 1.19
C LEU D 287 -34.35 -37.65 -0.14
N GLY D 288 -33.88 -38.61 -0.92
CA GLY D 288 -34.49 -38.87 -2.21
C GLY D 288 -35.65 -39.84 -2.17
N GLY D 289 -36.70 -39.57 -2.94
CA GLY D 289 -37.78 -40.51 -3.12
C GLY D 289 -37.85 -41.19 -4.47
N PHE D 290 -37.18 -40.62 -5.46
CA PHE D 290 -37.30 -41.09 -6.83
C PHE D 290 -36.06 -40.75 -7.67
N THR D 291 -35.75 -41.60 -8.64
CA THR D 291 -34.64 -41.34 -9.55
C THR D 291 -34.81 -42.13 -10.84
N HIS D 292 -33.87 -41.99 -11.77
CA HIS D 292 -33.90 -42.76 -13.01
C HIS D 292 -32.64 -43.61 -13.13
N ASP D 293 -31.55 -42.96 -13.52
CA ASP D 293 -30.23 -43.60 -13.60
C ASP D 293 -30.24 -44.94 -14.34
N TRP D 294 -29.47 -45.89 -13.82
CA TRP D 294 -29.30 -47.20 -14.45
C TRP D 294 -29.63 -48.30 -13.47
N PHE D 295 -29.87 -49.51 -13.97
CA PHE D 295 -30.29 -50.63 -13.12
C PHE D 295 -29.25 -51.07 -12.09
N ALA D 296 -28.08 -51.46 -12.57
CA ALA D 296 -27.07 -52.12 -11.72
C ALA D 296 -26.55 -51.21 -10.60
N SER D 297 -26.03 -50.05 -10.97
CA SER D 297 -25.41 -49.14 -10.02
C SER D 297 -26.41 -48.63 -8.98
N THR D 298 -27.67 -48.47 -9.39
CA THR D 298 -28.70 -48.00 -8.48
C THR D 298 -29.12 -49.11 -7.52
N MET D 299 -29.24 -50.33 -8.05
CA MET D 299 -29.64 -51.47 -7.22
C MET D 299 -28.52 -51.94 -6.30
N THR D 300 -27.29 -51.49 -6.58
CA THR D 300 -26.16 -51.80 -5.70
C THR D 300 -26.31 -51.08 -4.37
N PHE D 301 -26.95 -49.92 -4.40
CA PHE D 301 -27.13 -49.09 -3.21
C PHE D 301 -27.98 -49.79 -2.14
N ASN D 302 -29.00 -50.53 -2.59
CA ASN D 302 -29.87 -51.26 -1.68
C ASN D 302 -29.09 -52.14 -0.72
N GLU D 303 -28.10 -52.86 -1.25
CA GLU D 303 -27.22 -53.67 -0.44
C GLU D 303 -26.19 -52.79 0.27
N GLY D 304 -25.77 -51.73 -0.41
CA GLY D 304 -24.70 -50.88 0.09
C GLY D 304 -25.01 -50.11 1.37
N LEU D 305 -26.06 -49.30 1.34
CA LEU D 305 -26.39 -48.44 2.48
C LEU D 305 -27.40 -49.06 3.44
N ALA D 306 -27.75 -50.32 3.20
CA ALA D 306 -28.74 -51.03 4.02
C ALA D 306 -28.43 -50.97 5.51
N LYS D 307 -27.14 -50.96 5.86
CA LYS D 307 -26.73 -50.90 7.25
C LYS D 307 -26.86 -49.48 7.79
N THR D 308 -26.60 -48.49 6.95
CA THR D 308 -26.74 -47.09 7.35
C THR D 308 -28.21 -46.70 7.42
N VAL D 309 -28.87 -46.69 6.27
CA VAL D 309 -30.31 -46.43 6.22
C VAL D 309 -31.06 -47.74 6.48
N PRO D 310 -31.75 -47.82 7.63
CA PRO D 310 -32.36 -49.06 8.12
C PRO D 310 -33.45 -49.65 7.21
N GLY D 311 -34.36 -48.80 6.72
CA GLY D 311 -35.49 -49.28 5.97
C GLY D 311 -35.42 -49.04 4.47
N PHE D 312 -34.22 -48.77 3.97
CA PHE D 312 -34.05 -48.45 2.56
C PHE D 312 -34.27 -49.65 1.66
N LYS D 313 -35.24 -49.54 0.75
CA LYS D 313 -35.40 -50.51 -0.32
C LYS D 313 -35.73 -49.80 -1.63
N LEU D 314 -34.86 -49.97 -2.63
CA LEU D 314 -35.09 -49.35 -3.94
C LEU D 314 -35.51 -50.41 -4.95
N ILE D 315 -36.63 -50.16 -5.63
CA ILE D 315 -37.16 -51.13 -6.58
C ILE D 315 -37.30 -50.54 -7.99
N PRO D 316 -37.10 -51.38 -9.01
CA PRO D 316 -37.36 -51.02 -10.41
C PRO D 316 -38.85 -50.92 -10.68
N ILE D 317 -39.25 -49.93 -11.47
CA ILE D 317 -40.67 -49.77 -11.79
C ILE D 317 -40.87 -49.52 -13.29
N ALA D 318 -42.08 -49.81 -13.76
CA ALA D 318 -42.45 -49.58 -15.14
C ALA D 318 -42.44 -48.09 -15.47
N PRO D 319 -42.27 -47.74 -16.75
CA PRO D 319 -42.36 -46.37 -17.28
C PRO D 319 -43.80 -45.88 -17.37
N PRO D 320 -44.33 -45.28 -16.28
CA PRO D 320 -45.76 -45.04 -16.06
C PRO D 320 -46.45 -44.34 -17.22
N THR D 321 -47.75 -44.59 -17.37
CA THR D 321 -48.54 -44.09 -18.49
C THR D 321 -48.45 -42.57 -18.64
N ASN D 322 -48.12 -42.13 -19.84
CA ASN D 322 -47.99 -40.70 -20.14
C ASN D 322 -49.33 -40.08 -20.51
N SER D 323 -49.29 -38.83 -20.97
CA SER D 323 -50.49 -38.13 -21.38
C SER D 323 -50.95 -38.59 -22.75
N LYS D 324 -50.09 -39.34 -23.44
CA LYS D 324 -50.41 -39.87 -24.76
C LYS D 324 -51.04 -41.25 -24.67
N GLY D 325 -51.10 -41.78 -23.44
CA GLY D 325 -51.66 -43.11 -23.22
C GLY D 325 -50.72 -44.21 -23.64
N GLN D 326 -49.42 -43.98 -23.45
CA GLN D 326 -48.40 -44.96 -23.84
C GLN D 326 -47.39 -45.17 -22.72
N ARG D 327 -46.61 -46.25 -22.85
CA ARG D 327 -45.51 -46.52 -21.93
C ARG D 327 -44.18 -46.24 -22.62
N TRP D 328 -43.49 -45.19 -22.18
CA TRP D 328 -42.29 -44.74 -22.87
C TRP D 328 -40.99 -44.91 -22.09
N GLU D 329 -40.06 -45.67 -22.66
CA GLU D 329 -38.67 -45.67 -22.20
C GLU D 329 -37.79 -45.20 -23.35
N GLU D 330 -37.23 -44.00 -23.20
CA GLU D 330 -36.54 -43.34 -24.30
C GLU D 330 -35.09 -43.81 -24.48
N ASP D 331 -34.49 -44.36 -23.43
CA ASP D 331 -33.07 -44.68 -23.48
C ASP D 331 -32.79 -46.17 -23.58
N SER D 332 -32.11 -46.56 -24.65
CA SER D 332 -31.62 -47.91 -24.82
C SER D 332 -30.11 -47.87 -24.97
N ARG D 333 -29.44 -48.98 -24.68
CA ARG D 333 -27.99 -49.01 -24.81
C ARG D 333 -27.61 -49.09 -26.28
N GLN D 334 -26.87 -48.09 -26.75
CA GLN D 334 -26.48 -48.00 -28.15
C GLN D 334 -25.24 -48.82 -28.43
N LYS D 335 -25.15 -49.37 -29.63
CA LYS D 335 -23.93 -50.03 -30.06
C LYS D 335 -22.89 -48.95 -30.34
N VAL D 336 -21.66 -49.22 -29.91
CA VAL D 336 -20.54 -48.28 -29.82
C VAL D 336 -21.01 -46.98 -29.13
N ARG D 337 -20.43 -45.84 -29.49
CA ARG D 337 -20.81 -44.49 -29.01
C ARG D 337 -19.75 -43.50 -29.45
N PRO D 338 -20.04 -42.18 -29.38
CA PRO D 338 -18.99 -41.20 -29.65
C PRO D 338 -17.89 -41.19 -28.58
N ASP D 339 -17.10 -42.25 -28.53
CA ASP D 339 -16.00 -42.36 -27.57
C ASP D 339 -14.81 -43.02 -28.25
N GLY D 340 -13.61 -42.79 -27.73
CA GLY D 340 -12.45 -43.52 -28.22
C GLY D 340 -11.14 -42.77 -28.20
N TRP D 341 -10.13 -43.35 -28.86
CA TRP D 341 -8.82 -42.71 -28.95
C TRP D 341 -8.24 -42.76 -30.37
N ALA D 342 -7.37 -41.80 -30.67
CA ALA D 342 -6.86 -41.65 -32.04
C ALA D 342 -5.34 -41.43 -32.07
N ILE D 343 -4.76 -41.58 -33.25
CA ILE D 343 -3.32 -41.43 -33.44
C ILE D 343 -2.97 -40.15 -34.19
N THR D 344 -2.21 -39.28 -33.54
CA THR D 344 -1.76 -38.04 -34.16
C THR D 344 -0.64 -38.29 -35.18
N VAL D 345 -0.42 -37.31 -36.06
CA VAL D 345 0.60 -37.42 -37.09
C VAL D 345 2.02 -37.30 -36.52
N LYS D 346 2.13 -36.89 -35.27
CA LYS D 346 3.43 -36.73 -34.62
C LYS D 346 3.84 -37.98 -33.84
N ASN D 347 3.04 -39.04 -33.95
CA ASN D 347 3.27 -40.27 -33.22
C ASN D 347 4.60 -40.93 -33.56
N LYS D 348 4.92 -40.96 -34.86
CA LYS D 348 6.15 -41.56 -35.38
C LYS D 348 6.20 -43.09 -35.21
N ASN D 349 5.20 -43.64 -34.51
CA ASN D 349 5.12 -45.08 -34.32
C ASN D 349 3.68 -45.58 -34.51
N PRO D 350 3.20 -45.58 -35.77
CA PRO D 350 1.82 -45.99 -36.06
C PRO D 350 1.56 -47.47 -35.81
N VAL D 351 2.54 -48.31 -36.11
CA VAL D 351 2.40 -49.75 -36.00
C VAL D 351 2.17 -50.23 -34.56
N GLU D 352 3.09 -49.88 -33.67
CA GLU D 352 2.99 -50.30 -32.27
C GLU D 352 1.73 -49.75 -31.61
N THR D 353 1.29 -48.57 -32.07
CA THR D 353 0.09 -47.95 -31.52
C THR D 353 -1.18 -48.64 -31.99
N ILE D 354 -1.26 -48.96 -33.28
CA ILE D 354 -2.45 -49.62 -33.81
C ILE D 354 -2.53 -51.06 -33.29
N LYS D 355 -1.37 -51.66 -33.02
CA LYS D 355 -1.35 -52.98 -32.42
C LYS D 355 -1.73 -52.89 -30.95
N PHE D 356 -1.33 -51.79 -30.31
CA PHE D 356 -1.71 -51.52 -28.93
C PHE D 356 -3.22 -51.37 -28.82
N PHE D 357 -3.82 -50.74 -29.82
CA PHE D 357 -5.27 -50.59 -29.88
C PHE D 357 -5.92 -51.93 -30.16
N ASP D 358 -5.25 -52.74 -30.97
CA ASP D 358 -5.74 -54.08 -31.31
C ASP D 358 -5.74 -54.98 -30.09
N PHE D 359 -4.84 -54.69 -29.15
CA PHE D 359 -4.75 -55.48 -27.92
C PHE D 359 -6.03 -55.39 -27.09
N TYR D 360 -6.67 -54.23 -27.10
CA TYR D 360 -7.84 -54.01 -26.27
C TYR D 360 -9.10 -54.65 -26.85
N PHE D 361 -9.02 -55.09 -28.11
CA PHE D 361 -10.10 -55.87 -28.69
C PHE D 361 -9.86 -57.37 -28.51
N SER D 362 -8.65 -57.72 -28.08
CA SER D 362 -8.31 -59.10 -27.76
C SER D 362 -8.89 -59.49 -26.40
N ARG D 363 -9.07 -60.79 -26.18
CA ARG D 363 -9.62 -61.30 -24.93
C ARG D 363 -8.88 -60.84 -23.67
N PRO D 364 -7.53 -60.91 -23.65
CA PRO D 364 -6.87 -60.41 -22.44
C PRO D 364 -7.03 -58.90 -22.26
N GLY D 365 -7.01 -58.17 -23.36
CA GLY D 365 -7.20 -56.72 -23.33
C GLY D 365 -8.56 -56.38 -22.77
N ARG D 366 -9.58 -57.10 -23.21
CA ARG D 366 -10.93 -56.92 -22.69
C ARG D 366 -10.99 -57.29 -21.22
N ASP D 367 -10.24 -58.32 -20.85
CA ASP D 367 -10.19 -58.79 -19.46
C ASP D 367 -9.65 -57.70 -18.54
N ILE D 368 -8.55 -57.07 -18.94
CA ILE D 368 -7.95 -56.05 -18.08
C ILE D 368 -8.68 -54.71 -18.17
N SER D 369 -9.36 -54.46 -19.29
CA SER D 369 -10.08 -53.21 -19.48
C SER D 369 -11.48 -53.25 -18.88
N ASN D 370 -11.96 -54.44 -18.56
CA ASN D 370 -13.27 -54.60 -17.95
C ASN D 370 -13.18 -54.99 -16.48
N PHE D 371 -12.59 -56.16 -16.23
CA PHE D 371 -12.56 -56.73 -14.89
C PHE D 371 -11.44 -56.15 -14.03
N GLY D 372 -10.61 -55.29 -14.61
CA GLY D 372 -9.49 -54.70 -13.91
C GLY D 372 -8.26 -55.59 -13.90
N VAL D 373 -7.53 -55.57 -12.79
CA VAL D 373 -6.30 -56.33 -12.67
C VAL D 373 -6.50 -57.69 -11.99
N PRO D 374 -6.02 -58.76 -12.64
CA PRO D 374 -6.10 -60.11 -12.07
C PRO D 374 -5.22 -60.27 -10.83
N GLY D 375 -5.73 -60.96 -9.82
CA GLY D 375 -4.99 -61.12 -8.57
C GLY D 375 -5.34 -60.01 -7.60
N VAL D 376 -6.08 -59.02 -8.09
CA VAL D 376 -6.51 -57.91 -7.25
C VAL D 376 -8.03 -57.81 -7.24
N THR D 377 -8.60 -57.36 -8.36
CA THR D 377 -10.05 -57.24 -8.50
C THR D 377 -10.72 -58.56 -8.84
N TYR D 378 -10.09 -59.34 -9.72
CA TYR D 378 -10.71 -60.57 -10.20
C TYR D 378 -9.71 -61.72 -10.32
N ASP D 379 -10.24 -62.92 -10.51
CA ASP D 379 -9.43 -64.10 -10.77
C ASP D 379 -9.94 -64.80 -12.03
N ILE D 380 -9.13 -65.70 -12.57
CA ILE D 380 -9.53 -66.47 -13.74
C ILE D 380 -10.17 -67.78 -13.32
N LYS D 381 -11.47 -67.90 -13.58
CA LYS D 381 -12.21 -69.10 -13.23
C LYS D 381 -12.73 -69.82 -14.47
N ASN D 382 -12.15 -70.99 -14.75
CA ASN D 382 -12.57 -71.84 -15.87
C ASN D 382 -12.66 -71.10 -17.20
N GLY D 383 -11.73 -70.19 -17.45
CA GLY D 383 -11.67 -69.48 -18.71
C GLY D 383 -12.37 -68.13 -18.66
N LYS D 384 -13.26 -67.95 -17.70
CA LYS D 384 -13.99 -66.69 -17.56
C LYS D 384 -13.53 -65.90 -16.34
N ALA D 385 -13.40 -64.59 -16.52
CA ALA D 385 -12.95 -63.71 -15.44
C ALA D 385 -14.06 -63.47 -14.43
N VAL D 386 -13.77 -63.71 -13.15
CA VAL D 386 -14.76 -63.51 -12.09
C VAL D 386 -14.21 -62.61 -11.00
N PHE D 387 -14.95 -61.55 -10.67
CA PHE D 387 -14.54 -60.58 -9.65
C PHE D 387 -14.34 -61.23 -8.28
N LYS D 388 -13.39 -60.70 -7.52
CA LYS D 388 -13.15 -61.17 -6.16
C LYS D 388 -14.29 -60.77 -5.23
N ASP D 389 -14.38 -61.46 -4.09
CA ASP D 389 -15.38 -61.14 -3.07
C ASP D 389 -15.19 -59.72 -2.55
N SER D 390 -13.95 -59.25 -2.56
CA SER D 390 -13.62 -57.90 -2.09
C SER D 390 -14.35 -56.83 -2.91
N VAL D 391 -14.43 -57.05 -4.22
CA VAL D 391 -15.08 -56.11 -5.12
C VAL D 391 -16.60 -56.19 -5.04
N LEU D 392 -17.12 -57.41 -5.05
CA LEU D 392 -18.57 -57.64 -5.10
C LEU D 392 -19.28 -57.26 -3.80
N LYS D 393 -18.57 -57.36 -2.68
CA LYS D 393 -19.17 -57.07 -1.38
C LYS D 393 -19.01 -55.60 -0.99
N SER D 394 -18.43 -54.82 -1.90
CA SER D 394 -18.23 -53.39 -1.64
C SER D 394 -19.52 -52.61 -1.88
N PRO D 395 -19.84 -51.67 -0.97
CA PRO D 395 -21.04 -50.83 -1.10
C PRO D 395 -20.95 -49.93 -2.32
N GLN D 396 -19.76 -49.43 -2.61
CA GLN D 396 -19.53 -48.63 -3.80
C GLN D 396 -19.66 -49.50 -5.05
N PRO D 397 -20.40 -49.01 -6.06
CA PRO D 397 -20.58 -49.73 -7.32
C PRO D 397 -19.25 -50.14 -7.95
N VAL D 398 -19.23 -51.32 -8.57
CA VAL D 398 -18.00 -51.87 -9.14
C VAL D 398 -17.40 -50.95 -10.19
N ASN D 399 -18.26 -50.40 -11.05
CA ASN D 399 -17.80 -49.50 -12.11
C ASN D 399 -17.13 -48.26 -11.55
N ASN D 400 -17.62 -47.78 -10.42
CA ASN D 400 -17.04 -46.62 -9.75
C ASN D 400 -15.63 -46.91 -9.23
N GLN D 401 -15.39 -48.18 -8.90
CA GLN D 401 -14.07 -48.61 -8.45
C GLN D 401 -13.14 -48.77 -9.64
N LEU D 402 -13.66 -49.35 -10.71
CA LEU D 402 -12.89 -49.56 -11.93
C LEU D 402 -12.48 -48.24 -12.57
N TYR D 403 -13.34 -47.24 -12.41
CA TYR D 403 -13.03 -45.89 -12.88
C TYR D 403 -11.76 -45.36 -12.24
N ASP D 404 -11.70 -45.46 -10.91
CA ASP D 404 -10.54 -45.02 -10.16
C ASP D 404 -9.34 -45.91 -10.43
N MET D 405 -9.60 -47.17 -10.80
CA MET D 405 -8.53 -48.11 -11.07
C MET D 405 -8.03 -48.01 -12.51
N GLY D 406 -8.79 -47.36 -13.37
CA GLY D 406 -8.41 -47.25 -14.77
C GLY D 406 -9.09 -48.24 -15.70
N ALA D 407 -10.20 -48.81 -15.24
CA ALA D 407 -10.95 -49.76 -16.06
C ALA D 407 -12.33 -49.19 -16.38
N GLN D 408 -12.94 -49.70 -17.45
CA GLN D 408 -14.22 -49.21 -17.95
C GLN D 408 -14.14 -47.74 -18.35
N ILE D 409 -12.94 -47.32 -18.72
CA ILE D 409 -12.71 -45.96 -19.20
C ILE D 409 -12.98 -45.89 -20.70
N PRO D 410 -13.45 -44.74 -21.20
CA PRO D 410 -13.82 -44.63 -22.61
C PRO D 410 -12.64 -44.69 -23.58
N ILE D 411 -11.87 -45.77 -23.50
CA ILE D 411 -10.79 -46.04 -24.44
C ILE D 411 -11.33 -46.90 -25.58
N GLY D 412 -10.43 -47.43 -26.41
CA GLY D 412 -10.83 -48.22 -27.56
C GLY D 412 -11.16 -49.67 -27.25
N PHE D 413 -11.42 -49.97 -25.97
CA PHE D 413 -11.68 -51.34 -25.55
C PHE D 413 -13.10 -51.79 -25.84
N TRP D 414 -13.28 -53.11 -25.94
CA TRP D 414 -14.59 -53.72 -26.13
C TRP D 414 -15.15 -54.20 -24.80
N GLN D 415 -16.33 -53.73 -24.43
CA GLN D 415 -16.92 -54.06 -23.14
C GLN D 415 -17.46 -55.48 -23.09
N ASP D 416 -17.37 -56.11 -21.92
CA ASP D 416 -17.89 -57.45 -21.70
C ASP D 416 -19.06 -57.39 -20.72
N TYR D 417 -20.26 -57.70 -21.20
CA TYR D 417 -21.48 -57.56 -20.40
C TYR D 417 -21.51 -58.47 -19.18
N ASP D 418 -20.75 -59.56 -19.22
CA ASP D 418 -20.71 -60.50 -18.11
C ASP D 418 -20.21 -59.81 -16.84
N TYR D 419 -19.26 -58.90 -17.01
CA TYR D 419 -18.73 -58.11 -15.90
C TYR D 419 -19.85 -57.35 -15.21
N GLU D 420 -20.83 -56.90 -15.99
CA GLU D 420 -21.97 -56.18 -15.45
C GLU D 420 -22.98 -57.15 -14.84
N ARG D 421 -23.08 -58.33 -15.44
CA ARG D 421 -24.02 -59.35 -14.96
C ARG D 421 -23.62 -59.88 -13.58
N GLN D 422 -22.32 -59.88 -13.30
CA GLN D 422 -21.82 -60.44 -12.05
C GLN D 422 -22.33 -59.69 -10.80
N TRP D 423 -22.21 -58.36 -10.80
CA TRP D 423 -22.64 -57.58 -9.64
C TRP D 423 -24.08 -57.08 -9.78
N THR D 424 -24.75 -57.49 -10.84
CA THR D 424 -26.15 -57.13 -11.03
C THR D 424 -27.04 -57.94 -10.09
N THR D 425 -27.82 -57.22 -9.27
CA THR D 425 -28.70 -57.86 -8.30
C THR D 425 -29.86 -58.57 -9.00
N PRO D 426 -30.41 -59.62 -8.37
CA PRO D 426 -31.54 -60.35 -8.96
C PRO D 426 -32.75 -59.47 -9.23
N GLU D 427 -32.98 -58.49 -8.37
CA GLU D 427 -34.09 -57.56 -8.56
C GLU D 427 -33.82 -56.65 -9.76
N ALA D 428 -32.56 -56.30 -9.95
CA ALA D 428 -32.15 -55.48 -11.09
C ALA D 428 -32.36 -56.24 -12.39
N GLN D 429 -31.97 -57.52 -12.39
CA GLN D 429 -32.17 -58.37 -13.55
C GLN D 429 -33.66 -58.57 -13.80
N ALA D 430 -34.43 -58.61 -12.72
CA ALA D 430 -35.89 -58.72 -12.83
C ALA D 430 -36.47 -57.48 -13.47
N GLY D 431 -35.91 -56.33 -13.14
CA GLY D 431 -36.35 -55.07 -13.72
C GLY D 431 -35.97 -54.99 -15.19
N ILE D 432 -34.78 -55.47 -15.52
CA ILE D 432 -34.31 -55.53 -16.90
C ILE D 432 -35.23 -56.41 -17.74
N ASP D 433 -35.49 -57.61 -17.25
CA ASP D 433 -36.40 -58.53 -17.93
C ASP D 433 -37.80 -57.95 -18.02
N MET D 434 -38.17 -57.15 -17.03
CA MET D 434 -39.46 -56.48 -17.02
C MET D 434 -39.55 -55.46 -18.15
N TYR D 435 -38.48 -54.70 -18.34
CA TYR D 435 -38.43 -53.68 -19.38
C TYR D 435 -38.36 -54.30 -20.77
N VAL D 436 -37.62 -55.39 -20.91
CA VAL D 436 -37.51 -56.08 -22.19
C VAL D 436 -38.84 -56.72 -22.57
N LYS D 437 -39.45 -57.42 -21.61
CA LYS D 437 -40.74 -58.08 -21.83
C LYS D 437 -41.83 -57.05 -22.12
N GLY D 438 -41.77 -55.92 -21.44
CA GLY D 438 -42.75 -54.86 -21.62
C GLY D 438 -42.52 -54.09 -22.90
N LYS D 439 -41.33 -54.22 -23.47
CA LYS D 439 -40.96 -53.53 -24.71
C LYS D 439 -41.14 -52.02 -24.62
N TYR D 440 -40.87 -51.47 -23.45
CA TYR D 440 -40.94 -50.02 -23.25
C TYR D 440 -39.77 -49.36 -23.97
N VAL D 441 -38.72 -50.14 -24.19
CA VAL D 441 -37.50 -49.65 -24.83
C VAL D 441 -37.74 -49.11 -26.23
N MET D 442 -37.28 -47.89 -26.47
CA MET D 442 -37.38 -47.26 -27.79
C MET D 442 -36.16 -47.58 -28.65
N PRO D 443 -36.38 -47.70 -29.97
CA PRO D 443 -35.28 -47.90 -30.92
C PRO D 443 -34.31 -46.72 -30.91
N GLY D 444 -33.01 -47.00 -30.99
CA GLY D 444 -32.00 -45.95 -30.95
C GLY D 444 -31.78 -45.29 -32.28
N PHE D 445 -31.08 -44.15 -32.26
CA PHE D 445 -30.77 -43.41 -33.47
C PHE D 445 -29.37 -43.74 -33.96
N GLU D 446 -29.27 -44.34 -35.14
CA GLU D 446 -27.99 -44.80 -35.69
C GLU D 446 -27.13 -43.64 -36.20
N GLY D 447 -27.78 -42.64 -36.80
CA GLY D 447 -27.07 -41.54 -37.40
C GLY D 447 -27.06 -41.64 -38.92
N VAL D 448 -26.38 -40.69 -39.56
CA VAL D 448 -26.32 -40.66 -41.02
C VAL D 448 -24.91 -40.44 -41.54
N ASN D 449 -24.71 -40.71 -42.83
CA ASN D 449 -23.42 -40.49 -43.48
C ASN D 449 -23.43 -39.22 -44.31
N MET D 450 -22.67 -38.22 -43.89
CA MET D 450 -22.62 -36.94 -44.58
C MET D 450 -21.35 -36.81 -45.43
N THR D 451 -21.48 -36.15 -46.58
CA THR D 451 -20.33 -35.87 -47.43
C THR D 451 -19.47 -34.77 -46.82
N ARG D 452 -18.22 -34.68 -47.27
CA ARG D 452 -17.26 -33.72 -46.73
C ARG D 452 -17.77 -32.28 -46.79
N GLU D 453 -18.53 -31.95 -47.83
CA GLU D 453 -19.04 -30.60 -48.02
C GLU D 453 -20.15 -30.27 -47.02
N GLU D 454 -21.02 -31.24 -46.74
CA GLU D 454 -22.16 -31.01 -45.86
C GLU D 454 -21.85 -31.37 -44.41
N ARG D 455 -20.64 -31.88 -44.17
CA ARG D 455 -20.22 -32.25 -42.83
C ARG D 455 -19.79 -31.03 -42.01
N ALA D 456 -19.18 -30.07 -42.69
CA ALA D 456 -18.64 -28.87 -42.04
C ALA D 456 -19.72 -28.05 -41.35
N ILE D 457 -20.91 -28.01 -41.96
CA ILE D 457 -22.03 -27.28 -41.38
C ILE D 457 -22.40 -27.85 -40.01
N TYR D 458 -22.60 -29.16 -39.97
CA TYR D 458 -22.87 -29.86 -38.72
C TYR D 458 -21.74 -29.61 -37.71
N ASP D 459 -20.52 -29.90 -38.14
CA ASP D 459 -19.35 -29.78 -37.27
C ASP D 459 -19.22 -28.42 -36.60
N LYS D 460 -19.39 -27.35 -37.38
CA LYS D 460 -19.24 -26.00 -36.86
C LYS D 460 -20.45 -25.53 -36.05
N TYR D 461 -21.64 -25.72 -36.59
CA TYR D 461 -22.84 -25.14 -36.01
C TYR D 461 -23.42 -25.92 -34.82
N TRP D 462 -23.44 -27.25 -34.92
CA TRP D 462 -24.15 -28.09 -33.95
C TRP D 462 -23.67 -27.90 -32.51
N ALA D 463 -22.38 -27.67 -32.33
CA ALA D 463 -21.84 -27.46 -30.99
C ALA D 463 -22.45 -26.24 -30.32
N ASP D 464 -22.42 -25.11 -31.02
CA ASP D 464 -23.02 -23.88 -30.52
C ASP D 464 -24.52 -24.05 -30.35
N VAL D 465 -25.14 -24.79 -31.26
CA VAL D 465 -26.57 -25.05 -31.19
C VAL D 465 -26.96 -25.77 -29.89
N ARG D 466 -26.30 -26.88 -29.61
CA ARG D 466 -26.63 -27.68 -28.43
C ARG D 466 -26.18 -26.98 -27.15
N THR D 467 -25.14 -26.16 -27.24
CA THR D 467 -24.73 -25.34 -26.10
C THR D 467 -25.85 -24.36 -25.73
N TYR D 468 -26.35 -23.67 -26.76
CA TYR D 468 -27.46 -22.74 -26.60
C TYR D 468 -28.68 -23.44 -26.03
N MET D 469 -29.02 -24.59 -26.61
CA MET D 469 -30.17 -25.37 -26.17
C MET D 469 -30.06 -25.80 -24.71
N TYR D 470 -28.87 -26.21 -24.31
CA TYR D 470 -28.67 -26.68 -22.93
C TYR D 470 -28.73 -25.52 -21.95
N GLU D 471 -28.14 -24.38 -22.34
CA GLU D 471 -28.16 -23.20 -21.47
C GLU D 471 -29.59 -22.68 -21.28
N MET D 472 -30.32 -22.54 -22.38
CA MET D 472 -31.70 -22.09 -22.33
C MET D 472 -32.58 -23.10 -21.60
N GLY D 473 -32.25 -24.38 -21.74
CA GLY D 473 -32.97 -25.43 -21.07
C GLY D 473 -32.80 -25.32 -19.56
N GLN D 474 -31.56 -25.13 -19.12
CA GLN D 474 -31.26 -24.95 -17.71
C GLN D 474 -31.92 -23.67 -17.18
N ALA D 475 -32.01 -22.67 -18.04
CA ALA D 475 -32.67 -21.41 -17.68
C ALA D 475 -34.16 -21.62 -17.50
N TRP D 476 -34.73 -22.53 -18.28
CA TRP D 476 -36.16 -22.83 -18.21
C TRP D 476 -36.50 -23.69 -17.00
N VAL D 477 -35.69 -24.71 -16.73
CA VAL D 477 -35.92 -25.63 -15.63
C VAL D 477 -35.89 -24.89 -14.29
N MET D 478 -34.84 -24.12 -14.06
CA MET D 478 -34.66 -23.39 -12.81
C MET D 478 -35.67 -22.24 -12.68
N GLY D 479 -36.35 -21.92 -13.77
CA GLY D 479 -37.40 -20.92 -13.74
C GLY D 479 -36.90 -19.49 -13.79
N THR D 480 -35.71 -19.29 -14.33
CA THR D 480 -35.17 -17.95 -14.50
C THR D 480 -35.96 -17.18 -15.55
N LYS D 481 -36.13 -17.80 -16.72
CA LYS D 481 -36.94 -17.22 -17.78
C LYS D 481 -38.29 -17.93 -17.86
N ASP D 482 -39.14 -17.49 -18.76
CA ASP D 482 -40.46 -18.09 -18.93
C ASP D 482 -40.53 -18.89 -20.23
N VAL D 483 -41.14 -20.06 -20.16
CA VAL D 483 -41.24 -20.94 -21.31
C VAL D 483 -42.04 -20.33 -22.45
N ASP D 484 -43.28 -19.96 -22.17
CA ASP D 484 -44.19 -19.45 -23.19
C ASP D 484 -43.74 -18.12 -23.76
N LYS D 485 -43.32 -17.21 -22.89
CA LYS D 485 -42.93 -15.86 -23.30
C LYS D 485 -41.66 -15.88 -24.16
N THR D 486 -40.72 -16.74 -23.81
CA THR D 486 -39.45 -16.80 -24.53
C THR D 486 -39.43 -17.88 -25.61
N TRP D 487 -40.55 -18.56 -25.80
CA TRP D 487 -40.63 -19.64 -26.79
C TRP D 487 -40.35 -19.17 -28.21
N ASP D 488 -41.08 -18.14 -28.65
CA ASP D 488 -40.94 -17.63 -30.01
C ASP D 488 -39.53 -17.10 -30.27
N GLU D 489 -39.01 -16.31 -29.34
CA GLU D 489 -37.66 -15.79 -29.42
C GLU D 489 -36.64 -16.92 -29.48
N TYR D 490 -36.89 -17.98 -28.72
CA TYR D 490 -36.05 -19.16 -28.72
C TYR D 490 -36.04 -19.84 -30.08
N GLN D 491 -37.23 -19.95 -30.69
CA GLN D 491 -37.36 -20.54 -32.01
C GLN D 491 -36.60 -19.73 -33.06
N ARG D 492 -36.77 -18.40 -33.03
CA ARG D 492 -36.07 -17.53 -33.96
C ARG D 492 -34.56 -17.60 -33.78
N GLN D 493 -34.12 -17.69 -32.53
CA GLN D 493 -32.71 -17.82 -32.21
C GLN D 493 -32.15 -19.13 -32.75
N LEU D 494 -32.96 -20.19 -32.67
CA LEU D 494 -32.59 -21.47 -33.27
C LEU D 494 -32.51 -21.37 -34.78
N LYS D 495 -33.38 -20.54 -35.36
CA LYS D 495 -33.42 -20.35 -36.80
C LYS D 495 -32.17 -19.62 -37.29
N LEU D 496 -31.74 -18.59 -36.55
CA LEU D 496 -30.58 -17.81 -36.94
C LEU D 496 -29.27 -18.49 -36.54
N ARG D 497 -29.35 -19.41 -35.59
CA ARG D 497 -28.16 -20.14 -35.14
C ARG D 497 -27.66 -21.10 -36.20
N GLY D 498 -28.55 -21.46 -37.13
CA GLY D 498 -28.19 -22.37 -38.21
C GLY D 498 -28.51 -23.82 -37.89
N LEU D 499 -29.42 -24.03 -36.94
CA LEU D 499 -29.84 -25.37 -36.57
C LEU D 499 -30.55 -26.09 -37.72
N TYR D 500 -31.51 -25.41 -38.34
CA TYR D 500 -32.31 -26.01 -39.40
C TYR D 500 -31.49 -26.27 -40.66
N GLN D 501 -30.34 -25.61 -40.77
CA GLN D 501 -29.40 -25.90 -41.84
C GLN D 501 -28.83 -27.30 -41.63
N VAL D 502 -28.40 -27.56 -40.41
CA VAL D 502 -27.87 -28.87 -40.02
C VAL D 502 -28.97 -29.93 -40.10
N LEU D 503 -30.20 -29.54 -39.78
CA LEU D 503 -31.33 -30.44 -39.82
C LEU D 503 -31.66 -30.87 -41.25
N GLN D 504 -31.74 -29.89 -42.14
CA GLN D 504 -32.05 -30.15 -43.54
C GLN D 504 -30.90 -30.88 -44.22
N MET D 505 -29.68 -30.65 -43.72
CA MET D 505 -28.52 -31.37 -44.21
C MET D 505 -28.57 -32.82 -43.76
N MET D 506 -29.08 -33.03 -42.55
CA MET D 506 -29.22 -34.38 -42.00
C MET D 506 -30.31 -35.13 -42.73
N GLN D 507 -31.33 -34.39 -43.16
CA GLN D 507 -32.38 -34.96 -44.01
C GLN D 507 -31.81 -35.27 -45.39
N GLN D 508 -30.88 -34.44 -45.83
CA GLN D 508 -30.18 -34.65 -47.09
C GLN D 508 -29.34 -35.92 -47.05
N ALA D 509 -28.78 -36.22 -45.89
CA ALA D 509 -28.00 -37.44 -45.72
C ALA D 509 -28.89 -38.67 -45.52
N TYR D 510 -30.02 -38.47 -44.88
CA TYR D 510 -30.91 -39.57 -44.53
C TYR D 510 -31.74 -40.10 -45.70
N ASP D 511 -32.32 -39.19 -46.46
CA ASP D 511 -33.28 -39.57 -47.51
C ASP D 511 -32.64 -40.39 -48.64
N ARG D 512 -31.32 -40.25 -48.79
CA ARG D 512 -30.62 -41.00 -49.83
C ARG D 512 -30.45 -42.46 -49.44
N GLN D 513 -30.52 -42.73 -48.14
CA GLN D 513 -30.35 -44.09 -47.64
C GLN D 513 -31.69 -44.82 -47.52
N TYR D 514 -32.51 -44.40 -46.57
CA TYR D 514 -33.80 -45.04 -46.34
C TYR D 514 -34.89 -44.37 -47.16
N LYS D 515 -35.50 -45.13 -48.06
CA LYS D 515 -36.61 -44.63 -48.87
C LYS D 515 -37.90 -45.36 -48.51
N ASN D 516 -37.96 -46.65 -48.83
CA ASN D 516 -39.13 -47.46 -48.52
C ASN D 516 -39.18 -47.84 -47.05
N MET E 1 47.28 18.66 6.52
CA MET E 1 48.09 19.24 5.45
C MET E 1 47.59 20.62 5.05
N VAL E 2 48.44 21.62 5.25
CA VAL E 2 48.09 23.00 4.94
C VAL E 2 48.42 23.32 3.48
N ALA E 3 47.39 23.71 2.73
CA ALA E 3 47.56 23.99 1.30
C ALA E 3 46.57 25.04 0.80
N SER E 4 47.01 25.81 -0.19
CA SER E 4 46.17 26.85 -0.78
C SER E 4 45.17 26.30 -1.80
N VAL E 5 44.07 27.03 -1.99
CA VAL E 5 43.09 26.66 -3.01
C VAL E 5 42.63 27.91 -3.77
N SER E 6 42.78 27.88 -5.09
CA SER E 6 42.40 29.02 -5.93
C SER E 6 41.17 28.71 -6.77
N ILE E 7 40.19 29.61 -6.70
CA ILE E 7 38.96 29.52 -7.47
C ILE E 7 38.91 30.63 -8.50
N GLN E 8 38.94 30.26 -9.78
CA GLN E 8 39.02 31.25 -10.85
C GLN E 8 37.83 31.19 -11.80
N ASN E 9 37.02 32.25 -11.76
CA ASN E 9 35.89 32.44 -12.68
C ASN E 9 34.96 31.25 -12.82
N VAL E 10 34.71 30.54 -11.71
CA VAL E 10 33.84 29.38 -11.76
C VAL E 10 32.39 29.82 -11.91
N VAL E 11 31.67 29.17 -12.83
CA VAL E 11 30.28 29.50 -13.09
C VAL E 11 29.42 28.27 -13.34
N LYS E 12 28.27 28.19 -12.69
CA LYS E 12 27.34 27.07 -12.87
C LYS E 12 26.02 27.54 -13.46
N ARG E 13 25.58 26.90 -14.54
CA ARG E 13 24.34 27.29 -15.22
C ARG E 13 23.29 26.19 -15.21
N TYR E 14 22.06 26.56 -14.88
CA TYR E 14 20.93 25.65 -14.98
C TYR E 14 19.85 26.17 -15.92
N ASP E 15 19.69 25.50 -17.07
CA ASP E 15 18.70 25.87 -18.07
C ASP E 15 18.78 27.34 -18.47
N LYS E 16 17.63 28.02 -18.43
CA LYS E 16 17.54 29.44 -18.79
C LYS E 16 18.48 30.34 -17.97
N THR E 17 18.25 30.40 -16.67
CA THR E 17 19.04 31.28 -15.80
C THR E 17 20.32 30.63 -15.30
N THR E 18 21.09 31.39 -14.54
CA THR E 18 22.36 30.91 -13.99
C THR E 18 22.54 31.32 -12.53
N VAL E 19 22.71 30.33 -11.66
CA VAL E 19 22.81 30.56 -10.22
C VAL E 19 24.02 31.41 -9.82
N VAL E 20 25.21 31.00 -10.23
CA VAL E 20 26.43 31.75 -9.94
C VAL E 20 27.08 32.30 -11.20
N HIS E 21 27.59 33.53 -11.11
CA HIS E 21 28.18 34.18 -12.28
C HIS E 21 29.63 34.58 -12.03
N GLY E 22 30.55 33.90 -12.72
CA GLY E 22 31.96 34.27 -12.70
C GLY E 22 32.57 34.54 -11.33
N VAL E 23 32.34 33.62 -10.39
CA VAL E 23 32.88 33.79 -9.05
C VAL E 23 34.38 33.52 -9.00
N SER E 24 35.13 34.49 -8.49
CA SER E 24 36.58 34.36 -8.38
C SER E 24 37.05 34.71 -6.97
N LEU E 25 37.72 33.75 -6.33
CA LEU E 25 38.26 33.95 -4.99
C LEU E 25 39.54 33.17 -4.80
N ASP E 26 40.52 33.75 -4.13
CA ASP E 26 41.77 33.06 -3.84
C ASP E 26 41.89 32.79 -2.34
N ILE E 27 42.17 31.54 -2.00
CA ILE E 27 42.22 31.14 -0.60
C ILE E 27 43.62 30.67 -0.20
N GLU E 28 44.24 31.42 0.70
CA GLU E 28 45.58 31.12 1.21
C GLU E 28 45.57 29.85 2.05
N PRO E 29 46.73 29.18 2.17
CA PRO E 29 46.80 27.96 2.98
C PRO E 29 46.51 28.22 4.45
N GLY E 30 45.65 27.38 5.04
CA GLY E 30 45.32 27.50 6.45
C GLY E 30 44.39 28.66 6.76
N GLU E 31 43.82 29.26 5.72
CA GLU E 31 42.95 30.41 5.87
C GLU E 31 41.49 29.99 6.08
N PHE E 32 40.80 30.69 6.98
CA PHE E 32 39.39 30.44 7.22
C PHE E 32 38.52 31.46 6.46
N VAL E 33 37.78 30.98 5.47
CA VAL E 33 36.94 31.84 4.66
C VAL E 33 35.49 31.36 4.69
N VAL E 34 34.57 32.28 4.98
CA VAL E 34 33.17 31.92 5.11
C VAL E 34 32.27 32.54 4.03
N LEU E 35 31.62 31.68 3.25
CA LEU E 35 30.59 32.11 2.32
C LEU E 35 29.29 32.31 3.08
N VAL E 36 28.73 33.52 3.04
CA VAL E 36 27.51 33.81 3.80
C VAL E 36 26.52 34.59 2.94
N GLY E 37 25.24 34.37 3.19
CA GLY E 37 24.18 35.02 2.42
C GLY E 37 22.80 34.49 2.76
N PRO E 38 21.79 34.91 1.99
CA PRO E 38 20.41 34.47 2.19
C PRO E 38 20.22 33.00 1.83
N SER E 39 18.98 32.50 1.96
CA SER E 39 18.69 31.10 1.70
C SER E 39 19.03 30.71 0.26
N GLY E 40 18.26 31.21 -0.70
CA GLY E 40 18.57 30.99 -2.09
C GLY E 40 19.84 31.74 -2.50
N CYS E 41 20.82 30.99 -2.98
CA CYS E 41 22.10 31.55 -3.43
C CYS E 41 23.03 30.44 -3.92
N GLY E 42 24.18 30.84 -4.46
CA GLY E 42 25.11 29.89 -5.03
C GLY E 42 26.34 29.60 -4.18
N LYS E 43 26.28 29.93 -2.90
CA LYS E 43 27.40 29.66 -2.00
C LYS E 43 27.54 28.17 -1.73
N SER E 44 26.41 27.51 -1.48
CA SER E 44 26.39 26.07 -1.28
C SER E 44 26.72 25.34 -2.58
N THR E 45 26.27 25.91 -3.70
CA THR E 45 26.59 25.35 -5.01
C THR E 45 28.07 25.49 -5.31
N THR E 46 28.65 26.60 -4.85
CA THR E 46 30.08 26.85 -5.01
C THR E 46 30.88 25.85 -4.19
N LEU E 47 30.50 25.69 -2.92
CA LEU E 47 31.16 24.73 -2.04
C LEU E 47 31.06 23.33 -2.60
N ARG E 48 29.89 23.01 -3.17
CA ARG E 48 29.65 21.71 -3.75
C ARG E 48 30.50 21.52 -5.01
N MET E 49 30.74 22.61 -5.72
CA MET E 49 31.59 22.60 -6.90
C MET E 49 33.05 22.36 -6.51
N VAL E 50 33.43 22.89 -5.35
CA VAL E 50 34.75 22.63 -4.80
C VAL E 50 34.85 21.15 -4.41
N ALA E 51 33.77 20.64 -3.84
CA ALA E 51 33.71 19.24 -3.41
C ALA E 51 33.75 18.27 -4.58
N GLY E 52 33.24 18.70 -5.73
CA GLY E 52 33.20 17.87 -6.91
C GLY E 52 31.89 17.10 -7.04
N LEU E 53 30.95 17.38 -6.14
CA LEU E 53 29.65 16.75 -6.18
C LEU E 53 28.82 17.31 -7.31
N GLU E 54 29.14 18.53 -7.73
CA GLU E 54 28.49 19.17 -8.86
C GLU E 54 29.50 19.53 -9.95
N GLU E 55 29.03 19.52 -11.20
CA GLU E 55 29.88 19.74 -12.37
C GLU E 55 30.27 21.21 -12.54
N ILE E 56 31.46 21.44 -13.09
CA ILE E 56 31.92 22.80 -13.39
C ILE E 56 31.56 23.17 -14.83
N SER E 57 30.66 24.14 -14.99
CA SER E 57 30.18 24.52 -16.32
C SER E 57 31.11 25.53 -16.97
N GLY E 58 32.03 26.08 -16.18
CA GLY E 58 32.98 27.05 -16.70
C GLY E 58 33.93 27.55 -15.64
N GLY E 59 35.07 28.11 -16.07
CA GLY E 59 36.09 28.56 -15.15
C GLY E 59 36.93 27.39 -14.68
N THR E 60 37.97 27.69 -13.90
CA THR E 60 38.86 26.66 -13.41
C THR E 60 39.16 26.84 -11.91
N ILE E 61 39.09 25.74 -11.18
CA ILE E 61 39.42 25.74 -9.75
C ILE E 61 40.50 24.69 -9.49
N ARG E 62 41.43 25.02 -8.61
CA ARG E 62 42.54 24.10 -8.34
C ARG E 62 43.03 24.21 -6.90
N ILE E 63 43.54 23.10 -6.38
CA ILE E 63 44.19 23.09 -5.08
C ILE E 63 45.68 22.82 -5.26
N ASP E 64 46.51 23.76 -4.81
CA ASP E 64 47.93 23.73 -5.09
C ASP E 64 48.19 23.65 -6.59
N GLY E 65 49.05 22.72 -6.99
CA GLY E 65 49.37 22.52 -8.39
C GLY E 65 48.30 21.79 -9.17
N ARG E 66 47.70 20.78 -8.54
CA ARG E 66 46.70 19.95 -9.21
C ARG E 66 45.43 20.73 -9.54
N VAL E 67 44.99 20.62 -10.79
CA VAL E 67 43.73 21.21 -11.19
C VAL E 67 42.62 20.20 -10.94
N ILE E 68 41.65 20.59 -10.12
CA ILE E 68 40.62 19.65 -9.68
C ILE E 68 39.37 19.68 -10.56
N ASN E 69 39.40 20.49 -11.63
CA ASN E 69 38.23 20.65 -12.48
C ASN E 69 37.73 19.30 -13.00
N ASP E 70 38.61 18.52 -13.62
CA ASP E 70 38.26 17.16 -13.99
C ASP E 70 38.89 16.21 -12.98
N LEU E 71 38.08 15.69 -12.07
CA LEU E 71 38.58 14.79 -11.03
C LEU E 71 37.45 13.99 -10.39
N ALA E 72 37.80 12.89 -9.73
CA ALA E 72 36.86 12.15 -8.91
C ALA E 72 36.87 12.73 -7.50
N PRO E 73 35.71 12.77 -6.84
CA PRO E 73 35.60 13.30 -5.47
C PRO E 73 36.54 12.57 -4.50
N LYS E 74 36.76 11.29 -4.75
CA LYS E 74 37.69 10.48 -3.96
C LYS E 74 39.11 11.05 -4.05
N ASP E 75 39.48 11.53 -5.23
CA ASP E 75 40.82 12.03 -5.49
C ASP E 75 40.93 13.53 -5.29
N ARG E 76 39.83 14.18 -4.89
CA ARG E 76 39.80 15.62 -4.75
C ARG E 76 40.55 16.11 -3.50
N ASP E 77 40.87 15.17 -2.62
CA ASP E 77 41.62 15.43 -1.39
C ASP E 77 40.96 16.50 -0.51
N VAL E 78 39.64 16.44 -0.40
CA VAL E 78 38.89 17.35 0.45
C VAL E 78 37.94 16.56 1.35
N ALA E 79 37.51 17.17 2.45
CA ALA E 79 36.54 16.49 3.32
C ALA E 79 35.39 17.41 3.70
N MET E 80 34.16 16.95 3.47
CA MET E 80 32.98 17.80 3.63
C MET E 80 32.08 17.40 4.79
N VAL E 81 31.55 18.40 5.49
CA VAL E 81 30.57 18.20 6.55
C VAL E 81 29.20 18.70 6.12
N PHE E 82 28.28 17.76 5.95
CA PHE E 82 26.92 18.05 5.51
C PHE E 82 26.01 18.54 6.64
N GLN E 83 24.95 19.25 6.25
CA GLN E 83 23.97 19.81 7.18
C GLN E 83 23.18 18.70 7.84
N ASN E 84 23.04 17.58 7.12
CA ASN E 84 22.27 16.42 7.55
C ASN E 84 23.19 15.40 8.22
N TYR E 85 24.41 15.85 8.46
CA TYR E 85 25.44 15.17 9.26
C TYR E 85 26.07 14.02 8.48
N ALA E 86 25.38 13.57 7.43
CA ALA E 86 25.88 12.54 6.52
C ALA E 86 26.30 11.23 7.20
N LEU E 87 25.86 11.01 8.43
CA LEU E 87 26.25 9.78 9.13
C LEU E 87 25.17 8.72 9.00
N TYR E 88 25.60 7.48 8.83
CA TYR E 88 24.67 6.38 8.61
C TYR E 88 24.19 5.81 9.94
N PRO E 89 22.87 5.67 10.09
CA PRO E 89 22.27 5.26 11.38
C PRO E 89 22.53 3.79 11.69
N HIS E 90 22.72 2.98 10.66
CA HIS E 90 22.94 1.54 10.82
C HIS E 90 24.37 1.22 11.24
N LEU E 91 25.33 2.02 10.76
CA LEU E 91 26.74 1.83 11.11
C LEU E 91 27.05 2.37 12.49
N ASN E 92 28.09 1.82 13.12
CA ASN E 92 28.55 2.31 14.41
C ASN E 92 29.26 3.65 14.25
N VAL E 93 29.44 4.37 15.35
CA VAL E 93 30.10 5.67 15.33
C VAL E 93 31.52 5.56 14.81
N ARG E 94 32.28 4.62 15.37
CA ARG E 94 33.64 4.35 14.91
C ARG E 94 33.62 3.95 13.44
N ASP E 95 32.62 3.15 13.08
CA ASP E 95 32.44 2.72 11.70
C ASP E 95 32.07 3.88 10.80
N ASN E 96 31.31 4.83 11.34
CA ASN E 96 30.96 6.04 10.60
C ASN E 96 32.18 6.91 10.33
N ILE E 97 33.04 7.03 11.34
CA ILE E 97 34.27 7.80 11.20
C ILE E 97 35.23 7.16 10.21
N SER E 98 35.41 5.85 10.35
CA SER E 98 36.37 5.12 9.53
C SER E 98 35.80 4.71 8.17
N PHE E 99 34.53 5.06 7.92
CA PHE E 99 33.82 4.64 6.72
C PHE E 99 34.59 4.89 5.43
N GLY E 100 35.22 6.06 5.34
CA GLY E 100 36.01 6.39 4.17
C GLY E 100 37.27 5.54 4.08
N LEU E 101 37.85 5.25 5.23
CA LEU E 101 39.08 4.48 5.32
C LEU E 101 38.86 2.98 5.17
N ARG E 102 37.63 2.53 5.32
CA ARG E 102 37.35 1.10 5.23
C ARG E 102 37.44 0.59 3.81
N LEU E 103 37.44 1.52 2.85
CA LEU E 103 37.57 1.16 1.44
C LEU E 103 38.97 0.65 1.11
N LYS E 104 39.99 1.42 1.47
CA LYS E 104 41.37 1.03 1.23
C LYS E 104 42.11 0.51 2.47
N ARG E 105 43.01 -0.44 2.20
CA ARG E 105 43.88 -1.08 3.18
C ARG E 105 43.16 -1.80 4.32
N THR E 106 43.73 -1.71 5.52
CA THR E 106 43.24 -2.44 6.69
C THR E 106 43.86 -1.89 7.98
N LYS E 107 43.88 -2.75 9.00
CA LYS E 107 44.56 -2.49 10.26
C LYS E 107 46.08 -2.46 10.07
N LYS E 108 46.53 -2.74 8.85
CA LYS E 108 47.95 -2.61 8.53
C LYS E 108 48.39 -1.16 8.77
N SER E 109 47.53 -0.22 8.38
CA SER E 109 47.75 1.21 8.59
C SER E 109 47.66 1.54 10.08
N VAL E 110 47.19 0.55 10.83
CA VAL E 110 46.98 0.54 12.29
C VAL E 110 45.69 1.26 12.67
N ILE E 111 45.30 2.26 11.88
CA ILE E 111 43.98 2.90 12.01
C ILE E 111 43.76 3.56 13.38
N ASP E 112 44.51 3.10 14.37
CA ASP E 112 44.35 3.51 15.76
C ASP E 112 44.71 4.96 16.02
N ALA E 113 45.85 5.41 15.49
CA ALA E 113 46.29 6.78 15.71
C ALA E 113 45.30 7.79 15.14
N ALA E 114 44.74 7.47 13.98
CA ALA E 114 43.79 8.37 13.32
C ALA E 114 42.52 8.57 14.16
N VAL E 115 41.86 7.47 14.51
CA VAL E 115 40.64 7.54 15.30
C VAL E 115 40.90 8.05 16.72
N LYS E 116 42.08 7.74 17.25
CA LYS E 116 42.47 8.21 18.58
C LYS E 116 42.58 9.72 18.59
N THR E 117 43.36 10.27 17.66
CA THR E 117 43.53 11.71 17.56
C THR E 117 42.21 12.40 17.26
N ALA E 118 41.44 11.83 16.33
CA ALA E 118 40.16 12.40 15.95
C ALA E 118 39.18 12.48 17.12
N ALA E 119 39.03 11.35 17.83
CA ALA E 119 38.12 11.30 18.97
C ALA E 119 38.63 12.11 20.15
N ASP E 120 39.95 12.25 20.27
CA ASP E 120 40.56 13.01 21.35
C ASP E 120 40.42 14.52 21.18
N ILE E 121 40.57 14.99 19.94
CA ILE E 121 40.44 16.41 19.64
C ILE E 121 39.04 16.90 20.00
N LEU E 122 38.04 16.14 19.58
CA LEU E 122 36.65 16.50 19.85
C LEU E 122 36.25 15.93 21.21
N GLY E 123 37.15 15.13 21.77
CA GLY E 123 37.04 14.61 23.12
C GLY E 123 35.99 13.56 23.44
N LEU E 124 35.66 12.68 22.49
CA LEU E 124 34.71 11.63 22.82
C LEU E 124 35.39 10.26 22.97
N GLN E 125 35.71 9.87 24.20
CA GLN E 125 36.19 8.52 24.49
C GLN E 125 35.10 7.44 24.47
N PRO E 126 34.00 7.62 25.24
CA PRO E 126 32.97 6.57 25.33
C PRO E 126 32.13 6.41 24.08
N LEU E 127 32.08 7.42 23.24
CA LEU E 127 31.20 7.39 22.08
C LEU E 127 31.81 6.61 20.93
N LEU E 128 33.02 6.09 21.11
CA LEU E 128 33.69 5.31 20.08
C LEU E 128 32.79 4.16 19.65
N GLU E 129 32.23 3.43 20.63
CA GLU E 129 31.24 2.42 20.32
C GLU E 129 29.87 2.99 20.64
N ARG E 130 29.15 3.40 19.60
CA ARG E 130 27.81 3.98 19.71
C ARG E 130 27.11 3.91 18.37
N LYS E 131 25.78 4.06 18.38
CA LYS E 131 25.04 4.17 17.13
C LYS E 131 24.38 5.54 17.07
N PRO E 132 24.28 6.12 15.85
CA PRO E 132 23.69 7.44 15.63
C PRO E 132 22.24 7.54 16.07
N SER E 133 21.57 6.40 16.24
CA SER E 133 20.18 6.37 16.68
C SER E 133 19.99 7.14 17.98
N ASP E 134 20.76 6.78 19.01
CA ASP E 134 20.73 7.55 20.24
C ASP E 134 22.00 8.39 20.39
N LEU E 135 21.85 9.69 20.13
CA LEU E 135 22.91 10.68 20.30
C LEU E 135 22.26 12.05 20.36
N SER E 136 22.98 13.04 20.87
CA SER E 136 22.49 14.41 20.75
C SER E 136 22.84 14.90 19.35
N GLY E 137 22.33 16.08 18.98
CA GLY E 137 22.63 16.64 17.68
C GLY E 137 24.09 17.04 17.57
N GLY E 138 24.59 17.67 18.63
CA GLY E 138 25.96 18.12 18.70
C GLY E 138 26.94 16.98 18.59
N GLN E 139 26.58 15.83 19.16
CA GLN E 139 27.42 14.64 19.08
C GLN E 139 27.44 14.09 17.66
N ARG E 140 26.31 14.18 16.97
CA ARG E 140 26.20 13.75 15.58
C ARG E 140 27.05 14.63 14.66
N GLN E 141 26.99 15.94 14.85
CA GLN E 141 27.81 16.86 14.06
C GLN E 141 29.28 16.70 14.44
N ARG E 142 29.52 16.32 15.69
CA ARG E 142 30.88 16.13 16.18
C ARG E 142 31.54 14.91 15.55
N VAL E 143 30.80 13.80 15.48
CA VAL E 143 31.33 12.60 14.86
C VAL E 143 31.41 12.79 13.34
N ALA E 144 30.51 13.60 12.80
CA ALA E 144 30.58 13.97 11.38
C ALA E 144 31.89 14.69 11.10
N MET E 145 32.22 15.65 11.96
CA MET E 145 33.49 16.36 11.87
C MET E 145 34.66 15.40 12.15
N GLY E 146 34.36 14.33 12.86
CA GLY E 146 35.34 13.28 13.12
C GLY E 146 35.72 12.60 11.82
N ARG E 147 34.72 12.21 11.05
CA ARG E 147 34.96 11.62 9.74
C ARG E 147 35.57 12.65 8.79
N ALA E 148 35.29 13.93 9.05
CA ALA E 148 35.89 14.99 8.26
C ALA E 148 37.39 15.06 8.48
N ILE E 149 37.81 15.07 9.73
CA ILE E 149 39.23 15.21 10.07
C ILE E 149 40.00 13.90 9.96
N VAL E 150 39.29 12.77 9.89
CA VAL E 150 39.94 11.47 9.82
C VAL E 150 40.58 11.26 8.44
N ARG E 151 40.16 12.06 7.46
CA ARG E 151 40.73 11.99 6.12
C ARG E 151 42.05 12.73 6.02
N ASP E 152 42.23 13.69 6.92
CA ASP E 152 43.39 14.60 6.89
C ASP E 152 43.58 15.18 5.49
N PRO E 153 42.63 16.01 5.04
CA PRO E 153 42.68 16.57 3.68
C PRO E 153 43.40 17.90 3.62
N LYS E 154 43.50 18.47 2.43
CA LYS E 154 44.03 19.81 2.27
C LYS E 154 42.95 20.84 2.60
N VAL E 155 41.69 20.50 2.30
CA VAL E 155 40.59 21.43 2.50
C VAL E 155 39.41 20.83 3.25
N PHE E 156 38.96 21.55 4.28
CA PHE E 156 37.73 21.24 5.00
C PHE E 156 36.56 22.04 4.44
N LEU E 157 35.57 21.35 3.89
CA LEU E 157 34.37 21.98 3.37
C LEU E 157 33.27 21.87 4.42
N PHE E 158 32.59 22.98 4.72
CA PHE E 158 31.48 22.93 5.67
C PHE E 158 30.21 23.49 5.06
N ASP E 159 29.13 22.70 5.04
CA ASP E 159 27.87 23.20 4.53
C ASP E 159 26.83 23.30 5.65
N GLN E 160 26.55 24.54 6.07
CA GLN E 160 25.58 24.84 7.13
C GLN E 160 25.53 23.84 8.27
N PRO E 161 26.70 23.53 8.88
CA PRO E 161 26.77 22.40 9.81
C PRO E 161 26.00 22.61 11.12
N LEU E 162 25.86 23.87 11.54
CA LEU E 162 25.24 24.17 12.83
C LEU E 162 23.76 24.52 12.70
N SER E 163 23.25 24.48 11.47
CA SER E 163 21.88 24.91 11.19
C SER E 163 20.82 24.07 11.89
N ASN E 164 21.14 22.79 12.12
CA ASN E 164 20.17 21.86 12.70
C ASN E 164 20.22 21.81 14.22
N LEU E 165 21.04 22.67 14.82
CA LEU E 165 21.20 22.67 16.28
C LEU E 165 20.58 23.91 16.92
N ASP E 166 20.30 23.82 18.21
CA ASP E 166 19.77 24.93 18.97
C ASP E 166 20.86 25.95 19.27
N ALA E 167 20.45 27.19 19.55
CA ALA E 167 21.38 28.30 19.79
C ALA E 167 22.41 27.98 20.88
N LYS E 168 21.93 27.38 21.97
CA LYS E 168 22.81 26.99 23.07
C LYS E 168 23.87 26.00 22.59
N LEU E 169 23.44 25.02 21.81
CA LEU E 169 24.36 24.03 21.24
C LEU E 169 25.20 24.65 20.12
N ARG E 170 24.58 25.55 19.37
CA ARG E 170 25.23 26.22 18.24
C ARG E 170 26.44 27.05 18.66
N THR E 171 26.31 27.76 19.78
CA THR E 171 27.40 28.59 20.27
C THR E 171 28.60 27.73 20.69
N GLN E 172 28.30 26.67 21.45
CA GLN E 172 29.33 25.75 21.91
C GLN E 172 30.05 25.10 20.74
N MET E 173 29.28 24.60 19.77
CA MET E 173 29.86 23.97 18.59
C MET E 173 30.68 24.98 17.78
N ARG E 174 30.25 26.24 17.81
CA ARG E 174 30.98 27.31 17.14
C ARG E 174 32.36 27.49 17.78
N ALA E 175 32.37 27.57 19.11
CA ALA E 175 33.62 27.68 19.85
C ALA E 175 34.53 26.48 19.57
N GLU E 176 33.94 25.29 19.54
CA GLU E 176 34.69 24.07 19.26
C GLU E 176 35.28 24.10 17.85
N ILE E 177 34.57 24.71 16.91
CA ILE E 177 35.05 24.84 15.54
C ILE E 177 36.24 25.80 15.51
N LYS E 178 36.10 26.93 16.19
CA LYS E 178 37.19 27.90 16.28
C LYS E 178 38.45 27.26 16.86
N ARG E 179 38.29 26.56 17.98
CA ARG E 179 39.40 25.86 18.61
C ARG E 179 40.00 24.80 17.69
N LEU E 180 39.14 24.09 16.98
CA LEU E 180 39.59 23.05 16.05
C LEU E 180 40.46 23.61 14.94
N HIS E 181 40.03 24.74 14.35
CA HIS E 181 40.80 25.36 13.30
C HIS E 181 42.09 25.98 13.83
N GLN E 182 42.04 26.50 15.05
CA GLN E 182 43.25 27.04 15.67
C GLN E 182 44.24 25.94 15.98
N ARG E 183 43.75 24.73 16.20
CA ARG E 183 44.60 23.59 16.51
C ARG E 183 45.20 22.97 15.25
N LEU E 184 44.35 22.39 14.41
CA LEU E 184 44.80 21.68 13.21
C LEU E 184 45.43 22.66 12.20
N GLY E 185 44.69 23.71 11.86
CA GLY E 185 45.20 24.76 11.00
C GLY E 185 45.17 24.49 9.51
N THR E 186 44.41 23.49 9.08
CA THR E 186 44.26 23.21 7.66
C THR E 186 43.32 24.22 7.02
N THR E 187 43.47 24.43 5.71
CA THR E 187 42.60 25.33 4.98
C THR E 187 41.15 24.87 5.01
N VAL E 188 40.24 25.77 5.36
CA VAL E 188 38.83 25.40 5.50
C VAL E 188 37.89 26.49 4.98
N ILE E 189 36.95 26.09 4.13
CA ILE E 189 35.91 26.98 3.64
C ILE E 189 34.56 26.61 4.27
N TYR E 190 33.83 27.63 4.71
CA TYR E 190 32.67 27.46 5.56
C TYR E 190 31.44 28.19 4.99
N VAL E 191 30.31 27.49 4.96
CA VAL E 191 29.08 28.07 4.43
C VAL E 191 28.03 28.25 5.52
N THR E 192 27.47 29.45 5.61
CA THR E 192 26.50 29.76 6.67
C THR E 192 25.37 30.66 6.22
N HIS E 193 24.18 30.40 6.75
CA HIS E 193 23.06 31.32 6.59
C HIS E 193 23.02 32.30 7.75
N ASP E 194 23.87 32.07 8.74
CA ASP E 194 23.94 32.89 9.94
C ASP E 194 25.10 33.87 9.85
N GLN E 195 24.84 35.13 10.19
CA GLN E 195 25.87 36.17 10.16
C GLN E 195 26.86 36.01 11.31
N VAL E 196 26.37 35.59 12.47
CA VAL E 196 27.19 35.47 13.67
C VAL E 196 28.37 34.52 13.48
N GLU E 197 28.10 33.32 12.98
CA GLU E 197 29.13 32.32 12.74
C GLU E 197 30.17 32.83 11.74
N ALA E 198 29.68 33.57 10.74
CA ALA E 198 30.55 34.18 9.74
C ALA E 198 31.51 35.17 10.38
N MET E 199 30.96 36.03 11.24
CA MET E 199 31.76 37.04 11.93
C MET E 199 32.79 36.43 12.86
N THR E 200 32.38 35.40 13.60
CA THR E 200 33.24 34.77 14.59
C THR E 200 34.35 33.91 13.99
N LEU E 201 33.96 32.99 13.11
CA LEU E 201 34.88 31.95 12.64
C LEU E 201 35.84 32.42 11.56
N ALA E 202 35.35 33.24 10.63
CA ALA E 202 36.10 33.56 9.43
C ALA E 202 37.31 34.47 9.67
N ASP E 203 38.39 34.16 8.98
CA ASP E 203 39.48 35.11 8.81
C ASP E 203 39.06 36.08 7.72
N ARG E 204 38.31 35.57 6.75
CA ARG E 204 37.72 36.38 5.70
C ARG E 204 36.27 36.01 5.44
N ILE E 205 35.40 37.03 5.40
CA ILE E 205 33.99 36.83 5.10
C ILE E 205 33.68 37.24 3.67
N VAL E 206 32.98 36.38 2.94
CA VAL E 206 32.51 36.72 1.61
C VAL E 206 30.99 36.59 1.54
N VAL E 207 30.33 37.71 1.28
CA VAL E 207 28.88 37.75 1.21
C VAL E 207 28.41 37.45 -0.22
N MET E 208 27.39 36.62 -0.33
CA MET E 208 26.87 36.23 -1.63
C MET E 208 25.34 36.24 -1.62
N ARG E 209 24.72 36.91 -2.59
CA ARG E 209 23.27 36.95 -2.68
C ARG E 209 22.72 36.76 -4.08
N ASP E 210 21.94 35.70 -4.28
CA ASP E 210 21.20 35.46 -5.53
C ASP E 210 22.08 35.64 -6.76
N GLY E 211 23.34 35.25 -6.67
CA GLY E 211 24.28 35.57 -7.72
C GLY E 211 25.72 35.43 -7.28
N LEU E 212 26.59 36.24 -7.87
CA LEU E 212 28.01 36.20 -7.57
C LEU E 212 28.34 36.84 -6.22
N ILE E 213 29.62 36.99 -5.95
CA ILE E 213 30.12 37.53 -4.69
C ILE E 213 29.85 39.03 -4.52
N GLU E 214 29.19 39.36 -3.41
CA GLU E 214 28.77 40.73 -3.12
C GLU E 214 29.95 41.56 -2.61
N GLN E 215 30.78 40.93 -1.77
CA GLN E 215 31.94 41.61 -1.17
C GLN E 215 32.82 40.61 -0.44
N ILE E 216 34.08 40.99 -0.21
CA ILE E 216 35.02 40.19 0.57
C ILE E 216 35.65 41.03 1.68
N GLY E 217 36.56 40.43 2.43
CA GLY E 217 37.27 41.15 3.48
C GLY E 217 37.04 40.60 4.88
N LYS E 218 37.80 41.14 5.83
CA LYS E 218 37.70 40.75 7.23
C LYS E 218 36.35 41.14 7.83
N PRO E 219 35.91 40.44 8.89
CA PRO E 219 34.64 40.70 9.56
C PRO E 219 34.45 42.16 9.96
N MET E 220 35.48 42.76 10.55
CA MET E 220 35.40 44.15 10.98
C MET E 220 35.44 45.11 9.79
N ASP E 221 36.01 44.64 8.68
CA ASP E 221 36.04 45.44 7.46
C ASP E 221 34.63 45.52 6.87
N LEU E 222 33.88 44.43 7.00
CA LEU E 222 32.49 44.39 6.54
C LEU E 222 31.57 45.14 7.51
N PHE E 223 31.87 45.04 8.80
CA PHE E 223 31.05 45.69 9.81
C PHE E 223 31.21 47.21 9.74
N LEU E 224 32.45 47.67 9.70
CA LEU E 224 32.75 49.09 9.67
C LEU E 224 32.46 49.71 8.30
N HIS E 225 32.84 49.01 7.23
CA HIS E 225 32.71 49.55 5.88
C HIS E 225 31.94 48.62 4.95
N PRO E 226 30.60 48.60 5.06
CA PRO E 226 29.77 47.81 4.14
C PRO E 226 29.76 48.38 2.73
N ALA E 227 29.81 47.51 1.72
CA ALA E 227 29.85 47.93 0.33
C ALA E 227 28.50 48.47 -0.15
N ASN E 228 27.42 47.95 0.43
CA ASN E 228 26.07 48.35 0.04
C ASN E 228 25.10 48.31 1.21
N THR E 229 23.83 48.57 0.92
CA THR E 229 22.80 48.62 1.97
C THR E 229 22.46 47.22 2.47
N PHE E 230 22.69 46.22 1.62
CA PHE E 230 22.39 44.83 1.98
C PHE E 230 23.40 44.30 2.99
N VAL E 231 24.68 44.50 2.69
CA VAL E 231 25.75 44.09 3.60
C VAL E 231 25.60 44.82 4.93
N ALA E 232 25.22 46.10 4.86
CA ALA E 232 24.97 46.91 6.03
C ALA E 232 23.82 46.37 6.86
N SER E 233 22.73 46.01 6.19
CA SER E 233 21.53 45.52 6.86
C SER E 233 21.72 44.13 7.43
N PHE E 234 22.66 43.37 6.87
CA PHE E 234 22.85 41.99 7.26
C PHE E 234 23.71 41.85 8.52
N ILE E 235 24.97 42.28 8.43
CA ILE E 235 25.92 42.06 9.52
C ILE E 235 25.63 42.86 10.79
N GLY E 236 25.60 42.15 11.92
CA GLY E 236 25.48 42.75 13.23
C GLY E 236 24.54 41.90 14.07
N SER E 237 24.52 42.10 15.39
CA SER E 237 23.53 41.41 16.20
C SER E 237 22.14 42.01 15.93
N PRO E 238 21.98 43.34 16.13
CA PRO E 238 20.79 43.96 15.54
C PRO E 238 21.04 44.31 14.07
N PRO E 239 19.98 44.41 13.27
CA PRO E 239 20.16 44.92 11.91
C PRO E 239 20.42 46.41 11.92
N MET E 240 21.22 46.92 10.98
CA MET E 240 21.48 48.34 10.91
C MET E 240 20.24 49.14 10.54
N ASN E 241 19.99 50.22 11.28
CA ASN E 241 18.84 51.07 11.00
C ASN E 241 19.02 51.69 9.62
N LEU E 242 18.04 51.51 8.74
CA LEU E 242 18.12 52.10 7.42
C LEU E 242 16.86 52.89 7.08
N MET E 243 16.96 54.21 7.09
CA MET E 243 15.82 55.04 6.72
C MET E 243 16.15 55.99 5.57
N PRO E 244 15.15 56.28 4.72
CA PRO E 244 15.35 57.18 3.58
C PRO E 244 15.69 58.59 4.01
N ALA E 245 16.51 59.28 3.21
CA ALA E 245 16.93 60.64 3.54
C ALA E 245 17.30 61.40 2.27
N ARG E 246 17.35 62.71 2.37
CA ARG E 246 17.70 63.54 1.23
C ARG E 246 18.59 64.71 1.62
N ILE E 247 18.97 65.50 0.62
CA ILE E 247 19.82 66.68 0.81
C ILE E 247 19.15 67.83 0.08
N ALA E 248 19.17 69.03 0.66
CA ALA E 248 18.59 70.18 -0.04
C ALA E 248 19.59 71.31 -0.26
N VAL E 249 19.73 72.15 0.76
CA VAL E 249 20.50 73.39 0.64
C VAL E 249 22.00 73.14 0.54
N ASP E 250 22.59 72.63 1.61
CA ASP E 250 24.02 72.35 1.66
C ASP E 250 24.26 70.85 1.52
N SER E 251 25.31 70.48 0.78
CA SER E 251 25.52 69.09 0.36
C SER E 251 26.20 68.22 1.41
N THR E 252 27.50 68.42 1.60
CA THR E 252 28.30 67.54 2.44
C THR E 252 28.00 67.79 3.91
N GLN E 253 27.52 69.00 4.20
CA GLN E 253 27.25 69.41 5.56
C GLN E 253 25.96 68.85 6.13
N HIS E 254 24.85 69.02 5.40
CA HIS E 254 23.53 68.64 5.95
C HIS E 254 22.86 67.47 5.23
N VAL E 255 22.07 66.71 5.99
CA VAL E 255 21.24 65.63 5.47
C VAL E 255 19.89 65.63 6.22
N GLU E 256 18.79 65.49 5.48
CA GLU E 256 17.46 65.70 6.05
C GLU E 256 16.64 64.42 6.18
N LEU E 257 15.73 64.38 7.15
CA LEU E 257 14.90 63.21 7.40
C LEU E 257 13.41 63.55 7.48
N ASN E 258 12.58 62.51 7.62
CA ASN E 258 11.13 62.59 7.47
C ASN E 258 10.45 63.56 8.43
N GLY E 259 10.85 63.51 9.69
CA GLY E 259 10.21 64.28 10.75
C GLY E 259 10.55 65.75 10.77
N GLY E 260 11.21 66.23 9.70
CA GLY E 260 11.67 67.60 9.66
C GLY E 260 13.01 67.73 10.34
N ASN E 261 13.61 66.59 10.66
CA ASN E 261 14.89 66.56 11.36
C ASN E 261 16.04 66.84 10.41
N ARG E 262 17.11 67.40 10.94
CA ARG E 262 18.28 67.74 10.13
C ARG E 262 19.59 67.34 10.82
N ILE E 263 20.49 66.74 10.07
CA ILE E 263 21.73 66.20 10.61
C ILE E 263 22.98 66.76 9.93
N SER E 264 23.87 67.35 10.73
CA SER E 264 25.15 67.81 10.21
C SER E 264 26.07 66.62 9.99
N LEU E 265 26.99 66.73 9.04
CA LEU E 265 27.86 65.60 8.71
C LEU E 265 29.34 65.97 8.71
N LEU E 266 30.19 65.04 9.16
CA LEU E 266 31.63 65.23 9.10
C LEU E 266 32.09 65.23 7.64
N PRO E 267 33.14 66.00 7.31
CA PRO E 267 33.58 66.15 5.92
C PRO E 267 33.99 64.84 5.24
N ARG E 268 34.84 64.06 5.90
CA ARG E 268 35.27 62.74 5.41
C ARG E 268 35.66 62.72 3.93
N ALA E 269 36.81 63.30 3.61
CA ALA E 269 37.27 63.39 2.22
C ALA E 269 37.28 62.02 1.54
N GLY E 270 36.88 61.99 0.27
CA GLY E 270 36.75 60.75 -0.48
C GLY E 270 35.30 60.34 -0.62
N THR E 271 34.41 61.24 -0.21
CA THR E 271 32.97 61.01 -0.25
C THR E 271 32.35 61.45 -1.58
N HIS E 272 32.47 62.74 -1.88
CA HIS E 272 31.81 63.36 -3.02
C HIS E 272 30.29 63.16 -2.97
N LEU E 273 29.67 63.73 -1.95
CA LEU E 273 28.21 63.75 -1.85
C LEU E 273 27.64 64.81 -2.79
N ALA E 274 26.39 64.62 -3.19
CA ALA E 274 25.73 65.58 -4.06
C ALA E 274 24.46 66.11 -3.42
N PRO E 275 24.19 67.41 -3.58
CA PRO E 275 22.97 68.01 -3.03
C PRO E 275 21.75 67.66 -3.88
N GLY E 276 20.60 67.48 -3.24
CA GLY E 276 19.38 67.13 -3.95
C GLY E 276 19.28 65.63 -4.19
N GLN E 277 20.39 64.93 -3.97
CA GLN E 277 20.48 63.51 -4.23
C GLN E 277 19.61 62.68 -3.27
N GLU E 278 18.77 61.83 -3.83
CA GLU E 278 18.00 60.89 -3.04
C GLU E 278 18.95 59.88 -2.41
N VAL E 279 18.78 59.62 -1.12
CA VAL E 279 19.74 58.81 -0.39
C VAL E 279 19.06 57.89 0.61
N VAL E 280 19.75 56.83 1.02
CA VAL E 280 19.32 56.01 2.13
C VAL E 280 20.37 56.08 3.23
N PHE E 281 19.98 56.66 4.37
CA PHE E 281 20.89 56.86 5.48
C PHE E 281 20.73 55.76 6.52
N GLY E 282 21.84 55.12 6.86
CA GLY E 282 21.84 54.14 7.93
C GLY E 282 22.69 54.47 9.13
N ILE E 283 22.41 53.79 10.24
CA ILE E 283 23.17 53.95 11.48
C ILE E 283 23.05 52.68 12.33
N ARG E 284 24.10 52.37 13.09
CA ARG E 284 24.05 51.20 13.96
C ARG E 284 23.32 51.52 15.27
N PRO E 285 22.55 50.55 15.78
CA PRO E 285 21.80 50.70 17.04
C PRO E 285 22.70 50.97 18.24
N GLU E 286 23.97 50.57 18.16
CA GLU E 286 24.93 50.80 19.23
C GLU E 286 25.45 52.23 19.22
N ASP E 287 25.30 52.90 18.09
CA ASP E 287 25.87 54.23 17.89
C ASP E 287 24.87 55.35 18.20
N VAL E 288 23.68 54.98 18.67
CA VAL E 288 22.67 55.96 19.07
C VAL E 288 22.50 55.94 20.58
N THR E 289 22.34 57.12 21.17
CA THR E 289 22.21 57.27 22.62
C THR E 289 21.00 58.13 22.98
N LEU E 290 20.72 58.26 24.28
CA LEU E 290 19.59 59.05 24.74
C LEU E 290 19.94 60.46 25.23
N ASP E 291 19.46 61.45 24.49
CA ASP E 291 19.53 62.88 24.80
C ASP E 291 20.89 63.45 25.23
N GLY E 292 20.85 64.30 26.25
CA GLY E 292 21.97 65.15 26.65
C GLY E 292 23.09 64.53 27.46
N VAL E 293 23.24 63.21 27.38
CA VAL E 293 24.27 62.53 28.16
C VAL E 293 25.68 62.79 27.62
N GLU E 294 25.97 62.34 26.41
CA GLU E 294 27.32 62.43 25.88
C GLU E 294 27.72 63.85 25.47
N GLY E 295 26.74 64.65 25.07
CA GLY E 295 27.02 66.00 24.61
C GLY E 295 25.99 66.48 23.61
N SER E 296 26.38 67.40 22.75
CA SER E 296 25.48 67.92 21.73
C SER E 296 24.81 66.82 20.87
N GLU E 297 25.53 65.79 20.38
CA GLU E 297 26.99 65.69 20.39
C GLU E 297 27.51 65.57 18.98
N ARG E 298 27.33 64.40 18.37
CA ARG E 298 27.82 64.22 17.01
C ARG E 298 26.66 64.38 16.03
N ALA E 299 25.47 64.57 16.60
CA ALA E 299 24.22 64.82 15.88
C ALA E 299 23.08 64.82 16.89
N GLN E 300 21.89 65.25 16.46
CA GLN E 300 20.75 65.21 17.36
C GLN E 300 19.48 64.89 16.58
N ILE E 301 18.49 64.34 17.28
CA ILE E 301 17.27 63.85 16.63
C ILE E 301 16.12 63.91 17.63
N LYS E 302 14.92 64.25 17.16
CA LYS E 302 13.75 64.19 18.02
C LYS E 302 12.82 63.09 17.50
N ALA E 303 12.28 62.31 18.42
CA ALA E 303 11.43 61.18 18.03
C ALA E 303 10.34 60.91 19.05
N THR E 304 9.58 59.85 18.81
CA THR E 304 8.53 59.41 19.71
C THR E 304 8.68 57.91 19.97
N VAL E 305 8.80 57.54 21.23
CA VAL E 305 9.05 56.16 21.61
C VAL E 305 7.92 55.24 21.13
N ASP E 306 8.30 54.17 20.43
CA ASP E 306 7.34 53.16 19.99
C ASP E 306 7.22 52.07 21.05
N ILE E 307 8.28 51.29 21.21
CA ILE E 307 8.28 50.23 22.21
C ILE E 307 9.69 50.06 22.79
N VAL E 308 9.76 49.48 23.99
CA VAL E 308 11.04 49.21 24.65
C VAL E 308 11.11 47.76 25.12
N GLU E 309 12.13 47.04 24.65
CA GLU E 309 12.29 45.63 25.01
C GLU E 309 13.54 45.40 25.85
N PRO E 310 13.37 45.15 27.15
CA PRO E 310 14.54 44.81 27.97
C PRO E 310 15.10 43.43 27.61
N LEU E 311 16.40 43.34 27.33
CA LEU E 311 17.04 42.05 27.11
C LEU E 311 17.73 41.53 28.36
N GLY E 312 17.86 42.40 29.37
CA GLY E 312 18.83 42.17 30.42
C GLY E 312 19.28 43.51 30.97
N SER E 313 20.52 43.56 31.44
CA SER E 313 21.16 44.81 31.81
C SER E 313 21.11 45.83 30.67
N GLU E 314 20.97 45.34 29.44
CA GLU E 314 20.73 46.22 28.29
C GLU E 314 19.25 46.20 27.90
N SER E 315 18.90 47.04 26.92
CA SER E 315 17.53 47.13 26.45
C SER E 315 17.47 47.62 25.00
N ILE E 316 16.47 47.16 24.27
CA ILE E 316 16.26 47.56 22.88
C ILE E 316 15.13 48.57 22.75
N LEU E 317 15.46 49.79 22.33
CA LEU E 317 14.47 50.84 22.19
C LEU E 317 14.10 51.10 20.74
N HIS E 318 12.83 50.89 20.40
CA HIS E 318 12.32 51.21 19.07
C HIS E 318 11.76 52.63 19.08
N ALA E 319 12.35 53.51 18.26
CA ALA E 319 11.89 54.89 18.20
C ALA E 319 11.32 55.23 16.82
N THR E 320 10.28 56.06 16.81
CA THR E 320 9.64 56.46 15.56
C THR E 320 9.81 57.95 15.32
N VAL E 321 10.44 58.30 14.21
CA VAL E 321 10.58 59.70 13.81
C VAL E 321 9.52 60.08 12.78
N GLY E 322 9.69 59.56 11.58
CA GLY E 322 8.73 59.76 10.51
C GLY E 322 7.86 58.52 10.44
N ASP E 323 7.50 58.12 9.24
CA ASP E 323 6.73 56.90 9.04
C ASP E 323 7.63 55.68 9.24
N HIS E 324 8.93 55.95 9.43
CA HIS E 324 9.93 54.90 9.60
C HIS E 324 10.46 54.89 11.02
N SER E 325 10.89 53.71 11.48
CA SER E 325 11.38 53.57 12.85
C SER E 325 12.82 53.08 12.89
N LEU E 326 13.61 53.62 13.83
CA LEU E 326 14.98 53.17 14.02
C LEU E 326 15.18 52.59 15.42
N VAL E 327 16.11 51.65 15.52
CA VAL E 327 16.38 50.94 16.77
C VAL E 327 17.64 51.44 17.45
N VAL E 328 17.59 51.60 18.76
CA VAL E 328 18.72 52.09 19.54
C VAL E 328 18.91 51.30 20.82
N LYS E 329 20.13 50.83 21.06
CA LYS E 329 20.47 50.13 22.29
C LYS E 329 20.66 51.10 23.46
N VAL E 330 20.01 50.78 24.58
CA VAL E 330 20.10 51.62 25.78
C VAL E 330 20.38 50.69 26.95
N GLY E 331 20.67 51.25 28.12
CA GLY E 331 20.83 50.42 29.30
C GLY E 331 19.48 49.85 29.73
N GLY E 332 19.50 48.88 30.63
CA GLY E 332 18.27 48.29 31.12
C GLY E 332 17.81 48.98 32.40
N LEU E 333 18.69 49.82 32.95
CA LEU E 333 18.45 50.50 34.22
C LEU E 333 17.84 51.89 34.09
N ASN E 334 17.62 52.34 32.87
CA ASN E 334 17.00 53.65 32.64
C ASN E 334 15.53 53.55 32.25
N GLU E 335 14.66 53.97 33.17
CA GLU E 335 13.21 54.00 32.95
C GLU E 335 12.82 54.76 31.68
N VAL E 336 12.05 54.11 30.82
CA VAL E 336 11.51 54.74 29.62
C VAL E 336 10.04 54.38 29.42
N HIS E 337 9.23 55.37 29.01
CA HIS E 337 7.80 55.17 28.86
C HIS E 337 7.38 55.40 27.42
N PRO E 338 6.37 54.65 26.94
CA PRO E 338 5.93 54.75 25.55
C PRO E 338 5.05 55.97 25.29
N GLY E 339 5.08 56.47 24.05
CA GLY E 339 4.17 57.52 23.63
C GLY E 339 4.69 58.93 23.81
N ASP E 340 5.64 59.10 24.73
CA ASP E 340 6.23 60.40 25.00
C ASP E 340 7.46 60.64 24.13
N PRO E 341 7.67 61.90 23.72
CA PRO E 341 8.81 62.28 22.89
C PRO E 341 10.15 62.02 23.56
N VAL E 342 11.18 61.76 22.76
CA VAL E 342 12.51 61.44 23.27
C VAL E 342 13.56 61.97 22.30
N THR E 343 14.75 62.28 22.82
CA THR E 343 15.83 62.81 21.99
C THR E 343 16.96 61.79 21.81
N LEU E 344 17.32 61.54 20.55
CA LEU E 344 18.38 60.59 20.25
C LEU E 344 19.64 61.29 19.73
N HIS E 345 20.79 60.85 20.21
CA HIS E 345 22.07 61.38 19.77
C HIS E 345 22.86 60.34 18.98
N VAL E 346 23.13 60.65 17.71
CA VAL E 346 23.79 59.70 16.82
C VAL E 346 25.28 60.02 16.67
N ASP E 347 26.10 58.98 16.58
CA ASP E 347 27.53 59.14 16.42
C ASP E 347 27.90 59.37 14.96
N LEU E 348 28.49 60.52 14.68
CA LEU E 348 28.70 60.97 13.30
C LEU E 348 29.84 60.25 12.58
N THR E 349 30.74 59.65 13.34
CA THR E 349 31.86 58.93 12.73
C THR E 349 31.41 57.57 12.21
N ARG E 350 30.39 57.00 12.84
CA ARG E 350 29.92 55.67 12.50
C ARG E 350 28.72 55.64 11.56
N VAL E 351 28.23 56.81 11.16
CA VAL E 351 27.07 56.88 10.28
C VAL E 351 27.40 56.34 8.89
N HIS E 352 26.39 55.81 8.21
CA HIS E 352 26.59 55.30 6.86
C HIS E 352 25.57 55.93 5.91
N LEU E 353 25.99 56.18 4.68
CA LEU E 353 25.07 56.68 3.67
C LEU E 353 25.24 55.88 2.38
N PHE E 354 24.12 55.54 1.75
CA PHE E 354 24.15 54.79 0.50
C PHE E 354 23.24 55.47 -0.52
N ASP E 355 23.53 55.27 -1.81
CA ASP E 355 22.70 55.85 -2.85
C ASP E 355 21.37 55.11 -2.90
N ALA E 356 20.30 55.84 -3.20
CA ALA E 356 18.97 55.23 -3.27
C ALA E 356 18.87 54.34 -4.49
N GLN E 357 19.53 54.75 -5.57
CA GLN E 357 19.53 54.02 -6.82
C GLN E 357 20.63 52.97 -6.90
N SER E 358 21.88 53.42 -6.93
CA SER E 358 23.04 52.53 -7.06
C SER E 358 23.28 51.64 -5.84
N GLN E 359 22.73 52.03 -4.69
CA GLN E 359 22.86 51.28 -3.45
C GLN E 359 24.29 51.23 -2.89
N ALA E 360 25.26 51.69 -3.67
CA ALA E 360 26.66 51.65 -3.27
C ALA E 360 26.96 52.59 -2.10
N SER E 361 28.01 52.30 -1.36
CA SER E 361 28.40 53.12 -0.21
C SER E 361 28.85 54.50 -0.66
N ILE E 362 28.26 55.53 -0.07
CA ILE E 362 28.61 56.90 -0.41
C ILE E 362 29.52 57.51 0.65
N TYR E 363 29.00 57.62 1.87
CA TYR E 363 29.76 58.13 3.00
C TYR E 363 30.35 56.98 3.81
C1 BEM F . -22.49 -28.13 -23.53
C2 BEM F . -23.54 -29.20 -23.26
O2 BEM F . -23.55 -30.15 -24.33
C3 BEM F . -23.23 -29.94 -21.96
O3 BEM F . -24.16 -31.01 -21.80
C4 BEM F . -21.81 -30.47 -21.99
O4 BEM F . -21.52 -31.04 -20.70
C5 BEM F . -20.83 -29.36 -22.31
O5 BEM F . -21.18 -28.68 -23.53
C6 BEM F . -19.43 -29.90 -22.47
O6B BEM F . -19.25 -30.78 -23.34
O6A BEM F . -18.57 -29.56 -21.64
O1 BEM F . -22.74 -27.54 -24.82
C1 BEM F . -20.95 -32.36 -20.85
C2 BEM F . -20.30 -32.78 -19.54
O2 BEM F . -21.30 -32.79 -18.50
C3 BEM F . -19.69 -34.16 -19.67
O3 BEM F . -19.17 -34.59 -18.42
C4 BEM F . -20.71 -35.17 -20.19
O4 BEM F . -20.01 -36.39 -20.42
C5 BEM F . -21.36 -34.64 -21.47
O5 BEM F . -21.91 -33.33 -21.26
C6 BEM F . -22.48 -35.52 -21.93
O6B BEM F . -22.31 -36.19 -22.98
O6A BEM F . -23.40 -35.76 -21.13
C1 BEM F . -20.80 -37.54 -20.06
C2 BEM F . -20.47 -38.69 -21.01
O2 BEM F . -19.09 -39.04 -20.86
C3 BEM F . -21.33 -39.89 -20.73
O3 BEM F . -20.86 -41.01 -21.49
C4 BEM F . -21.31 -40.26 -19.25
O4 BEM F . -22.35 -41.22 -19.03
C5 BEM F . -21.55 -39.04 -18.36
O5 BEM F . -20.65 -37.98 -18.71
C6 BEM F . -21.35 -39.42 -16.93
O6B BEM F . -22.32 -39.91 -16.30
O6A BEM F . -20.32 -39.03 -16.34
C1 BEM F . -21.76 -42.45 -18.54
C2 BEM F . -22.62 -42.99 -17.41
O2 BEM F . -23.93 -43.26 -17.91
C3 BEM F . -22.02 -44.26 -16.85
O3 BEM F . -22.91 -44.80 -15.86
C4 BEM F . -21.80 -45.27 -17.97
O4 BEM F . -21.07 -46.40 -17.47
C5 BEM F . -21.00 -44.65 -19.10
O5 BEM F . -21.61 -43.44 -19.57
C6 BEM F . -20.89 -45.63 -20.23
O6B BEM F . -21.94 -45.95 -20.83
O6A BEM F . -19.77 -46.12 -20.50
C1 BEM F . -21.97 -47.51 -17.28
C2 BEM F . -21.13 -48.75 -16.96
O2 BEM F . -20.28 -48.45 -15.86
C3 BEM F . -22.00 -49.95 -16.62
O3 BEM F . -21.18 -51.05 -16.23
C4 BEM F . -22.92 -49.56 -15.47
O4 BEM F . -23.79 -50.66 -15.17
C5 BEM F . -23.75 -48.35 -15.87
O5 BEM F . -22.92 -47.25 -16.25
C6 BEM F . -24.59 -47.93 -14.70
O6B BEM F . -24.94 -48.82 -13.89
O6A BEM F . -24.64 -46.71 -14.43
#